data_6CE6
# 
_entry.id   6CE6 
# 
_audit_conform.dict_name       mmcif_pdbx.dic 
_audit_conform.dict_version    5.379 
_audit_conform.dict_location   http://mmcif.pdb.org/dictionaries/ascii/mmcif_pdbx.dic 
# 
loop_
_database_2.database_id 
_database_2.database_code 
_database_2.pdbx_database_accession 
_database_2.pdbx_DOI 
PDB   6CE6         pdb_00006ce6 10.2210/pdb6ce6/pdb 
WWPDB D_1000232572 ?            ?                   
# 
_pdbx_database_status.status_code                     REL 
_pdbx_database_status.status_code_sf                  REL 
_pdbx_database_status.status_code_mr                  ? 
_pdbx_database_status.entry_id                        6CE6 
_pdbx_database_status.recvd_initial_deposition_date   2018-02-11 
_pdbx_database_status.SG_entry                        Y 
_pdbx_database_status.deposit_site                    RCSB 
_pdbx_database_status.process_site                    RCSB 
_pdbx_database_status.status_code_cs                  ? 
_pdbx_database_status.methods_development_category    ? 
_pdbx_database_status.pdb_format_compatible           Y 
_pdbx_database_status.status_code_nmr_data            ? 
# 
loop_
_audit_author.name 
_audit_author.pdbx_ordinal 
_audit_author.identifier_ORCID 
'Harding, R.J.'                        1  ? 
'Halabelian, L.'                       2  ? 
'Ferreira de Freitas, R.'              3  ? 
'Ravichandran, M.'                     4  ? 
'Santhakumar, V.'                      5  ? 
'Schapira, M.'                         6  ? 
'Bountra, C.'                          7  ? 
'Edwards, A.M.'                        8  ? 
'Arrowsmith, C.M.'                     9  ? 
'Structural Genomics Consortium (SGC)' 10 ? 
# 
_citation.abstract                  ? 
_citation.abstract_id_CAS           ? 
_citation.book_id_ISBN              ? 
_citation.book_publisher            ? 
_citation.book_publisher_city       ? 
_citation.book_title                ? 
_citation.coordinate_linkage        ? 
_citation.country                   US 
_citation.database_id_Medline       ? 
_citation.details                   ? 
_citation.id                        primary 
_citation.journal_abbrev            'J. Med. Chem.' 
_citation.journal_id_ASTM           JMCMAR 
_citation.journal_id_CSD            0151 
_citation.journal_id_ISSN           1520-4804 
_citation.journal_full              ? 
_citation.journal_issue             ? 
_citation.journal_volume            61 
_citation.language                  ? 
_citation.page_first                4517 
_citation.page_last                 4527 
_citation.title                     
'Identification and Structure-Activity Relationship of HDAC6 Zinc-Finger Ubiquitin Binding Domain Inhibitors.' 
_citation.year                      2018 
_citation.database_id_CSD           ? 
_citation.pdbx_database_id_DOI      10.1021/acs.jmedchem.8b00258 
_citation.pdbx_database_id_PubMed   29741882 
_citation.unpublished_flag          ? 
# 
loop_
_citation_author.citation_id 
_citation_author.name 
_citation_author.ordinal 
_citation_author.identifier_ORCID 
primary 'Ferreira de Freitas, R.' 1  ? 
primary 'Harding, R.J.'           2  ? 
primary 'Franzoni, I.'            3  ? 
primary 'Ravichandran, M.'        4  ? 
primary 'Mann, M.K.'              5  ? 
primary 'Ouyang, H.'              6  ? 
primary 'Lautens, M.'             7  ? 
primary 'Santhakumar, V.'         8  ? 
primary 'Arrowsmith, C.H.'        9  ? 
primary 'Schapira, M.'            10 ? 
# 
_cell.length_a           40.600 
_cell.length_b           45.320 
_cell.length_c           55.820 
_cell.angle_alpha        90.000 
_cell.angle_beta         90.000 
_cell.angle_gamma        90.000 
_cell.entry_id           6CE6 
_cell.Z_PDB              4 
_cell.pdbx_unique_axis   ? 
# 
_symmetry.space_group_name_H-M             'P 21 21 21' 
_symmetry.entry_id                         6CE6 
_symmetry.Int_Tables_number                19 
_symmetry.pdbx_full_space_group_name_H-M   ? 
_symmetry.cell_setting                     ? 
# 
loop_
_entity.id 
_entity.type 
_entity.src_method 
_entity.pdbx_description 
_entity.formula_weight 
_entity.pdbx_number_of_molecules 
_entity.pdbx_ec 
_entity.pdbx_mutation 
_entity.pdbx_fragment 
_entity.details 
1 polymer     man 'Histone deacetylase 6'                                               11932.607 1   3.5.1.98 ? ? ? 
2 non-polymer syn 'ZINC ION'                                                            65.409    3   ?        ? ? ? 
3 non-polymer syn 'UNKNOWN ATOM OR ION'                                                 ?         3   ?        ? ? ? 
4 non-polymer syn 
;3,3'-(benzo[1,2-d:5,4-d']bis[1,3]thiazole-2,6-diyl)dipropanoic acid
;
336.386   1   ?        ? ? ? 
5 water       nat water                                                                 18.015    112 ?        ? ? ? 
# 
_entity_name_com.entity_id   1 
_entity_name_com.name        HD6 
# 
_entity_poly.entity_id                      1 
_entity_poly.type                           'polypeptide(L)' 
_entity_poly.nstd_linkage                   no 
_entity_poly.nstd_monomer                   no 
_entity_poly.pdbx_seq_one_letter_code       
;GSPLPWCPHLVAVCPIPAAGLDVTQPCGDCGTIQENWVCLSCYQVYCGRYINGHMLQHHGNSGHPLVLSYIDLSAWCYYC
QAYVHHQALLDVKNIAHQNKFGEDMPH
;
_entity_poly.pdbx_seq_one_letter_code_can   
;GSPLPWCPHLVAVCPIPAAGLDVTQPCGDCGTIQENWVCLSCYQVYCGRYINGHMLQHHGNSGHPLVLSYIDLSAWCYYC
QAYVHHQALLDVKNIAHQNKFGEDMPH
;
_entity_poly.pdbx_strand_id                 A 
_entity_poly.pdbx_target_identifier         ? 
# 
loop_
_entity_poly_seq.entity_id 
_entity_poly_seq.num 
_entity_poly_seq.mon_id 
_entity_poly_seq.hetero 
1 1   GLY n 
1 2   SER n 
1 3   PRO n 
1 4   LEU n 
1 5   PRO n 
1 6   TRP n 
1 7   CYS n 
1 8   PRO n 
1 9   HIS n 
1 10  LEU n 
1 11  VAL n 
1 12  ALA n 
1 13  VAL n 
1 14  CYS n 
1 15  PRO n 
1 16  ILE n 
1 17  PRO n 
1 18  ALA n 
1 19  ALA n 
1 20  GLY n 
1 21  LEU n 
1 22  ASP n 
1 23  VAL n 
1 24  THR n 
1 25  GLN n 
1 26  PRO n 
1 27  CYS n 
1 28  GLY n 
1 29  ASP n 
1 30  CYS n 
1 31  GLY n 
1 32  THR n 
1 33  ILE n 
1 34  GLN n 
1 35  GLU n 
1 36  ASN n 
1 37  TRP n 
1 38  VAL n 
1 39  CYS n 
1 40  LEU n 
1 41  SER n 
1 42  CYS n 
1 43  TYR n 
1 44  GLN n 
1 45  VAL n 
1 46  TYR n 
1 47  CYS n 
1 48  GLY n 
1 49  ARG n 
1 50  TYR n 
1 51  ILE n 
1 52  ASN n 
1 53  GLY n 
1 54  HIS n 
1 55  MET n 
1 56  LEU n 
1 57  GLN n 
1 58  HIS n 
1 59  HIS n 
1 60  GLY n 
1 61  ASN n 
1 62  SER n 
1 63  GLY n 
1 64  HIS n 
1 65  PRO n 
1 66  LEU n 
1 67  VAL n 
1 68  LEU n 
1 69  SER n 
1 70  TYR n 
1 71  ILE n 
1 72  ASP n 
1 73  LEU n 
1 74  SER n 
1 75  ALA n 
1 76  TRP n 
1 77  CYS n 
1 78  TYR n 
1 79  TYR n 
1 80  CYS n 
1 81  GLN n 
1 82  ALA n 
1 83  TYR n 
1 84  VAL n 
1 85  HIS n 
1 86  HIS n 
1 87  GLN n 
1 88  ALA n 
1 89  LEU n 
1 90  LEU n 
1 91  ASP n 
1 92  VAL n 
1 93  LYS n 
1 94  ASN n 
1 95  ILE n 
1 96  ALA n 
1 97  HIS n 
1 98  GLN n 
1 99  ASN n 
1 100 LYS n 
1 101 PHE n 
1 102 GLY n 
1 103 GLU n 
1 104 ASP n 
1 105 MET n 
1 106 PRO n 
1 107 HIS n 
# 
_entity_src_gen.entity_id                          1 
_entity_src_gen.pdbx_src_id                        1 
_entity_src_gen.pdbx_alt_source_flag               sample 
_entity_src_gen.pdbx_seq_type                      'Biological sequence' 
_entity_src_gen.pdbx_beg_seq_num                   1 
_entity_src_gen.pdbx_end_seq_num                   107 
_entity_src_gen.gene_src_common_name               Human 
_entity_src_gen.gene_src_genus                     ? 
_entity_src_gen.pdbx_gene_src_gene                 'HDAC6, KIAA0901, JM21' 
_entity_src_gen.gene_src_species                   ? 
_entity_src_gen.gene_src_strain                    ? 
_entity_src_gen.gene_src_tissue                    ? 
_entity_src_gen.gene_src_tissue_fraction           ? 
_entity_src_gen.gene_src_details                   ? 
_entity_src_gen.pdbx_gene_src_fragment             ? 
_entity_src_gen.pdbx_gene_src_scientific_name      'Homo sapiens' 
_entity_src_gen.pdbx_gene_src_ncbi_taxonomy_id     9606 
_entity_src_gen.pdbx_gene_src_variant              ? 
_entity_src_gen.pdbx_gene_src_cell_line            ? 
_entity_src_gen.pdbx_gene_src_atcc                 ? 
_entity_src_gen.pdbx_gene_src_organ                ? 
_entity_src_gen.pdbx_gene_src_organelle            ? 
_entity_src_gen.pdbx_gene_src_cell                 ? 
_entity_src_gen.pdbx_gene_src_cellular_location    ? 
_entity_src_gen.host_org_common_name               ? 
_entity_src_gen.pdbx_host_org_scientific_name      'Escherichia coli' 
_entity_src_gen.pdbx_host_org_ncbi_taxonomy_id     469008 
_entity_src_gen.host_org_genus                     ? 
_entity_src_gen.pdbx_host_org_gene                 ? 
_entity_src_gen.pdbx_host_org_organ                ? 
_entity_src_gen.host_org_species                   ? 
_entity_src_gen.pdbx_host_org_tissue               ? 
_entity_src_gen.pdbx_host_org_tissue_fraction      ? 
_entity_src_gen.pdbx_host_org_strain               'BL21 (DE3) codon plus' 
_entity_src_gen.pdbx_host_org_variant              ? 
_entity_src_gen.pdbx_host_org_cell_line            ? 
_entity_src_gen.pdbx_host_org_atcc                 ? 
_entity_src_gen.pdbx_host_org_culture_collection   ? 
_entity_src_gen.pdbx_host_org_cell                 ? 
_entity_src_gen.pdbx_host_org_organelle            ? 
_entity_src_gen.pdbx_host_org_cellular_location    ? 
_entity_src_gen.pdbx_host_org_vector_type          ? 
_entity_src_gen.pdbx_host_org_vector               ? 
_entity_src_gen.host_org_details                   ? 
_entity_src_gen.expression_system_id               ? 
_entity_src_gen.plasmid_name                       pET28-lic 
_entity_src_gen.plasmid_details                    ? 
_entity_src_gen.pdbx_description                   ? 
# 
_struct_ref.id                         1 
_struct_ref.db_name                    UNP 
_struct_ref.db_code                    HDAC6_HUMAN 
_struct_ref.pdbx_db_accession          Q9UBN7 
_struct_ref.pdbx_db_isoform            ? 
_struct_ref.entity_id                  1 
_struct_ref.pdbx_seq_one_letter_code   
;PLPWCPHLVAVCPIPAAGLDVTQPCGDCGTIQENWVCLSCYQVYCGRYINGHMLQHHGNSGHPLVLSYIDLSAWCYYCQA
YVHHQALLDVKNIAHQNKFGEDMPH
;
_struct_ref.pdbx_align_begin           1109 
# 
_struct_ref_seq.align_id                      1 
_struct_ref_seq.ref_id                        1 
_struct_ref_seq.pdbx_PDB_id_code              6CE6 
_struct_ref_seq.pdbx_strand_id                A 
_struct_ref_seq.seq_align_beg                 3 
_struct_ref_seq.pdbx_seq_align_beg_ins_code   ? 
_struct_ref_seq.seq_align_end                 107 
_struct_ref_seq.pdbx_seq_align_end_ins_code   ? 
_struct_ref_seq.pdbx_db_accession             Q9UBN7 
_struct_ref_seq.db_align_beg                  1109 
_struct_ref_seq.pdbx_db_align_beg_ins_code    ? 
_struct_ref_seq.db_align_end                  1213 
_struct_ref_seq.pdbx_db_align_end_ins_code    ? 
_struct_ref_seq.pdbx_auth_seq_align_beg       1109 
_struct_ref_seq.pdbx_auth_seq_align_end       1213 
# 
loop_
_struct_ref_seq_dif.align_id 
_struct_ref_seq_dif.pdbx_pdb_id_code 
_struct_ref_seq_dif.mon_id 
_struct_ref_seq_dif.pdbx_pdb_strand_id 
_struct_ref_seq_dif.seq_num 
_struct_ref_seq_dif.pdbx_pdb_ins_code 
_struct_ref_seq_dif.pdbx_seq_db_name 
_struct_ref_seq_dif.pdbx_seq_db_accession_code 
_struct_ref_seq_dif.db_mon_id 
_struct_ref_seq_dif.pdbx_seq_db_seq_num 
_struct_ref_seq_dif.details 
_struct_ref_seq_dif.pdbx_auth_seq_num 
_struct_ref_seq_dif.pdbx_ordinal 
1 6CE6 GLY A 1 ? UNP Q9UBN7 ? ? 'expression tag' 1107 1 
1 6CE6 SER A 2 ? UNP Q9UBN7 ? ? 'expression tag' 1108 2 
# 
loop_
_chem_comp.id 
_chem_comp.type 
_chem_comp.mon_nstd_flag 
_chem_comp.name 
_chem_comp.pdbx_synonyms 
_chem_comp.formula 
_chem_comp.formula_weight 
ALA 'L-peptide linking' y ALANINE                                                               ? 'C3 H7 N O2'       89.093  
ARG 'L-peptide linking' y ARGININE                                                              ? 'C6 H15 N4 O2 1'   175.209 
ASN 'L-peptide linking' y ASPARAGINE                                                            ? 'C4 H8 N2 O3'      132.118 
ASP 'L-peptide linking' y 'ASPARTIC ACID'                                                       ? 'C4 H7 N O4'       133.103 
CYS 'L-peptide linking' y CYSTEINE                                                              ? 'C3 H7 N O2 S'     121.158 
EYP non-polymer         . 
;3,3'-(benzo[1,2-d:5,4-d']bis[1,3]thiazole-2,6-diyl)dipropanoic acid
;
? 'C14 H12 N2 O4 S2' 336.386 
GLN 'L-peptide linking' y GLUTAMINE                                                             ? 'C5 H10 N2 O3'     146.144 
GLU 'L-peptide linking' y 'GLUTAMIC ACID'                                                       ? 'C5 H9 N O4'       147.129 
GLY 'peptide linking'   y GLYCINE                                                               ? 'C2 H5 N O2'       75.067  
HIS 'L-peptide linking' y HISTIDINE                                                             ? 'C6 H10 N3 O2 1'   156.162 
HOH non-polymer         . WATER                                                                 ? 'H2 O'             18.015  
ILE 'L-peptide linking' y ISOLEUCINE                                                            ? 'C6 H13 N O2'      131.173 
LEU 'L-peptide linking' y LEUCINE                                                               ? 'C6 H13 N O2'      131.173 
LYS 'L-peptide linking' y LYSINE                                                                ? 'C6 H15 N2 O2 1'   147.195 
MET 'L-peptide linking' y METHIONINE                                                            ? 'C5 H11 N O2 S'    149.211 
PHE 'L-peptide linking' y PHENYLALANINE                                                         ? 'C9 H11 N O2'      165.189 
PRO 'L-peptide linking' y PROLINE                                                               ? 'C5 H9 N O2'       115.130 
SER 'L-peptide linking' y SERINE                                                                ? 'C3 H7 N O3'       105.093 
THR 'L-peptide linking' y THREONINE                                                             ? 'C4 H9 N O3'       119.119 
TRP 'L-peptide linking' y TRYPTOPHAN                                                            ? 'C11 H12 N2 O2'    204.225 
TYR 'L-peptide linking' y TYROSINE                                                              ? 'C9 H11 N O3'      181.189 
UNX non-polymer         . 'UNKNOWN ATOM OR ION'                                                 ? ?                  ?       
VAL 'L-peptide linking' y VALINE                                                                ? 'C5 H11 N O2'      117.146 
ZN  non-polymer         . 'ZINC ION'                                                            ? 'Zn 2'             65.409  
# 
_exptl.absorpt_coefficient_mu     ? 
_exptl.absorpt_correction_T_max   ? 
_exptl.absorpt_correction_T_min   ? 
_exptl.absorpt_correction_type    ? 
_exptl.absorpt_process_details    ? 
_exptl.entry_id                   6CE6 
_exptl.crystals_number            1 
_exptl.details                    ? 
_exptl.method                     'X-RAY DIFFRACTION' 
_exptl.method_details             ? 
# 
_exptl_crystal.colour                      ? 
_exptl_crystal.density_diffrn              ? 
_exptl_crystal.density_Matthews            2.09 
_exptl_crystal.density_method              ? 
_exptl_crystal.density_percent_sol         41.07 
_exptl_crystal.description                 ? 
_exptl_crystal.F_000                       ? 
_exptl_crystal.id                          1 
_exptl_crystal.preparation                 ? 
_exptl_crystal.size_max                    ? 
_exptl_crystal.size_mid                    ? 
_exptl_crystal.size_min                    ? 
_exptl_crystal.size_rad                    ? 
_exptl_crystal.colour_lustre               ? 
_exptl_crystal.colour_modifier             ? 
_exptl_crystal.colour_primary              ? 
_exptl_crystal.density_meas                ? 
_exptl_crystal.density_meas_esd            ? 
_exptl_crystal.density_meas_gt             ? 
_exptl_crystal.density_meas_lt             ? 
_exptl_crystal.density_meas_temp           ? 
_exptl_crystal.density_meas_temp_esd       ? 
_exptl_crystal.density_meas_temp_gt        ? 
_exptl_crystal.density_meas_temp_lt        ? 
_exptl_crystal.pdbx_crystal_image_url      ? 
_exptl_crystal.pdbx_crystal_image_format   ? 
_exptl_crystal.pdbx_mosaicity              0.000 
_exptl_crystal.pdbx_mosaicity_esd          ? 
# 
_exptl_crystal_grow.apparatus       ? 
_exptl_crystal_grow.atmosphere      ? 
_exptl_crystal_grow.crystal_id      1 
_exptl_crystal_grow.details         ? 
_exptl_crystal_grow.method          'VAPOR DIFFUSION, SITTING DROP' 
_exptl_crystal_grow.method_ref      ? 
_exptl_crystal_grow.pH              4.6 
_exptl_crystal_grow.pressure        ? 
_exptl_crystal_grow.pressure_esd    ? 
_exptl_crystal_grow.seeding         ? 
_exptl_crystal_grow.seeding_ref     ? 
_exptl_crystal_grow.temp            291 
_exptl_crystal_grow.temp_details    ? 
_exptl_crystal_grow.temp_esd        ? 
_exptl_crystal_grow.time            ? 
_exptl_crystal_grow.pdbx_details    '2 M Na-formate, 0.2 M Na-acetate pH4.6, 5 % ethylene glycol' 
_exptl_crystal_grow.pdbx_pH_range   ? 
# 
_diffrn.ambient_environment    ? 
_diffrn.ambient_temp           100 
_diffrn.ambient_temp_details   ? 
_diffrn.ambient_temp_esd       ? 
_diffrn.crystal_id             1 
_diffrn.crystal_support        ? 
_diffrn.crystal_treatment      ? 
_diffrn.details                ? 
_diffrn.id                     1 
_diffrn.ambient_pressure       ? 
_diffrn.ambient_pressure_esd   ? 
_diffrn.ambient_pressure_gt    ? 
_diffrn.ambient_pressure_lt    ? 
_diffrn.ambient_temp_gt        ? 
_diffrn.ambient_temp_lt        ? 
# 
_diffrn_detector.details                      ? 
_diffrn_detector.detector                     CCD 
_diffrn_detector.diffrn_id                    1 
_diffrn_detector.type                         'RIGAKU SATURN A200' 
_diffrn_detector.area_resol_mean              ? 
_diffrn_detector.dtime                        ? 
_diffrn_detector.pdbx_frames_total            ? 
_diffrn_detector.pdbx_collection_time_total   ? 
_diffrn_detector.pdbx_collection_date         2015-06-11 
# 
_diffrn_radiation.collimation                      ? 
_diffrn_radiation.diffrn_id                        1 
_diffrn_radiation.filter_edge                      ? 
_diffrn_radiation.inhomogeneity                    ? 
_diffrn_radiation.monochromator                    ? 
_diffrn_radiation.polarisn_norm                    ? 
_diffrn_radiation.polarisn_ratio                   ? 
_diffrn_radiation.probe                            ? 
_diffrn_radiation.type                             ? 
_diffrn_radiation.xray_symbol                      ? 
_diffrn_radiation.wavelength_id                    1 
_diffrn_radiation.pdbx_monochromatic_or_laue_m_l   M 
_diffrn_radiation.pdbx_wavelength_list             ? 
_diffrn_radiation.pdbx_wavelength                  ? 
_diffrn_radiation.pdbx_diffrn_protocol             'SINGLE WAVELENGTH' 
_diffrn_radiation.pdbx_analyzer                    ? 
_diffrn_radiation.pdbx_scattering_type             x-ray 
# 
_diffrn_radiation_wavelength.id           1 
_diffrn_radiation_wavelength.wavelength   1.54178 
_diffrn_radiation_wavelength.wt           1.0 
# 
_diffrn_source.current                     ? 
_diffrn_source.details                     ? 
_diffrn_source.diffrn_id                   1 
_diffrn_source.power                       ? 
_diffrn_source.size                        ? 
_diffrn_source.source                      'ROTATING ANODE' 
_diffrn_source.target                      ? 
_diffrn_source.type                        'RIGAKU FR-E SUPERBRIGHT' 
_diffrn_source.voltage                     ? 
_diffrn_source.take-off_angle              ? 
_diffrn_source.pdbx_wavelength_list        1.54178 
_diffrn_source.pdbx_wavelength             ? 
_diffrn_source.pdbx_synchrotron_beamline   ? 
_diffrn_source.pdbx_synchrotron_site       ? 
# 
_reflns.entry_id                     6CE6 
_reflns.pdbx_diffrn_id               1 
_reflns.pdbx_ordinal                 1 
_reflns.observed_criterion_sigma_I   ? 
_reflns.observed_criterion_sigma_F   ? 
_reflns.d_resolution_low             32.830 
_reflns.d_resolution_high            1.600 
_reflns.number_obs                   13611 
_reflns.number_all                   ? 
_reflns.percent_possible_obs         96.500 
_reflns.pdbx_Rmerge_I_obs            0.050 
_reflns.pdbx_Rsym_value              ? 
_reflns.pdbx_netI_over_sigmaI        25.700 
_reflns.B_iso_Wilson_estimate        ? 
_reflns.pdbx_redundancy              7.000 
_reflns.pdbx_Rrim_I_all              0.054 
_reflns.pdbx_Rpim_I_all              0.020 
_reflns.pdbx_CC_half                 0.999 
_reflns.pdbx_netI_over_av_sigmaI     ? 
_reflns.pdbx_number_measured_all     95123 
_reflns.pdbx_scaling_rejects         ? 
_reflns.pdbx_chi_squared             ? 
_reflns.Rmerge_F_all                 ? 
_reflns.Rmerge_F_obs                 ? 
_reflns.observed_criterion_F_max     ? 
_reflns.observed_criterion_F_min     ? 
_reflns.observed_criterion_I_max     ? 
_reflns.observed_criterion_I_min     ? 
_reflns.pdbx_d_res_high_opt          ? 
_reflns.pdbx_d_res_low_opt           ? 
_reflns.details                      ? 
# 
loop_
_reflns_shell.pdbx_diffrn_id 
_reflns_shell.pdbx_ordinal 
_reflns_shell.d_res_high 
_reflns_shell.d_res_low 
_reflns_shell.number_measured_obs 
_reflns_shell.number_measured_all 
_reflns_shell.number_unique_obs 
_reflns_shell.pdbx_rejects 
_reflns_shell.Rmerge_I_obs 
_reflns_shell.meanI_over_sigI_obs 
_reflns_shell.pdbx_Rsym_value 
_reflns_shell.pdbx_chi_squared 
_reflns_shell.pdbx_redundancy 
_reflns_shell.percent_possible_obs 
_reflns_shell.pdbx_netI_over_sigmaI_obs 
_reflns_shell.number_possible 
_reflns_shell.number_unique_all 
_reflns_shell.Rmerge_F_all 
_reflns_shell.Rmerge_F_obs 
_reflns_shell.Rmerge_I_all 
_reflns_shell.meanI_over_sigI_all 
_reflns_shell.percent_possible_all 
_reflns_shell.pdbx_Rrim_I_all 
_reflns_shell.pdbx_Rpim_I_all 
_reflns_shell.pdbx_CC_half 
1 1 1.600 1.630  ? 4621 648 ? 0.236 ? ? ? 7.100 ? 8.100  ? ? ? ? ? ? 92.500 0.255 0.094 0.973 
1 2 8.620 32.830 ? 590  119 ? 0.028 ? ? ? 5.000 ? 46.600 ? ? ? ? ? ? 99.100 0.031 0.013 0.999 
# 
_refine.entry_id                                 6CE6 
_refine.pdbx_refine_id                           'X-RAY DIFFRACTION' 
_refine.ls_d_res_high                            1.6000 
_refine.ls_d_res_low                             32.0000 
_refine.pdbx_ls_sigma_F                          0.000 
_refine.pdbx_data_cutoff_high_absF               ? 
_refine.pdbx_data_cutoff_low_absF                ? 
_refine.ls_percent_reflns_obs                    96.1300 
_refine.ls_number_reflns_obs                     12921 
_refine.ls_number_reflns_all                     ? 
_refine.pdbx_ls_cross_valid_method               THROUGHOUT 
_refine.ls_matrix_type                           ? 
_refine.pdbx_R_Free_selection_details            RANDOM 
_refine.details                                  
;Users of this crystal structure: verify our intepretion of the electron density. Amplitudes and unmerged intensities are included with this deposition. Diffraction images will be deposited at a later date in a public repository. Geometry restraints for the ligand were prepared with GRADE. Additional ambiguous density is observed on the thiazole ring of the ligand furthest from the binding pocket. LC-MS evaluation of the ligand shows a
;
_refine.ls_R_factor_all                          ? 
_refine.ls_R_factor_obs                          0.1728 
_refine.ls_R_factor_R_work                       0.1717 
_refine.ls_wR_factor_R_work                      ? 
_refine.ls_R_factor_R_free                       0.1961 
_refine.ls_wR_factor_R_free                      ? 
_refine.ls_percent_reflns_R_free                 4.8000 
_refine.ls_number_reflns_R_free                  657 
_refine.ls_number_reflns_R_work                  ? 
_refine.ls_R_factor_R_free_error                 ? 
_refine.B_iso_mean                               10.9390 
_refine.solvent_model_param_bsol                 ? 
_refine.solvent_model_param_ksol                 ? 
_refine.pdbx_isotropic_thermal_model             ? 
_refine.aniso_B[1][1]                            -0.6300 
_refine.aniso_B[2][2]                            0.8800 
_refine.aniso_B[3][3]                            -0.2500 
_refine.aniso_B[1][2]                            0.0000 
_refine.aniso_B[1][3]                            -0.0000 
_refine.aniso_B[2][3]                            -0.0000 
_refine.correlation_coeff_Fo_to_Fc               0.9490 
_refine.correlation_coeff_Fo_to_Fc_free          0.9350 
_refine.overall_SU_R_Cruickshank_DPI             ? 
_refine.pdbx_overall_SU_R_free_Cruickshank_DPI   ? 
_refine.pdbx_overall_SU_R_Blow_DPI               ? 
_refine.pdbx_overall_SU_R_free_Blow_DPI          ? 
_refine.overall_SU_R_free                        ? 
_refine.pdbx_overall_ESU_R                       0.0900 
_refine.pdbx_overall_ESU_R_Free                  0.0870 
_refine.overall_SU_ML                            0.0500 
_refine.overall_SU_B                             1.3600 
_refine.solvent_model_details                    MASK 
_refine.pdbx_solvent_vdw_probe_radii             1.2000 
_refine.pdbx_solvent_ion_probe_radii             0.8000 
_refine.pdbx_solvent_shrinkage_radii             0.8000 
_refine.ls_number_parameters                     ? 
_refine.ls_number_restraints                     ? 
_refine.pdbx_starting_model                      'pdbid 5KH3' 
_refine.pdbx_method_to_determine_struct          ? 
_refine.pdbx_stereochemistry_target_values       'MAXIMUM LIKELIHOOD' 
_refine.pdbx_stereochem_target_val_spec_case     ? 
_refine.overall_FOM_work_R_set                   ? 
_refine.B_iso_max                                37.300 
_refine.B_iso_min                                5.470 
_refine.pdbx_overall_phase_error                 ? 
_refine.occupancy_max                            ? 
_refine.occupancy_min                            ? 
_refine.pdbx_diffrn_id                           1 
_refine.pdbx_TLS_residual_ADP_flag               ? 
_refine.pdbx_ls_sigma_I                          ? 
_refine.pdbx_data_cutoff_high_rms_absF           ? 
_refine.ls_R_factor_R_free_error_details         ? 
# 
_refine_hist.cycle_id                         final 
_refine_hist.pdbx_refine_id                   'X-RAY DIFFRACTION' 
_refine_hist.d_res_high                       1.6000 
_refine_hist.d_res_low                        32.0000 
_refine_hist.pdbx_number_atoms_ligand         28 
_refine_hist.number_atoms_solvent             113 
_refine_hist.number_atoms_total               926 
_refine_hist.pdbx_number_residues_total       101 
_refine_hist.pdbx_B_iso_mean_ligand           17.59 
_refine_hist.pdbx_B_iso_mean_solvent          19.93 
_refine_hist.pdbx_number_atoms_protein        785 
_refine_hist.pdbx_number_atoms_nucleic_acid   0 
# 
loop_
_refine_ls_restr.pdbx_refine_id 
_refine_ls_restr.type 
_refine_ls_restr.number 
_refine_ls_restr.dev_ideal 
_refine_ls_restr.dev_ideal_target 
_refine_ls_restr.weight 
_refine_ls_restr.pdbx_restraint_function 
'X-RAY DIFFRACTION' r_bond_refined_d       858  0.014  0.019  ? ? 
'X-RAY DIFFRACTION' r_bond_other_d         705  0.002  0.020  ? ? 
'X-RAY DIFFRACTION' r_angle_refined_deg    1179 1.739  1.912  ? ? 
'X-RAY DIFFRACTION' r_angle_other_deg      1636 1.205  3.010  ? ? 
'X-RAY DIFFRACTION' r_dihedral_angle_1_deg 102  6.664  5.000  ? ? 
'X-RAY DIFFRACTION' r_dihedral_angle_2_deg 38   37.574 24.474 ? ? 
'X-RAY DIFFRACTION' r_dihedral_angle_3_deg 111  10.803 15.000 ? ? 
'X-RAY DIFFRACTION' r_dihedral_angle_4_deg 1    17.457 15.000 ? ? 
'X-RAY DIFFRACTION' r_chiral_restr         118  0.125  0.200  ? ? 
'X-RAY DIFFRACTION' r_gen_planes_refined   1044 0.011  0.021  ? ? 
'X-RAY DIFFRACTION' r_gen_planes_other     169  0.002  0.020  ? ? 
# 
_refine_ls_shell.d_res_high                       1.6000 
_refine_ls_shell.d_res_low                        1.6410 
_refine_ls_shell.pdbx_total_number_of_bins_used   20 
_refine_ls_shell.percent_reflns_obs               93.1000 
_refine_ls_shell.number_reflns_R_work             898 
_refine_ls_shell.R_factor_all                     ? 
_refine_ls_shell.R_factor_R_work                  0.1550 
_refine_ls_shell.R_factor_R_free                  0.1670 
_refine_ls_shell.percent_reflns_R_free            ? 
_refine_ls_shell.number_reflns_R_free             46 
_refine_ls_shell.R_factor_R_free_error            0.0000 
_refine_ls_shell.number_reflns_all                944 
_refine_ls_shell.number_reflns_obs                ? 
_refine_ls_shell.pdbx_refine_id                   'X-RAY DIFFRACTION' 
# 
_struct.entry_id                     6CE6 
_struct.title                        
;Structure of HDAC6 zinc-finger ubiquitin binding domain soaked with 3,3'-(benzo[1,2-d:5,4-d']bis(thiazole)-2,6-diyl)dipropionic acid
;
_struct.pdbx_model_details           ? 
_struct.pdbx_formula_weight          ? 
_struct.pdbx_formula_weight_method   ? 
_struct.pdbx_model_type_details      ? 
_struct.pdbx_CASP_flag               N 
# 
_struct_keywords.entry_id        6CE6 
_struct_keywords.text            'HISTONE DEACETYLASE, HDAC, HDAC6, UBIQUITIN, STRUCTURAL GENOMICS CONSORTIUM, SGC, HYDROLASE' 
_struct_keywords.pdbx_keywords   HYDROLASE 
# 
loop_
_struct_asym.id 
_struct_asym.pdbx_blank_PDB_chainid_flag 
_struct_asym.pdbx_modified 
_struct_asym.entity_id 
_struct_asym.details 
A N N 1 ? 
B N N 2 ? 
C N N 2 ? 
D N N 2 ? 
E N N 3 ? 
F N N 3 ? 
G N N 3 ? 
H N N 4 ? 
I N N 5 ? 
# 
loop_
_struct_conf.conf_type_id 
_struct_conf.id 
_struct_conf.pdbx_PDB_helix_id 
_struct_conf.beg_label_comp_id 
_struct_conf.beg_label_asym_id 
_struct_conf.beg_label_seq_id 
_struct_conf.pdbx_beg_PDB_ins_code 
_struct_conf.end_label_comp_id 
_struct_conf.end_label_asym_id 
_struct_conf.end_label_seq_id 
_struct_conf.pdbx_end_PDB_ins_code 
_struct_conf.beg_auth_comp_id 
_struct_conf.beg_auth_asym_id 
_struct_conf.beg_auth_seq_id 
_struct_conf.end_auth_comp_id 
_struct_conf.end_auth_asym_id 
_struct_conf.end_auth_seq_id 
_struct_conf.pdbx_PDB_helix_class 
_struct_conf.details 
_struct_conf.pdbx_PDB_helix_length 
HELX_P HELX_P1 AA1 HIS A 9  ? VAL A 13  ? HIS A 1115 VAL A 1119 5 ? 5  
HELX_P HELX_P2 AA2 GLY A 53 ? GLY A 63  ? GLY A 1159 GLY A 1169 1 ? 11 
HELX_P HELX_P3 AA3 HIS A 86 ? ALA A 88  ? HIS A 1192 ALA A 1194 5 ? 3  
HELX_P HELX_P4 AA4 LEU A 89 ? GLY A 102 ? LEU A 1195 GLY A 1208 1 ? 14 
# 
_struct_conf_type.id          HELX_P 
_struct_conf_type.criteria    ? 
_struct_conf_type.reference   ? 
# 
loop_
_struct_conn.id 
_struct_conn.conn_type_id 
_struct_conn.pdbx_leaving_atom_flag 
_struct_conn.pdbx_PDB_id 
_struct_conn.ptnr1_label_asym_id 
_struct_conn.ptnr1_label_comp_id 
_struct_conn.ptnr1_label_seq_id 
_struct_conn.ptnr1_label_atom_id 
_struct_conn.pdbx_ptnr1_label_alt_id 
_struct_conn.pdbx_ptnr1_PDB_ins_code 
_struct_conn.pdbx_ptnr1_standard_comp_id 
_struct_conn.ptnr1_symmetry 
_struct_conn.ptnr2_label_asym_id 
_struct_conn.ptnr2_label_comp_id 
_struct_conn.ptnr2_label_seq_id 
_struct_conn.ptnr2_label_atom_id 
_struct_conn.pdbx_ptnr2_label_alt_id 
_struct_conn.pdbx_ptnr2_PDB_ins_code 
_struct_conn.ptnr1_auth_asym_id 
_struct_conn.ptnr1_auth_comp_id 
_struct_conn.ptnr1_auth_seq_id 
_struct_conn.ptnr2_auth_asym_id 
_struct_conn.ptnr2_auth_comp_id 
_struct_conn.ptnr2_auth_seq_id 
_struct_conn.ptnr2_symmetry 
_struct_conn.pdbx_ptnr3_label_atom_id 
_struct_conn.pdbx_ptnr3_label_seq_id 
_struct_conn.pdbx_ptnr3_label_comp_id 
_struct_conn.pdbx_ptnr3_label_asym_id 
_struct_conn.pdbx_ptnr3_label_alt_id 
_struct_conn.pdbx_ptnr3_PDB_ins_code 
_struct_conn.details 
_struct_conn.pdbx_dist_value 
_struct_conn.pdbx_value_order 
_struct_conn.pdbx_role 
metalc1  metalc ? ? A CYS 7  SG  ? ? ? 1_555 D ZN . ZN ? ? A CYS 1113 A ZN 1303 1_555 ? ? ? ? ? ? ? 2.333 ? ? 
metalc2  metalc ? ? A HIS 9  ND1 ? ? ? 1_555 D ZN . ZN ? ? A HIS 1115 A ZN 1303 1_555 ? ? ? ? ? ? ? 2.114 ? ? 
metalc3  metalc ? ? A CYS 27 SG  ? ? ? 1_555 C ZN . ZN ? ? A CYS 1133 A ZN 1302 1_555 ? ? ? ? ? ? ? 2.395 ? ? 
metalc4  metalc ? ? A CYS 30 SG  ? ? ? 1_555 C ZN . ZN ? ? A CYS 1136 A ZN 1302 1_555 ? ? ? ? ? ? ? 2.317 ? ? 
metalc5  metalc ? ? A CYS 39 SG  ? ? ? 1_555 B ZN . ZN ? ? A CYS 1145 A ZN 1301 1_555 ? ? ? ? ? ? ? 2.305 ? ? 
metalc6  metalc ? ? A CYS 42 SG  ? ? ? 1_555 B ZN . ZN ? ? A CYS 1148 A ZN 1301 1_555 ? ? ? ? ? ? ? 2.320 ? ? 
metalc7  metalc ? ? A CYS 47 SG  ? ? ? 1_555 C ZN . ZN ? ? A CYS 1153 A ZN 1302 1_555 ? ? ? ? ? ? ? 2.338 ? ? 
metalc8  metalc ? ? A HIS 54 ND1 ? ? ? 1_555 C ZN . ZN ? ? A HIS 1160 A ZN 1302 1_555 ? ? ? ? ? ? ? 2.062 ? ? 
metalc9  metalc ? ? A HIS 58 NE2 ? ? ? 1_555 B ZN . ZN ? ? A HIS 1164 A ZN 1301 1_555 ? ? ? ? ? ? ? 2.052 ? ? 
metalc10 metalc ? ? A HIS 64 ND1 ? ? ? 1_555 B ZN . ZN ? ? A HIS 1170 A ZN 1301 1_555 ? ? ? ? ? ? ? 2.069 ? ? 
metalc11 metalc ? ? A CYS 77 SG  ? ? ? 1_555 D ZN . ZN ? ? A CYS 1183 A ZN 1303 1_555 ? ? ? ? ? ? ? 2.330 ? ? 
metalc12 metalc ? ? A CYS 80 SG  ? ? ? 1_555 D ZN . ZN ? ? A CYS 1186 A ZN 1303 1_555 ? ? ? ? ? ? ? 2.317 ? ? 
# 
_struct_conn_type.id          metalc 
_struct_conn_type.criteria    ? 
_struct_conn_type.reference   ? 
# 
_struct_sheet.id               AA1 
_struct_sheet.type             ? 
_struct_sheet.number_strands   5 
_struct_sheet.details          ? 
# 
loop_
_struct_sheet_order.sheet_id 
_struct_sheet_order.range_id_1 
_struct_sheet_order.range_id_2 
_struct_sheet_order.offset 
_struct_sheet_order.sense 
AA1 1 2 ? anti-parallel 
AA1 2 3 ? anti-parallel 
AA1 3 4 ? anti-parallel 
AA1 4 5 ? anti-parallel 
# 
loop_
_struct_sheet_range.sheet_id 
_struct_sheet_range.id 
_struct_sheet_range.beg_label_comp_id 
_struct_sheet_range.beg_label_asym_id 
_struct_sheet_range.beg_label_seq_id 
_struct_sheet_range.pdbx_beg_PDB_ins_code 
_struct_sheet_range.end_label_comp_id 
_struct_sheet_range.end_label_asym_id 
_struct_sheet_range.end_label_seq_id 
_struct_sheet_range.pdbx_end_PDB_ins_code 
_struct_sheet_range.beg_auth_comp_id 
_struct_sheet_range.beg_auth_asym_id 
_struct_sheet_range.beg_auth_seq_id 
_struct_sheet_range.end_auth_comp_id 
_struct_sheet_range.end_auth_asym_id 
_struct_sheet_range.end_auth_seq_id 
AA1 1 VAL A 45 ? CYS A 47 ? VAL A 1151 CYS A 1153 
AA1 2 ASN A 36 ? CYS A 39 ? ASN A 1142 CYS A 1145 
AA1 3 LEU A 66 ? SER A 69 ? LEU A 1172 SER A 1175 
AA1 4 ALA A 75 ? CYS A 77 ? ALA A 1181 CYS A 1183 
AA1 5 ALA A 82 ? TYR A 83 ? ALA A 1188 TYR A 1189 
# 
loop_
_pdbx_struct_sheet_hbond.sheet_id 
_pdbx_struct_sheet_hbond.range_id_1 
_pdbx_struct_sheet_hbond.range_id_2 
_pdbx_struct_sheet_hbond.range_1_label_atom_id 
_pdbx_struct_sheet_hbond.range_1_label_comp_id 
_pdbx_struct_sheet_hbond.range_1_label_asym_id 
_pdbx_struct_sheet_hbond.range_1_label_seq_id 
_pdbx_struct_sheet_hbond.range_1_PDB_ins_code 
_pdbx_struct_sheet_hbond.range_1_auth_atom_id 
_pdbx_struct_sheet_hbond.range_1_auth_comp_id 
_pdbx_struct_sheet_hbond.range_1_auth_asym_id 
_pdbx_struct_sheet_hbond.range_1_auth_seq_id 
_pdbx_struct_sheet_hbond.range_2_label_atom_id 
_pdbx_struct_sheet_hbond.range_2_label_comp_id 
_pdbx_struct_sheet_hbond.range_2_label_asym_id 
_pdbx_struct_sheet_hbond.range_2_label_seq_id 
_pdbx_struct_sheet_hbond.range_2_PDB_ins_code 
_pdbx_struct_sheet_hbond.range_2_auth_atom_id 
_pdbx_struct_sheet_hbond.range_2_auth_comp_id 
_pdbx_struct_sheet_hbond.range_2_auth_asym_id 
_pdbx_struct_sheet_hbond.range_2_auth_seq_id 
AA1 1 2 O TYR A 46 ? O TYR A 1152 N TRP A 37 ? N TRP A 1143 
AA1 2 3 N VAL A 38 ? N VAL A 1144 O LEU A 68 ? O LEU A 1174 
AA1 3 4 N VAL A 67 ? N VAL A 1173 O TRP A 76 ? O TRP A 1182 
AA1 4 5 N CYS A 77 ? N CYS A 1183 O ALA A 82 ? O ALA A 1188 
# 
loop_
_struct_site.id 
_struct_site.pdbx_evidence_code 
_struct_site.pdbx_auth_asym_id 
_struct_site.pdbx_auth_comp_id 
_struct_site.pdbx_auth_seq_id 
_struct_site.pdbx_auth_ins_code 
_struct_site.pdbx_num_residues 
_struct_site.details 
AC1 Software A ZN  1301 ? 4  'binding site for residue ZN A 1301'  
AC2 Software A ZN  1302 ? 4  'binding site for residue ZN A 1302'  
AC3 Software A ZN  1303 ? 4  'binding site for residue ZN A 1303'  
AC4 Software A EYP 1307 ? 11 'binding site for residue EYP A 1307' 
# 
loop_
_struct_site_gen.id 
_struct_site_gen.site_id 
_struct_site_gen.pdbx_num_res 
_struct_site_gen.label_comp_id 
_struct_site_gen.label_asym_id 
_struct_site_gen.label_seq_id 
_struct_site_gen.pdbx_auth_ins_code 
_struct_site_gen.auth_comp_id 
_struct_site_gen.auth_asym_id 
_struct_site_gen.auth_seq_id 
_struct_site_gen.label_atom_id 
_struct_site_gen.label_alt_id 
_struct_site_gen.symmetry 
_struct_site_gen.details 
1  AC1 4  CYS A 39 ? CYS A 1145 . ? 1_555 ? 
2  AC1 4  CYS A 42 ? CYS A 1148 . ? 1_555 ? 
3  AC1 4  HIS A 58 ? HIS A 1164 . ? 1_555 ? 
4  AC1 4  HIS A 64 ? HIS A 1170 . ? 1_555 ? 
5  AC2 4  CYS A 27 ? CYS A 1133 . ? 1_555 ? 
6  AC2 4  CYS A 30 ? CYS A 1136 . ? 1_555 ? 
7  AC2 4  CYS A 47 ? CYS A 1153 . ? 1_555 ? 
8  AC2 4  HIS A 54 ? HIS A 1160 . ? 1_555 ? 
9  AC3 4  CYS A 7  ? CYS A 1113 . ? 1_555 ? 
10 AC3 4  HIS A 9  ? HIS A 1115 . ? 1_555 ? 
11 AC3 4  CYS A 77 ? CYS A 1183 . ? 1_555 ? 
12 AC3 4  CYS A 80 ? CYS A 1186 . ? 1_555 ? 
13 AC4 11 TRP A 37 ? TRP A 1143 . ? 1_555 ? 
14 AC4 11 GLY A 48 ? GLY A 1154 . ? 1_555 ? 
15 AC4 11 ARG A 49 ? ARG A 1155 . ? 1_555 ? 
16 AC4 11 TRP A 76 ? TRP A 1182 . ? 1_555 ? 
17 AC4 11 TYR A 78 ? TYR A 1184 . ? 1_555 ? 
18 AC4 11 TYR A 83 ? TYR A 1189 . ? 1_555 ? 
19 AC4 11 HIS A 97 ? HIS A 1203 . ? 3_555 ? 
20 AC4 11 GLN A 98 ? GLN A 1204 . ? 3_555 ? 
21 AC4 11 HOH I .  ? HOH A 1410 . ? 1_555 ? 
22 AC4 11 HOH I .  ? HOH A 1436 . ? 1_555 ? 
23 AC4 11 HOH I .  ? HOH A 1444 . ? 1_555 ? 
# 
_atom_sites.entry_id                    6CE6 
_atom_sites.fract_transf_matrix[1][1]   0.00257065 
_atom_sites.fract_transf_matrix[1][2]   -0.02382684 
_atom_sites.fract_transf_matrix[1][3]   0.00568856 
_atom_sites.fract_transf_matrix[2][1]   -0.02189119 
_atom_sites.fract_transf_matrix[2][2]   -0.00187750 
_atom_sites.fract_transf_matrix[2][3]   0.00202858 
_atom_sites.fract_transf_matrix[3][1]   -0.00124122 
_atom_sites.fract_transf_matrix[3][2]   -0.00427679 
_atom_sites.fract_transf_matrix[3][3]   -0.01735268 
_atom_sites.fract_transf_vector[1]      0.187584 
_atom_sites.fract_transf_vector[2]      -0.100153 
_atom_sites.fract_transf_vector[3]      0.157931 
# 
loop_
_atom_type.symbol 
C  
N  
O  
S  
X  
ZN 
# 
loop_
_atom_site.group_PDB 
_atom_site.id 
_atom_site.type_symbol 
_atom_site.label_atom_id 
_atom_site.label_alt_id 
_atom_site.label_comp_id 
_atom_site.label_asym_id 
_atom_site.label_entity_id 
_atom_site.label_seq_id 
_atom_site.pdbx_PDB_ins_code 
_atom_site.Cartn_x 
_atom_site.Cartn_y 
_atom_site.Cartn_z 
_atom_site.occupancy 
_atom_site.B_iso_or_equiv 
_atom_site.pdbx_formal_charge 
_atom_site.auth_seq_id 
_atom_site.auth_comp_id 
_atom_site.auth_asym_id 
_atom_site.auth_atom_id 
_atom_site.pdbx_PDB_model_num 
ATOM   1   N  N   . SER A 1 2   ? 1.192   16.575  -5.903  1.00 26.89 ? 1108 SER A N   1 
ATOM   2   C  CA  . SER A 1 2   ? 2.344   17.039  -5.086  1.00 24.88 ? 1108 SER A CA  1 
ATOM   3   C  C   . SER A 1 2   ? 2.250   16.306  -3.721  1.00 21.37 ? 1108 SER A C   1 
ATOM   4   O  O   . SER A 1 2   ? 1.642   16.826  -2.813  1.00 20.85 ? 1108 SER A O   1 
ATOM   5   C  CB  . SER A 1 2   ? 2.264   18.574  -4.947  1.00 27.38 ? 1108 SER A CB  1 
ATOM   6   O  OG  . SER A 1 2   ? 3.287   19.169  -4.145  1.00 29.77 ? 1108 SER A OG  1 
ATOM   7   N  N   . PRO A 1 3   ? 2.851   15.094  -3.602  1.00 16.69 ? 1109 PRO A N   1 
ATOM   8   C  CA  . PRO A 1 3   ? 2.759   14.403  -2.309  1.00 14.65 ? 1109 PRO A CA  1 
ATOM   9   C  C   . PRO A 1 3   ? 3.645   15.063  -1.220  1.00 12.29 ? 1109 PRO A C   1 
ATOM   10  O  O   . PRO A 1 3   ? 4.511   15.880  -1.545  1.00 11.52 ? 1109 PRO A O   1 
ATOM   11  C  CB  . PRO A 1 3   ? 3.273   13.007  -2.628  1.00 15.34 ? 1109 PRO A CB  1 
ATOM   12  C  CG  . PRO A 1 3   ? 4.245   13.192  -3.758  1.00 16.65 ? 1109 PRO A CG  1 
ATOM   13  C  CD  . PRO A 1 3   ? 3.716   14.363  -4.542  1.00 16.25 ? 1109 PRO A CD  1 
ATOM   14  N  N   . LEU A 1 4   ? 3.441   14.722  0.041   1.00 10.18 ? 1110 LEU A N   1 
ATOM   15  C  CA  . LEU A 1 4   ? 4.354   15.181  1.098   1.00 9.91  ? 1110 LEU A CA  1 
ATOM   16  C  C   . LEU A 1 4   ? 5.700   14.501  0.854   1.00 9.05  ? 1110 LEU A C   1 
ATOM   17  O  O   . LEU A 1 4   ? 5.731   13.338  0.533   1.00 8.85  ? 1110 LEU A O   1 
ATOM   18  C  CB  . LEU A 1 4   ? 3.848   14.767  2.482   1.00 10.49 ? 1110 LEU A CB  1 
ATOM   19  C  CG  . LEU A 1 4   ? 2.526   15.333  2.957   1.00 10.65 ? 1110 LEU A CG  1 
ATOM   20  C  CD1 . LEU A 1 4   ? 2.060   14.612  4.227   1.00 11.22 ? 1110 LEU A CD1 1 
ATOM   21  C  CD2 . LEU A 1 4   ? 2.687   16.832  3.192   1.00 11.30 ? 1110 LEU A CD2 1 
ATOM   22  N  N   . PRO A 1 5   ? 6.837   15.184  1.089   1.00 8.57  ? 1111 PRO A N   1 
ATOM   23  C  CA  . PRO A 1 5   ? 8.143   14.518  0.993   1.00 8.80  ? 1111 PRO A CA  1 
ATOM   24  C  C   . PRO A 1 5   ? 8.565   13.682  2.190   1.00 9.61  ? 1111 PRO A C   1 
ATOM   25  O  O   . PRO A 1 5   ? 9.653   13.108  2.171   1.00 10.77 ? 1111 PRO A O   1 
ATOM   26  C  CB  . PRO A 1 5   ? 9.117   15.713  0.887   1.00 8.52  ? 1111 PRO A CB  1 
ATOM   27  C  CG  . PRO A 1 5   ? 8.399   16.803  1.609   1.00 8.02  ? 1111 PRO A CG  1 
ATOM   28  C  CD  . PRO A 1 5   ? 6.946   16.634  1.298   1.00 8.55  ? 1111 PRO A CD  1 
ATOM   29  N  N   . TRP A 1 6   ? 7.759   13.648  3.250   1.00 8.94  ? 1112 TRP A N   1 
ATOM   30  C  CA  . TRP A 1 6   ? 8.077   12.916  4.476   1.00 8.64  ? 1112 TRP A CA  1 
ATOM   31  C  C   . TRP A 1 6   ? 6.796   12.843  5.261   1.00 8.46  ? 1112 TRP A C   1 
ATOM   32  O  O   . TRP A 1 6   ? 5.906   13.683  5.091   1.00 8.25  ? 1112 TRP A O   1 
ATOM   33  C  CB  . TRP A 1 6   ? 9.102   13.678  5.358   1.00 8.80  ? 1112 TRP A CB  1 
ATOM   34  C  CG  . TRP A 1 6   ? 9.593   12.990  6.548   1.00 9.27  ? 1112 TRP A CG  1 
ATOM   35  C  CD1 . TRP A 1 6   ? 10.618  12.109  6.614   1.00 10.14 ? 1112 TRP A CD1 1 
ATOM   36  C  CD2 . TRP A 1 6   ? 9.118   13.155  7.899   1.00 9.03  ? 1112 TRP A CD2 1 
ATOM   37  N  NE1 . TRP A 1 6   ? 10.814  11.697  7.925   1.00 10.53 ? 1112 TRP A NE1 1 
ATOM   38  C  CE2 . TRP A 1 6   ? 9.925   12.345  8.732   1.00 9.44  ? 1112 TRP A CE2 1 
ATOM   39  C  CE3 . TRP A 1 6   ? 8.138   13.960  8.499   1.00 9.25  ? 1112 TRP A CE3 1 
ATOM   40  C  CZ2 . TRP A 1 6   ? 9.719   12.248  10.120  1.00 9.72  ? 1112 TRP A CZ2 1 
ATOM   41  C  CZ3 . TRP A 1 6   ? 7.912   13.833  9.903   1.00 8.90  ? 1112 TRP A CZ3 1 
ATOM   42  C  CH2 . TRP A 1 6   ? 8.748   13.002  10.686  1.00 9.68  ? 1112 TRP A CH2 1 
ATOM   43  N  N   . CYS A 1 7   ? 6.673   11.822  6.091   1.00 8.06  ? 1113 CYS A N   1 
ATOM   44  C  CA  . CYS A 1 7   ? 5.673   11.834  7.148   1.00 7.66  ? 1113 CYS A CA  1 
ATOM   45  C  C   . CYS A 1 7   ? 6.192   11.038  8.336   1.00 7.80  ? 1113 CYS A C   1 
ATOM   46  O  O   . CYS A 1 7   ? 7.120   10.225  8.203   1.00 7.88  ? 1113 CYS A O   1 
ATOM   47  C  CB  . CYS A 1 7   ? 4.292   11.350  6.609   1.00 7.40  ? 1113 CYS A CB  1 
ATOM   48  S  SG  . CYS A 1 7   ? 3.846   9.618   6.972   1.00 6.68  ? 1113 CYS A SG  1 
ATOM   49  N  N   . PRO A 1 8   ? 5.571   11.237  9.517   1.00 7.66  ? 1114 PRO A N   1 
ATOM   50  C  CA  . PRO A 1 8   ? 6.081   10.652  10.760  1.00 8.20  ? 1114 PRO A CA  1 
ATOM   51  C  C   . PRO A 1 8   ? 5.844   9.153   10.869  1.00 8.00  ? 1114 PRO A C   1 
ATOM   52  O  O   . PRO A 1 8   ? 6.349   8.513   11.788  1.00 8.87  ? 1114 PRO A O   1 
ATOM   53  C  CB  . PRO A 1 8   ? 5.368   11.462  11.848  1.00 8.38  ? 1114 PRO A CB  1 
ATOM   54  C  CG  . PRO A 1 8   ? 4.149   12.019  11.205  1.00 8.51  ? 1114 PRO A CG  1 
ATOM   55  C  CD  . PRO A 1 8   ? 4.545   12.256  9.764   1.00 7.83  ? 1114 PRO A CD  1 
ATOM   56  N  N   . HIS A 1 9   ? 5.082   8.610   9.919   1.00 7.26  ? 1115 HIS A N   1 
ATOM   57  C  CA  . HIS A 1 9   ? 4.782   7.165   9.864   1.00 7.38  ? 1115 HIS A CA  1 
ATOM   58  C  C   . HIS A 1 9   ? 5.686   6.317   8.978   1.00 7.57  ? 1115 HIS A C   1 
ATOM   59  O  O   . HIS A 1 9   ? 5.549   5.093   8.943   1.00 8.24  ? 1115 HIS A O   1 
ATOM   60  C  CB  . HIS A 1 9   ? 3.321   6.990   9.465   1.00 6.98  ? 1115 HIS A CB  1 
ATOM   61  C  CG  . HIS A 1 9   ? 2.405   7.754   10.347  1.00 7.04  ? 1115 HIS A CG  1 
ATOM   62  N  ND1 . HIS A 1 9   ? 1.909   8.999   10.008  1.00 7.05  ? 1115 HIS A ND1 1 
ATOM   63  C  CD2 . HIS A 1 9   ? 2.053   7.542   11.641  1.00 6.95  ? 1115 HIS A CD2 1 
ATOM   64  C  CE1 . HIS A 1 9   ? 1.270   9.497   11.056  1.00 7.24  ? 1115 HIS A CE1 1 
ATOM   65  N  NE2 . HIS A 1 9   ? 1.309   8.621   12.052  1.00 7.14  ? 1115 HIS A NE2 1 
ATOM   66  N  N   . LEU A 1 10  ? 6.643   6.933   8.282   1.00 7.41  ? 1116 LEU A N   1 
ATOM   67  C  CA  . LEU A 1 10  ? 7.605   6.200   7.460   1.00 7.85  ? 1116 LEU A CA  1 
ATOM   68  C  C   . LEU A 1 10  ? 8.381   5.164   8.204   1.00 7.76  ? 1116 LEU A C   1 
ATOM   69  O  O   . LEU A 1 10  ? 8.733   4.119   7.612   1.00 7.53  ? 1116 LEU A O   1 
ATOM   70  C  CB  . LEU A 1 10  ? 8.497   7.133   6.664   1.00 7.85  ? 1116 LEU A CB  1 
ATOM   71  C  CG  . LEU A 1 10  ? 7.820   7.902   5.546   1.00 8.21  ? 1116 LEU A CG  1 
ATOM   72  C  CD1 . LEU A 1 10  ? 8.748   9.016   5.132   1.00 8.56  ? 1116 LEU A CD1 1 
ATOM   73  C  CD2 . LEU A 1 10  ? 7.435   7.031   4.335   1.00 8.74  ? 1116 LEU A CD2 1 
ATOM   74  N  N   . VAL A 1 11  ? 8.563   5.410   9.493   1.00 8.42  ? 1117 VAL A N   1 
ATOM   75  C  CA  . VAL A 1 11  ? 9.191   4.456   10.414  1.00 9.03  ? 1117 VAL A CA  1 
ATOM   76  C  C   . VAL A 1 11  ? 8.493   3.099   10.522  1.00 9.49  ? 1117 VAL A C   1 
ATOM   77  O  O   . VAL A 1 11  ? 9.112   2.131   10.962  1.00 10.73 ? 1117 VAL A O   1 
ATOM   78  C  CB  . VAL A 1 11  ? 9.414   5.052   11.834  1.00 9.28  ? 1117 VAL A CB  1 
ATOM   79  C  CG1 . VAL A 1 11  ? 10.410  6.209   11.768  1.00 9.97  ? 1117 VAL A CG1 1 
ATOM   80  C  CG2 . VAL A 1 11  ? 8.119   5.471   12.524  1.00 9.40  ? 1117 VAL A CG2 1 
ATOM   81  N  N   . ALA A 1 12  ? 7.220   3.034   10.137  1.00 8.43  ? 1118 ALA A N   1 
ATOM   82  C  CA  . ALA A 1 12  ? 6.455   1.807   10.190  1.00 8.64  ? 1118 ALA A CA  1 
ATOM   83  C  C   . ALA A 1 12  ? 6.515   1.047   8.872   1.00 8.15  ? 1118 ALA A C   1 
ATOM   84  O  O   . ALA A 1 12  ? 5.914   -0.018  8.744   1.00 8.69  ? 1118 ALA A O   1 
ATOM   85  C  CB  . ALA A 1 12  ? 5.002   2.089   10.593  1.00 9.00  ? 1118 ALA A CB  1 
ATOM   86  N  N   . VAL A 1 13  ? 7.148   1.585   7.833   1.00 8.00  ? 1119 VAL A N   1 
ATOM   87  C  CA  . VAL A 1 13  ? 7.305   0.868   6.558   1.00 8.26  ? 1119 VAL A CA  1 
ATOM   88  C  C   . VAL A 1 13  ? 8.320   -0.277  6.750   1.00 8.61  ? 1119 VAL A C   1 
ATOM   89  O  O   . VAL A 1 13  ? 9.477   -0.068  7.179   1.00 10.13 ? 1119 VAL A O   1 
ATOM   90  C  CB  . VAL A 1 13  ? 7.744   1.819   5.413   1.00 8.04  ? 1119 VAL A CB  1 
ATOM   91  C  CG1 . VAL A 1 13  ? 8.164   1.050   4.148   1.00 8.49  ? 1119 VAL A CG1 1 
ATOM   92  C  CG2 . VAL A 1 13  ? 6.657   2.849   5.133   1.00 8.23  ? 1119 VAL A CG2 1 
ATOM   93  N  N   . CYS A 1 14  ? 7.907   -1.482  6.375   1.00 7.97  ? 1120 CYS A N   1 
ATOM   94  C  CA  . CYS A 1 14  ? 8.702   -2.698  6.650   1.00 8.73  ? 1120 CYS A CA  1 
ATOM   95  C  C   . CYS A 1 14  ? 9.263   -3.258  5.362   1.00 9.96  ? 1120 CYS A C   1 
ATOM   96  O  O   . CYS A 1 14  ? 8.810   -2.903  4.289   1.00 11.07 ? 1120 CYS A O   1 
ATOM   97  C  CB  . CYS A 1 14  ? 7.850   -3.729  7.403   1.00 8.20  ? 1120 CYS A CB  1 
ATOM   98  S  SG  . CYS A 1 14  ? 7.275   -3.125  9.032   1.00 8.12  ? 1120 CYS A SG  1 
ATOM   99  N  N   . PRO A 1 15  ? 10.235  -4.184  5.458   1.00 10.32 ? 1121 PRO A N   1 
ATOM   100 C  CA  . PRO A 1 15  ? 10.699  -4.863  4.234   1.00 11.77 ? 1121 PRO A CA  1 
ATOM   101 C  C   . PRO A 1 15  ? 9.620   -5.786  3.615   1.00 12.84 ? 1121 PRO A C   1 
ATOM   102 O  O   . PRO A 1 15  ? 8.762   -6.219  4.315   1.00 14.38 ? 1121 PRO A O   1 
ATOM   103 C  CB  . PRO A 1 15  ? 11.907  -5.660  4.734   1.00 11.79 ? 1121 PRO A CB  1 
ATOM   104 C  CG  . PRO A 1 15  ? 12.337  -4.935  5.934   1.00 10.80 ? 1121 PRO A CG  1 
ATOM   105 C  CD  . PRO A 1 15  ? 11.084  -4.521  6.624   1.00 11.19 ? 1121 PRO A CD  1 
ATOM   106 N  N   . ILE A 1 16  ? 9.641   -6.015  2.280   1.00 18.24 ? 1122 ILE A N   1 
ATOM   107 C  CA  . ILE A 1 16  ? 8.518   -6.742  1.597   1.00 18.48 ? 1122 ILE A CA  1 
ATOM   108 C  C   . ILE A 1 16  ? 8.535   -8.254  1.841   1.00 17.19 ? 1122 ILE A C   1 
ATOM   109 O  O   . ILE A 1 16  ? 9.560   -8.779  2.274   1.00 18.77 ? 1122 ILE A O   1 
ATOM   110 C  CB  . ILE A 1 16  ? 8.467   -6.485  0.066   1.00 19.56 ? 1122 ILE A CB  1 
ATOM   111 C  CG1 . ILE A 1 16  ? 9.744   -6.989  -0.629  1.00 21.01 ? 1122 ILE A CG1 1 
ATOM   112 C  CG2 . ILE A 1 16  ? 8.313   -4.993  -0.223  1.00 20.92 ? 1122 ILE A CG2 1 
ATOM   113 C  CD1 . ILE A 1 16  ? 9.574   -7.134  -2.114  1.00 21.50 ? 1122 ILE A CD1 1 
ATOM   114 N  N   . PRO A 1 17  ? 7.407   -8.966  1.601   1.00 17.39 ? 1123 PRO A N   1 
ATOM   115 C  CA  . PRO A 1 17  ? 7.415   -10.391 1.876   1.00 17.97 ? 1123 PRO A CA  1 
ATOM   116 C  C   . PRO A 1 17  ? 8.461   -11.223 1.162   1.00 17.28 ? 1123 PRO A C   1 
ATOM   117 O  O   . PRO A 1 17  ? 8.989   -10.839 0.106   1.00 18.18 ? 1123 PRO A O   1 
ATOM   118 C  CB  . PRO A 1 17  ? 5.997   -10.844 1.476   1.00 18.08 ? 1123 PRO A CB  1 
ATOM   119 C  CG  . PRO A 1 17  ? 5.186   -9.607  1.707   1.00 17.95 ? 1123 PRO A CG  1 
ATOM   120 C  CD  . PRO A 1 17  ? 6.081   -8.563  1.111   1.00 17.37 ? 1123 PRO A CD  1 
ATOM   121 N  N   . ALA A 1 18  ? 8.711   -12.395 1.748   1.00 16.95 ? 1124 ALA A N   1 
ATOM   122 C  CA  . ALA A 1 18  ? 9.640   -13.350 1.147   1.00 16.74 ? 1124 ALA A CA  1 
ATOM   123 C  C   . ALA A 1 18  ? 9.354   -13.488 -0.365  1.00 18.90 ? 1124 ALA A C   1 
ATOM   124 O  O   . ALA A 1 18  ? 10.222  -13.244 -1.195  1.00 18.30 ? 1124 ALA A O   1 
ATOM   125 C  CB  . ALA A 1 18  ? 9.567   -14.650 1.879   1.00 17.03 ? 1124 ALA A CB  1 
ATOM   126 N  N   . ALA A 1 19  ? 8.105   -13.793 -0.705  1.00 19.28 ? 1125 ALA A N   1 
ATOM   127 C  CA  . ALA A 1 19  ? 7.749   -14.042 -2.116  1.00 18.78 ? 1125 ALA A CA  1 
ATOM   128 C  C   . ALA A 1 19  ? 7.706   -12.808 -3.036  1.00 20.06 ? 1125 ALA A C   1 
ATOM   129 O  O   . ALA A 1 19  ? 7.418   -12.968 -4.219  1.00 21.40 ? 1125 ALA A O   1 
ATOM   130 C  CB  . ALA A 1 19  ? 6.447   -14.816 -2.195  1.00 21.41 ? 1125 ALA A CB  1 
ATOM   131 N  N   . GLY A 1 20  ? 7.985   -11.602 -2.521  1.00 18.58 ? 1126 GLY A N   1 
ATOM   132 C  CA  . GLY A 1 20  ? 7.996   -10.372 -3.331  1.00 18.01 ? 1126 GLY A CA  1 
ATOM   133 C  C   . GLY A 1 20  ? 6.586   -9.768  -3.299  1.00 15.99 ? 1126 GLY A C   1 
ATOM   134 O  O   . GLY A 1 20  ? 5.829   -10.004 -2.351  1.00 17.16 ? 1126 GLY A O   1 
ATOM   135 N  N   . LEU A 1 21  ? 6.228   -8.962  -4.317  1.00 13.15 ? 1127 LEU A N   1 
ATOM   136 C  CA  . LEU A 1 21  ? 4.851   -8.391  -4.374  1.00 12.68 ? 1127 LEU A CA  1 
ATOM   137 C  C   . LEU A 1 21  ? 4.137   -8.918  -5.580  1.00 11.60 ? 1127 LEU A C   1 
ATOM   138 O  O   . LEU A 1 21  ? 4.781   -9.121  -6.614  1.00 13.54 ? 1127 LEU A O   1 
ATOM   139 C  CB  . LEU A 1 21  ? 4.870   -6.865  -4.518  1.00 11.34 ? 1127 LEU A CB  1 
ATOM   140 C  CG  . LEU A 1 21  ? 5.508   -6.063  -3.394  1.00 11.61 ? 1127 LEU A CG  1 
ATOM   141 C  CD1 . LEU A 1 21  ? 5.603   -4.574  -3.739  1.00 12.28 ? 1127 LEU A CD1 1 
ATOM   142 C  CD2 . LEU A 1 21  ? 4.839   -6.329  -2.065  1.00 11.46 ? 1127 LEU A CD2 1 
ATOM   143 N  N   . ASP A 1 22  ? 2.825   -9.104  -5.464  1.00 9.73  ? 1128 ASP A N   1 
ATOM   144 C  CA  . ASP A 1 22  ? 1.989   -9.492  -6.620  1.00 10.59 ? 1128 ASP A CA  1 
ATOM   145 C  C   . ASP A 1 22  ? 0.933   -8.441  -6.780  1.00 9.55  ? 1128 ASP A C   1 
ATOM   146 O  O   . ASP A 1 22  ? -0.015  -8.397  -5.997  1.00 9.00  ? 1128 ASP A O   1 
ATOM   147 C  CB  . ASP A 1 22  ? 1.386   -10.865 -6.354  1.00 12.03 ? 1128 ASP A CB  1 
ATOM   148 C  CG  . ASP A 1 22  ? 0.393   -11.300 -7.417  1.00 12.83 ? 1128 ASP A CG  1 
ATOM   149 O  OD1 . ASP A 1 22  ? 0.330   -10.667 -8.484  1.00 13.61 ? 1128 ASP A OD1 1 
ATOM   150 O  OD2 . ASP A 1 22  ? -0.317  -12.290 -7.118  1.00 17.11 ? 1128 ASP A OD2 1 
ATOM   151 N  N   . VAL A 1 23  ? 1.080   -7.602  -7.814  1.00 9.20  ? 1129 VAL A N   1 
ATOM   152 C  CA  . VAL A 1 23  ? 0.160   -6.494  -7.983  1.00 8.90  ? 1129 VAL A CA  1 
ATOM   153 C  C   . VAL A 1 23  ? -1.229  -6.961  -8.435  1.00 8.42  ? 1129 VAL A C   1 
ATOM   154 O  O   . VAL A 1 23  ? -2.165  -6.149  -8.431  1.00 9.04  ? 1129 VAL A O   1 
ATOM   155 C  CB  . VAL A 1 23  ? 0.683   -5.427  -8.944  1.00 9.36  ? 1129 VAL A CB  1 
ATOM   156 C  CG1 . VAL A 1 23  ? 2.024   -4.873  -8.468  1.00 9.07  ? 1129 VAL A CG1 1 
ATOM   157 C  CG2 . VAL A 1 23  ? 0.706   -5.928  -10.370 1.00 9.77  ? 1129 VAL A CG2 1 
ATOM   158 N  N   . THR A 1 24  ? -1.355  -8.236  -8.835  1.00 8.97  ? 1130 THR A N   1 
ATOM   159 C  CA  . THR A 1 24  ? -2.674  -8.803  -9.173  1.00 9.35  ? 1130 THR A CA  1 
ATOM   160 C  C   . THR A 1 24  ? -3.273  -9.579  -8.006  1.00 9.74  ? 1130 THR A C   1 
ATOM   161 O  O   . THR A 1 24  ? -4.306  -10.219 -8.169  1.00 9.87  ? 1130 THR A O   1 
ATOM   162 C  CB  . THR A 1 24  ? -2.644  -9.703  -10.421 1.00 9.80  ? 1130 THR A CB  1 
ATOM   163 O  OG1 . THR A 1 24  ? -1.852  -10.860 -10.180 1.00 10.47 ? 1130 THR A OG1 1 
ATOM   164 C  CG2 . THR A 1 24  ? -2.082  -8.904  -11.567 1.00 10.38 ? 1130 THR A CG2 1 
ATOM   165 N  N   . GLN A 1 25  ? -2.652  -9.503  -6.823  1.00 9.19  ? 1131 GLN A N   1 
ATOM   166 C  CA  . GLN A 1 25  ? -3.214  -10.170 -5.640  1.00 9.39  ? 1131 GLN A CA  1 
ATOM   167 C  C   . GLN A 1 25  ? -4.591  -9.536  -5.311  1.00 9.97  ? 1131 GLN A C   1 
ATOM   168 O  O   . GLN A 1 25  ? -4.734  -8.308  -5.258  1.00 10.51 ? 1131 GLN A O   1 
ATOM   169 C  CB  . GLN A 1 25  ? -2.288  -10.007 -4.447  1.00 9.70  ? 1131 GLN A CB  1 
ATOM   170 C  CG  . GLN A 1 25  ? -2.750  -10.766 -3.209  1.00 9.64  ? 1131 GLN A CG  1 
ATOM   171 C  CD  . GLN A 1 25  ? -1.657  -10.812 -2.144  1.00 9.54  ? 1131 GLN A CD  1 
ATOM   172 O  OE1 . GLN A 1 25  ? -0.461  -10.699 -2.455  1.00 10.34 ? 1131 GLN A OE1 1 
ATOM   173 N  NE2 . GLN A 1 25  ? -2.059  -10.989 -0.888  1.00 10.83 ? 1131 GLN A NE2 1 
ATOM   174 N  N   . PRO A 1 26  ? -5.614  -10.363 -5.055  1.00 9.23  ? 1132 PRO A N   1 
ATOM   175 C  CA  . PRO A 1 26  ? -6.908  -9.783  -4.752  1.00 9.14  ? 1132 PRO A CA  1 
ATOM   176 C  C   . PRO A 1 26  ? -7.070  -9.324  -3.262  1.00 8.59  ? 1132 PRO A C   1 
ATOM   177 O  O   . PRO A 1 26  ? -6.252  -9.672  -2.402  1.00 8.02  ? 1132 PRO A O   1 
ATOM   178 C  CB  . PRO A 1 26  ? -7.889  -10.932 -5.038  1.00 10.20 ? 1132 PRO A CB  1 
ATOM   179 C  CG  . PRO A 1 26  ? -7.089  -12.128 -4.779  1.00 9.98  ? 1132 PRO A CG  1 
ATOM   180 C  CD  . PRO A 1 26  ? -5.659  -11.834 -5.155  1.00 9.84  ? 1132 PRO A CD  1 
ATOM   181 N  N   . CYS A 1 27  ? -8.190  -8.659  -2.984  1.00 8.59  ? 1133 CYS A N   1 
ATOM   182 C  CA  . CYS A 1 27  ? -8.476  -8.225  -1.637  1.00 8.23  ? 1133 CYS A CA  1 
ATOM   183 C  C   . CYS A 1 27  ? -8.615  -9.426  -0.752  1.00 8.64  ? 1133 CYS A C   1 
ATOM   184 O  O   . CYS A 1 27  ? -9.330  -10.346 -1.056  1.00 8.29  ? 1133 CYS A O   1 
ATOM   185 C  CB  . CYS A 1 27  ? -9.778  -7.415  -1.583  1.00 7.68  ? 1133 CYS A CB  1 
ATOM   186 S  SG  . CYS A 1 27  ? -10.273 -6.975  0.089   1.00 7.86  ? 1133 CYS A SG  1 
ATOM   187 N  N   . GLY A 1 28  ? -7.874  -9.441  0.341   1.00 8.86  ? 1134 GLY A N   1 
ATOM   188 C  CA  . GLY A 1 28  ? -8.000  -10.550 1.302   1.00 10.31 ? 1134 GLY A CA  1 
ATOM   189 C  C   . GLY A 1 28  ? -9.332  -10.780 2.001   1.00 11.12 ? 1134 GLY A C   1 
ATOM   190 O  O   . GLY A 1 28  ? -9.496  -11.811 2.619   1.00 12.23 ? 1134 GLY A O   1 
ATOM   191 N  N   . ASP A 1 29  ? -10.231 -9.808  2.000   1.00 10.94 ? 1135 ASP A N   1 
ATOM   192 C  CA  . ASP A 1 29  ? -11.546 -9.925  2.620   1.00 11.07 ? 1135 ASP A CA  1 
ATOM   193 C  C   . ASP A 1 29  ? -12.557 -10.327 1.547   1.00 11.30 ? 1135 ASP A C   1 
ATOM   194 O  O   . ASP A 1 29  ? -13.171 -11.390 1.631   1.00 12.33 ? 1135 ASP A O   1 
ATOM   195 C  CB  . ASP A 1 29  ? -11.905 -8.628  3.291   1.00 12.03 ? 1135 ASP A CB  1 
ATOM   196 C  CG  . ASP A 1 29  ? -11.127 -8.375  4.576   1.00 13.26 ? 1135 ASP A CG  1 
ATOM   197 O  OD1 . ASP A 1 29  ? -10.687 -9.348  5.208   1.00 15.51 ? 1135 ASP A OD1 1 
ATOM   198 O  OD2 . ASP A 1 29  ? -11.018 -7.183  4.978   1.00 14.99 ? 1135 ASP A OD2 1 
ATOM   199 N  N   . CYS A 1 30  ? -12.711 -9.540  0.491   1.00 9.77  ? 1136 CYS A N   1 
ATOM   200 C  CA  . CYS A 1 30  ? -13.809 -9.771  -0.474  1.00 9.22  ? 1136 CYS A CA  1 
ATOM   201 C  C   . CYS A 1 30  ? -13.360 -10.395 -1.782  1.00 9.33  ? 1136 CYS A C   1 
ATOM   202 O  O   . CYS A 1 30  ? -14.210 -10.768 -2.624  1.00 10.41 ? 1136 CYS A O   1 
ATOM   203 C  CB  . CYS A 1 30  ? -14.569 -8.479  -0.754  1.00 9.43  ? 1136 CYS A CB  1 
ATOM   204 S  SG  . CYS A 1 30  ? -13.688 -7.216  -1.704  1.00 8.51  ? 1136 CYS A SG  1 
ATOM   205 N  N   . GLY A 1 31  ? -12.060 -10.487 -2.015  1.00 9.74  ? 1137 GLY A N   1 
ATOM   206 C  CA  . GLY A 1 31  ? -11.557 -11.130 -3.228  1.00 9.37  ? 1137 GLY A CA  1 
ATOM   207 C  C   . GLY A 1 31  ? -11.651 -10.287 -4.495  1.00 9.48  ? 1137 GLY A C   1 
ATOM   208 O  O   . GLY A 1 31  ? -11.336 -10.796 -5.604  1.00 9.80  ? 1137 GLY A O   1 
ATOM   209 N  N   . THR A 1 32  ? -12.040 -9.017  -4.389  1.00 9.15  ? 1138 THR A N   1 
ATOM   210 C  CA  . THR A 1 32  ? -12.091 -8.164  -5.577  1.00 9.43  ? 1138 THR A CA  1 
ATOM   211 C  C   . THR A 1 32  ? -10.707 -8.038  -6.190  1.00 9.57  ? 1138 THR A C   1 
ATOM   212 O  O   . THR A 1 32  ? -9.711  -7.989  -5.486  1.00 9.39  ? 1138 THR A O   1 
ATOM   213 C  CB  . THR A 1 32  ? -12.663 -6.759  -5.335  1.00 9.46  ? 1138 THR A CB  1 
ATOM   214 O  OG1 . THR A 1 32  ? -12.822 -6.059  -6.603  1.00 10.62 ? 1138 THR A OG1 1 
ATOM   215 C  CG2 . THR A 1 32  ? -11.775 -5.916  -4.425  1.00 9.55  ? 1138 THR A CG2 1 
ATOM   216 N  N   . ILE A 1 33  ? -10.677 -7.973  -7.516  1.00 9.96  ? 1139 ILE A N   1 
ATOM   217 C  CA  . ILE A 1 33  ? -9.447  -7.736  -8.275  1.00 10.43 ? 1139 ILE A CA  1 
ATOM   218 C  C   . ILE A 1 33  ? -9.185  -6.256  -8.550  1.00 10.72 ? 1139 ILE A C   1 
ATOM   219 O  O   . ILE A 1 33  ? -8.148  -5.934  -9.103  1.00 13.35 ? 1139 ILE A O   1 
ATOM   220 C  CB  . ILE A 1 33  ? -9.457  -8.491  -9.608  1.00 11.32 ? 1139 ILE A CB  1 
ATOM   221 C  CG1 . ILE A 1 33  ? -10.531 -7.941  -10.604 1.00 11.72 ? 1139 ILE A CG1 1 
ATOM   222 C  CG2 . ILE A 1 33  ? -9.579  -10.002 -9.337  1.00 12.08 ? 1139 ILE A CG2 1 
ATOM   223 C  CD1 . ILE A 1 33  ? -10.461 -8.543  -11.984 1.00 12.36 ? 1139 ILE A CD1 1 
ATOM   224 N  N   . GLN A 1 34  ? -10.112 -5.386  -8.121  1.00 11.00 ? 1140 GLN A N   1 
ATOM   225 C  CA  . GLN A 1 34  ? -10.166 -3.989  -8.448  1.00 11.85 ? 1140 GLN A CA  1 
ATOM   226 C  C   . GLN A 1 34  ? -9.681  -3.132  -7.270  1.00 10.61 ? 1140 GLN A C   1 
ATOM   227 O  O   . GLN A 1 34  ? -10.097 -3.391  -6.150  1.00 10.26 ? 1140 GLN A O   1 
ATOM   228 C  CB  . GLN A 1 34  ? -11.608 -3.554  -8.702  1.00 13.18 ? 1140 GLN A CB  1 
ATOM   229 C  CG  . GLN A 1 34  ? -12.318 -4.302  -9.810  1.00 14.48 ? 1140 GLN A CG  1 
ATOM   230 C  CD  . GLN A 1 34  ? -13.653 -3.673  -10.195 1.00 14.76 ? 1140 GLN A CD  1 
ATOM   231 O  OE1 . GLN A 1 34  ? -13.719 -2.458  -10.487 1.00 15.85 ? 1140 GLN A OE1 1 
ATOM   232 N  NE2 . GLN A 1 34  ? -14.765 -4.497  -10.164 1.00 14.96 ? 1140 GLN A NE2 1 
ATOM   233 N  N   . GLU A 1 35  ? -8.880  -2.121  -7.568  1.00 9.86  ? 1141 GLU A N   1 
ATOM   234 C  CA  . GLU A 1 35  ? -8.584  -1.020  -6.656  1.00 9.60  ? 1141 GLU A CA  1 
ATOM   235 C  C   . GLU A 1 35  ? -7.928  -1.497  -5.336  1.00 8.37  ? 1141 GLU A C   1 
ATOM   236 O  O   . GLU A 1 35  ? -8.217  -0.980  -4.261  1.00 8.30  ? 1141 GLU A O   1 
ATOM   237 C  CB  . GLU A 1 35  ? -9.856  -0.170  -6.344  1.00 11.66 ? 1141 GLU A CB  1 
ATOM   238 C  CG  . GLU A 1 35  ? -9.509  1.249   -5.855  1.00 14.27 ? 1141 GLU A CG  1 
ATOM   239 C  CD  . GLU A 1 35  ? -10.672 2.110   -5.368  1.00 18.34 ? 1141 GLU A CD  1 
ATOM   240 O  OE1 . GLU A 1 35  ? -11.438 1.687   -4.481  1.00 18.97 ? 1141 GLU A OE1 1 
ATOM   241 O  OE2 . GLU A 1 35  ? -10.786 3.261   -5.865  1.00 19.35 ? 1141 GLU A OE2 1 
ATOM   242 N  N   . ASN A 1 36  ? -7.040  -2.483  -5.459  1.00 8.14  ? 1142 ASN A N   1 
ATOM   243 C  CA  . ASN A 1 36  ? -6.395  -3.006  -4.270  1.00 7.60  ? 1142 ASN A CA  1 
ATOM   244 C  C   . ASN A 1 36  ? -5.171  -2.206  -3.926  1.00 7.39  ? 1142 ASN A C   1 
ATOM   245 O  O   . ASN A 1 36  ? -4.492  -1.590  -4.778  1.00 8.42  ? 1142 ASN A O   1 
ATOM   246 C  CB  . ASN A 1 36  ? -6.037  -4.494  -4.412  1.00 7.90  ? 1142 ASN A CB  1 
ATOM   247 C  CG  . ASN A 1 36  ? -7.290  -5.341  -4.378  1.00 8.01  ? 1142 ASN A CG  1 
ATOM   248 O  OD1 . ASN A 1 36  ? -8.076  -5.239  -3.416  1.00 8.10  ? 1142 ASN A OD1 1 
ATOM   249 N  ND2 . ASN A 1 36  ? -7.534  -6.114  -5.454  1.00 8.74  ? 1142 ASN A ND2 1 
ATOM   250 N  N   . TRP A 1 37  ? -4.883  -2.245  -2.637  1.00 7.54  ? 1143 TRP A N   1 
ATOM   251 C  CA  . TRP A 1 37  ? -3.715  -1.610  -2.037  1.00 7.09  ? 1143 TRP A CA  1 
ATOM   252 C  C   . TRP A 1 37  ? -2.973  -2.635  -1.219  1.00 7.12  ? 1143 TRP A C   1 
ATOM   253 O  O   . TRP A 1 37  ? -3.578  -3.571  -0.723  1.00 6.65  ? 1143 TRP A O   1 
ATOM   254 C  CB  . TRP A 1 37  ? -4.198  -0.503  -1.084  1.00 7.28  ? 1143 TRP A CB  1 
ATOM   255 C  CG  . TRP A 1 37  ? -4.846  0.650   -1.798  1.00 7.51  ? 1143 TRP A CG  1 
ATOM   256 C  CD1 . TRP A 1 37  ? -6.050  0.653   -2.401  1.00 7.62  ? 1143 TRP A CD1 1 
ATOM   257 C  CD2 . TRP A 1 37  ? -4.294  1.964   -2.007  1.00 7.72  ? 1143 TRP A CD2 1 
ATOM   258 N  NE1 . TRP A 1 37  ? -6.298  1.866   -2.977  1.00 8.04  ? 1143 TRP A NE1 1 
ATOM   259 C  CE2 . TRP A 1 37  ? -5.246  2.702   -2.755  1.00 7.70  ? 1143 TRP A CE2 1 
ATOM   260 C  CE3 . TRP A 1 37  ? -3.080  2.572   -1.678  1.00 7.70  ? 1143 TRP A CE3 1 
ATOM   261 C  CZ2 . TRP A 1 37  ? -5.030  4.023   -3.143  1.00 7.79  ? 1143 TRP A CZ2 1 
ATOM   262 C  CZ3 . TRP A 1 37  ? -2.884  3.919   -2.035  1.00 7.84  ? 1143 TRP A CZ3 1 
ATOM   263 C  CH2 . TRP A 1 37  ? -3.862  4.619   -2.751  1.00 7.81  ? 1143 TRP A CH2 1 
ATOM   264 N  N   . VAL A 1 38  ? -1.675  -2.462  -1.040  1.00 6.73  ? 1144 VAL A N   1 
ATOM   265 C  CA  . VAL A 1 38  ? -0.916  -3.339  -0.137  1.00 6.51  ? 1144 VAL A CA  1 
ATOM   266 C  C   . VAL A 1 38  ? -0.479  -2.526  1.069   1.00 6.33  ? 1144 VAL A C   1 
ATOM   267 O  O   . VAL A 1 38  ? 0.011   -1.397  0.957   1.00 6.33  ? 1144 VAL A O   1 
ATOM   268 C  CB  . VAL A 1 38  ? 0.262   -4.027  -0.856  1.00 6.84  ? 1144 VAL A CB  1 
ATOM   269 C  CG1 . VAL A 1 38  ? 1.259   -3.051  -1.419  1.00 6.54  ? 1144 VAL A CG1 1 
ATOM   270 C  CG2 . VAL A 1 38  ? 0.935   -5.045  0.022   1.00 7.08  ? 1144 VAL A CG2 1 
ATOM   271 N  N   . CYS A 1 39  ? -0.581  -3.153  2.257   1.00 6.69  ? 1145 CYS A N   1 
ATOM   272 C  CA  . CYS A 1 39  ? -0.138  -2.513  3.481   1.00 6.92  ? 1145 CYS A CA  1 
ATOM   273 C  C   . CYS A 1 39  ? 1.366   -2.542  3.637   1.00 7.49  ? 1145 CYS A C   1 
ATOM   274 O  O   . CYS A 1 39  ? 1.951   -3.629  3.630   1.00 7.69  ? 1145 CYS A O   1 
ATOM   275 C  CB  . CYS A 1 39  ? -0.799  -3.138  4.651   1.00 7.07  ? 1145 CYS A CB  1 
ATOM   276 S  SG  . CYS A 1 39  ? -0.309  -2.391  6.233   1.00 7.17  ? 1145 CYS A SG  1 
ATOM   277 N  N   . LEU A 1 40  ? 1.998   -1.390  3.820   1.00 7.33  ? 1146 LEU A N   1 
ATOM   278 C  CA  . LEU A 1 40  ? 3.436   -1.353  3.877   1.00 7.77  ? 1146 LEU A CA  1 
ATOM   279 C  C   . LEU A 1 40  ? 4.016   -1.773  5.245   1.00 7.74  ? 1146 LEU A C   1 
ATOM   280 O  O   . LEU A 1 40  ? 5.273   -1.748  5.394   1.00 9.11  ? 1146 LEU A O   1 
ATOM   281 C  CB  . LEU A 1 40  ? 3.955   0.014   3.385   1.00 8.46  ? 1146 LEU A CB  1 
ATOM   282 C  CG  . LEU A 1 40  ? 3.623   0.394   1.946   1.00 8.80  ? 1146 LEU A CG  1 
ATOM   283 C  CD1 . LEU A 1 40  ? 4.267   1.701   1.549   1.00 9.04  ? 1146 LEU A CD1 1 
ATOM   284 C  CD2 . LEU A 1 40  ? 4.094   -0.706  1.008   1.00 8.75  ? 1146 LEU A CD2 1 
ATOM   285 N  N   . SER A 1 41  ? 3.159   -2.123  6.214   1.00 8.40  ? 1147 SER A N   1 
ATOM   286 C  CA  . SER A 1 41  ? 3.645   -2.683  7.468   1.00 8.80  ? 1147 SER A CA  1 
ATOM   287 C  C   . SER A 1 41  ? 3.653   -4.199  7.309   1.00 9.89  ? 1147 SER A C   1 
ATOM   288 O  O   . SER A 1 41  ? 4.759   -4.797  7.361   1.00 11.91 ? 1147 SER A O   1 
ATOM   289 C  CB  . SER A 1 41  ? 2.882   -2.104  8.655   1.00 8.12  ? 1147 SER A CB  1 
ATOM   290 O  OG  . SER A 1 41  ? 3.191   -0.711  8.785   1.00 8.42  ? 1147 SER A OG  1 
ATOM   291 N  N   . CYS A 1 42  ? 2.482   -4.797  7.009   1.00 9.15  ? 1148 CYS A N   1 
ATOM   292 C  CA  . CYS A 1 42  ? 2.269   -6.227  7.105   1.00 8.55  ? 1148 CYS A CA  1 
ATOM   293 C  C   . CYS A 1 42  ? 2.041   -6.939  5.772   1.00 8.45  ? 1148 CYS A C   1 
ATOM   294 O  O   . CYS A 1 42  ? 1.977   -8.171  5.739   1.00 8.31  ? 1148 CYS A O   1 
ATOM   295 C  CB  . CYS A 1 42  ? 1.071   -6.463  8.015   1.00 8.83  ? 1148 CYS A CB  1 
ATOM   296 S  SG  . CYS A 1 42  ? -0.557  -6.148  7.324   1.00 8.25  ? 1148 CYS A SG  1 
ATOM   297 N  N   . TYR A 1 43  ? 1.900   -6.159  4.687   1.00 7.69  ? 1149 TYR A N   1 
ATOM   298 C  CA  . TYR A 1 43  ? 1.833   -6.682  3.275   1.00 8.09  ? 1149 TYR A CA  1 
ATOM   299 C  C   . TYR A 1 43  ? 0.626   -7.523  2.981   1.00 8.52  ? 1149 TYR A C   1 
ATOM   300 O  O   . TYR A 1 43  ? 0.582   -8.224  1.971   1.00 8.91  ? 1149 TYR A O   1 
ATOM   301 C  CB  . TYR A 1 43  ? 3.180   -7.299  2.891   1.00 8.46  ? 1149 TYR A CB  1 
ATOM   302 C  CG  . TYR A 1 43  ? 4.185   -6.187  2.778   1.00 7.78  ? 1149 TYR A CG  1 
ATOM   303 C  CD1 . TYR A 1 43  ? 4.306   -5.459  1.616   1.00 8.70  ? 1149 TYR A CD1 1 
ATOM   304 C  CD2 . TYR A 1 43  ? 5.021   -5.815  3.854   1.00 8.01  ? 1149 TYR A CD2 1 
ATOM   305 C  CE1 . TYR A 1 43  ? 5.229   -4.440  1.491   1.00 8.81  ? 1149 TYR A CE1 1 
ATOM   306 C  CE2 . TYR A 1 43  ? 5.894   -4.729  3.756   1.00 8.10  ? 1149 TYR A CE2 1 
ATOM   307 C  CZ  . TYR A 1 43  ? 6.013   -4.048  2.561   1.00 8.43  ? 1149 TYR A CZ  1 
ATOM   308 O  OH  . TYR A 1 43  ? 6.860   -2.970  2.419   1.00 9.76  ? 1149 TYR A OH  1 
ATOM   309 N  N   . GLN A 1 44  ? -0.431  -7.352  3.782   1.00 8.17  ? 1150 GLN A N   1 
ATOM   310 C  CA  . GLN A 1 44  ? -1.752  -7.822  3.458   1.00 8.39  ? 1150 GLN A CA  1 
ATOM   311 C  C   . GLN A 1 44  ? -2.326  -6.869  2.394   1.00 8.25  ? 1150 GLN A C   1 
ATOM   312 O  O   . GLN A 1 44  ? -1.934  -5.715  2.290   1.00 7.58  ? 1150 GLN A O   1 
ATOM   313 C  CB  . GLN A 1 44  ? -2.689  -7.987  4.668   1.00 8.62  ? 1150 GLN A CB  1 
ATOM   314 C  CG  . GLN A 1 44  ? -2.181  -9.099  5.610   1.00 9.90  ? 1150 GLN A CG  1 
ATOM   315 C  CD  . GLN A 1 44  ? -2.825  -9.078  6.992   1.00 10.19 ? 1150 GLN A CD  1 
ATOM   316 O  OE1 . GLN A 1 44  ? -3.956  -8.621  7.200   1.00 12.82 ? 1150 GLN A OE1 1 
ATOM   317 N  NE2 . GLN A 1 44  ? -2.091  -9.639  8.010   1.00 12.61 ? 1150 GLN A NE2 1 
ATOM   318 N  N   . VAL A 1 45  ? -3.172  -7.402  1.537   1.00 7.54  ? 1151 VAL A N   1 
ATOM   319 C  CA  . VAL A 1 45  ? -3.762  -6.660  0.405   1.00 6.84  ? 1151 VAL A CA  1 
ATOM   320 C  C   . VAL A 1 45  ? -5.267  -6.526  0.590   1.00 7.47  ? 1151 VAL A C   1 
ATOM   321 O  O   . VAL A 1 45  ? -5.933  -7.514  0.871   1.00 7.06  ? 1151 VAL A O   1 
ATOM   322 C  CB  . VAL A 1 45  ? -3.443  -7.402  -0.926  1.00 7.29  ? 1151 VAL A CB  1 
ATOM   323 C  CG1 . VAL A 1 45  ? -4.131  -6.743  -2.090  1.00 7.38  ? 1151 VAL A CG1 1 
ATOM   324 C  CG2 . VAL A 1 45  ? -1.951  -7.411  -1.144  1.00 7.51  ? 1151 VAL A CG2 1 
ATOM   325 N  N   . TYR A 1 46  ? -5.771  -5.289  0.489   1.00 7.18  ? 1152 TYR A N   1 
ATOM   326 C  CA  . TYR A 1 46  ? -7.181  -5.004  0.686   1.00 7.27  ? 1152 TYR A CA  1 
ATOM   327 C  C   . TYR A 1 46  ? -7.648  -3.897  -0.271  1.00 7.07  ? 1152 TYR A C   1 
ATOM   328 O  O   . TYR A 1 46  ? -6.852  -3.058  -0.699  1.00 6.70  ? 1152 TYR A O   1 
ATOM   329 C  CB  . TYR A 1 46  ? -7.490  -4.605  2.171   1.00 7.42  ? 1152 TYR A CB  1 
ATOM   330 C  CG  . TYR A 1 46  ? -7.167  -5.670  3.175   1.00 7.89  ? 1152 TYR A CG  1 
ATOM   331 C  CD1 . TYR A 1 46  ? -7.931  -6.836  3.256   1.00 8.19  ? 1152 TYR A CD1 1 
ATOM   332 C  CD2 . TYR A 1 46  ? -6.122  -5.519  4.033   1.00 7.92  ? 1152 TYR A CD2 1 
ATOM   333 C  CE1 . TYR A 1 46  ? -7.638  -7.809  4.164   1.00 8.70  ? 1152 TYR A CE1 1 
ATOM   334 C  CE2 . TYR A 1 46  ? -5.768  -6.513  4.929   1.00 8.96  ? 1152 TYR A CE2 1 
ATOM   335 C  CZ  . TYR A 1 46  ? -6.555  -7.646  5.004   1.00 8.67  ? 1152 TYR A CZ  1 
ATOM   336 O  OH  . TYR A 1 46  ? -6.248  -8.649  5.875   1.00 10.79 ? 1152 TYR A OH  1 
ATOM   337 N  N   . CYS A 1 47  ? -8.947  -3.894  -0.545  1.00 7.21  ? 1153 CYS A N   1 
ATOM   338 C  CA  . CYS A 1 47  ? -9.501  -2.986  -1.518  1.00 7.27  ? 1153 CYS A CA  1 
ATOM   339 C  C   . CYS A 1 47  ? -9.750  -1.535  -1.038  1.00 7.23  ? 1153 CYS A C   1 
ATOM   340 O  O   . CYS A 1 47  ? -9.883  -1.199  0.154   1.00 6.51  ? 1153 CYS A O   1 
ATOM   341 C  CB  . CYS A 1 47  ? -10.780 -3.591  -2.109  1.00 7.72  ? 1153 CYS A CB  1 
ATOM   342 S  SG  . CYS A 1 47  ? -12.202 -3.680  -0.972  1.00 8.14  ? 1153 CYS A SG  1 
ATOM   343 N  N   . GLY A 1 48  ? -9.816  -0.668  -2.056  1.00 7.35  ? 1154 GLY A N   1 
ATOM   344 C  CA  . GLY A 1 48  ? -10.024 0.723   -1.844  1.00 8.16  ? 1154 GLY A CA  1 
ATOM   345 C  C   . GLY A 1 48  ? -11.426 1.137   -1.464  1.00 8.20  ? 1154 GLY A C   1 
ATOM   346 O  O   . GLY A 1 48  ? -12.387 0.351   -1.512  1.00 7.62  ? 1154 GLY A O   1 
ATOM   347 N  N   . ARG A 1 49  ? -11.565 2.402   -1.156  1.00 8.29  ? 1155 ARG A N   1 
ATOM   348 C  CA  . ARG A 1 49  ? -12.798 2.973   -0.627  1.00 9.63  ? 1155 ARG A CA  1 
ATOM   349 C  C   . ARG A 1 49  ? -13.947 2.953   -1.647  1.00 9.81  ? 1155 ARG A C   1 
ATOM   350 O  O   . ARG A 1 49  ? -15.084 2.922   -1.245  1.00 11.43 ? 1155 ARG A O   1 
ATOM   351 C  CB  . ARG A 1 49  ? -12.566 4.430   -0.161  1.00 9.92  ? 1155 ARG A CB  1 
ATOM   352 C  CG  . ARG A 1 49  ? -12.152 5.412   -1.231  1.00 10.89 ? 1155 ARG A CG  1 
ATOM   353 C  CD  . ARG A 1 49  ? -11.537 6.704   -0.685  1.00 12.55 ? 1155 ARG A CD  1 
ATOM   354 N  NE  . ARG A 1 49  ? -11.158 7.604   -1.782  1.00 13.54 ? 1155 ARG A NE  1 
ATOM   355 C  CZ  . ARG A 1 49  ? -10.119 7.440   -2.625  1.00 14.62 ? 1155 ARG A CZ  1 
ATOM   356 N  NH1 . ARG A 1 49  ? -9.896  8.335   -3.591  1.00 15.50 ? 1155 ARG A NH1 1 
ATOM   357 N  NH2 . ARG A 1 49  ? -9.329  6.361   -2.568  1.00 15.99 ? 1155 ARG A NH2 1 
ATOM   358 N  N   . TYR A 1 50  ? -13.651 2.937   -2.937  1.00 9.52  ? 1156 TYR A N   1 
ATOM   359 C  CA  . TYR A 1 50  ? -14.716 2.897   -3.948  1.00 10.37 ? 1156 TYR A CA  1 
ATOM   360 C  C   . TYR A 1 50  ? -15.231 1.475   -4.256  1.00 10.43 ? 1156 TYR A C   1 
ATOM   361 O  O   . TYR A 1 50  ? -16.286 1.324   -4.898  1.00 11.73 ? 1156 TYR A O   1 
ATOM   362 C  CB  . TYR A 1 50  ? -14.323 3.669   -5.233  1.00 10.29 ? 1156 TYR A CB  1 
ATOM   363 C  CG  . TYR A 1 50  ? -14.188 5.167   -4.969  1.00 10.81 ? 1156 TYR A CG  1 
ATOM   364 C  CD1 . TYR A 1 50  ? -15.221 5.872   -4.342  1.00 11.52 ? 1156 TYR A CD1 1 
ATOM   365 C  CD2 . TYR A 1 50  ? -13.055 5.856   -5.327  1.00 11.25 ? 1156 TYR A CD2 1 
ATOM   366 C  CE1 . TYR A 1 50  ? -15.151 7.208   -4.066  1.00 11.85 ? 1156 TYR A CE1 1 
ATOM   367 C  CE2 . TYR A 1 50  ? -12.953 7.210   -5.048  1.00 11.79 ? 1156 TYR A CE2 1 
ATOM   368 C  CZ  . TYR A 1 50  ? -14.016 7.891   -4.406  1.00 12.18 ? 1156 TYR A CZ  1 
ATOM   369 O  OH  . TYR A 1 50  ? -13.954 9.217   -4.136  1.00 13.43 ? 1156 TYR A OH  1 
ATOM   370 N  N   . ILE A 1 51  ? -14.547 0.447   -3.771  1.00 9.77  ? 1157 ILE A N   1 
ATOM   371 C  CA  . ILE A 1 51  ? -15.013 -0.947  -3.930  1.00 9.42  ? 1157 ILE A CA  1 
ATOM   372 C  C   . ILE A 1 51  ? -15.683 -1.250  -2.572  1.00 9.64  ? 1157 ILE A C   1 
ATOM   373 O  O   . ILE A 1 51  ? -16.787 -0.755  -2.314  1.00 9.31  ? 1157 ILE A O   1 
ATOM   374 C  CB  . ILE A 1 51  ? -13.901 -1.920  -4.397  1.00 10.17 ? 1157 ILE A CB  1 
ATOM   375 C  CG1 . ILE A 1 51  ? -13.216 -1.378  -5.639  1.00 9.82  ? 1157 ILE A CG1 1 
ATOM   376 C  CG2 . ILE A 1 51  ? -14.486 -3.306  -4.677  1.00 9.47  ? 1157 ILE A CG2 1 
ATOM   377 C  CD1 . ILE A 1 51  ? -14.067 -1.111  -6.870  1.00 10.92 ? 1157 ILE A CD1 1 
ATOM   378 N  N   . ASN A 1 52  ? -15.002 -1.952  -1.670  1.00 9.14  ? 1158 ASN A N   1 
ATOM   379 C  CA  . ASN A 1 52  ? -15.624 -2.292  -0.382  1.00 9.68  ? 1158 ASN A CA  1 
ATOM   380 C  C   . ASN A 1 52  ? -14.911 -1.738  0.813   1.00 9.50  ? 1158 ASN A C   1 
ATOM   381 O  O   . ASN A 1 52  ? -15.307 -2.034  1.955   1.00 11.02 ? 1158 ASN A O   1 
ATOM   382 C  CB  . ASN A 1 52  ? -15.797 -3.795  -0.259  1.00 10.40 ? 1158 ASN A CB  1 
ATOM   383 C  CG  . ASN A 1 52  ? -16.788 -4.346  -1.280  1.00 10.94 ? 1158 ASN A CG  1 
ATOM   384 O  OD1 . ASN A 1 52  ? -17.896 -3.813  -1.392  1.00 13.54 ? 1158 ASN A OD1 1 
ATOM   385 N  ND2 . ASN A 1 52  ? -16.395 -5.368  -2.027  1.00 11.26 ? 1158 ASN A ND2 1 
ATOM   386 N  N   . GLY A 1 53  ? -13.902 -0.894  0.613   1.00 8.72  ? 1159 GLY A N   1 
ATOM   387 C  CA  . GLY A 1 53  ? -13.290 -0.216  1.747   1.00 8.48  ? 1159 GLY A CA  1 
ATOM   388 C  C   . GLY A 1 53  ? -12.497 -1.057  2.735   1.00 8.35  ? 1159 GLY A C   1 
ATOM   389 O  O   . GLY A 1 53  ? -12.409 -0.686  3.916   1.00 8.89  ? 1159 GLY A O   1 
ATOM   390 N  N   . HIS A 1 54  ? -11.996 -2.211  2.317   1.00 7.96  ? 1160 HIS A N   1 
ATOM   391 C  CA  . HIS A 1 54  ? -11.341 -3.111  3.236   1.00 7.75  ? 1160 HIS A CA  1 
ATOM   392 C  C   . HIS A 1 54  ? -9.995  -2.603  3.725   1.00 7.57  ? 1160 HIS A C   1 
ATOM   393 O  O   . HIS A 1 54  ? -9.585  -2.941  4.827   1.00 8.53  ? 1160 HIS A O   1 
ATOM   394 C  CB  . HIS A 1 54  ? -11.299 -4.551  2.711   1.00 8.27  ? 1160 HIS A CB  1 
ATOM   395 C  CG  . HIS A 1 54  ? -12.646 -5.162  2.685   1.00 8.72  ? 1160 HIS A CG  1 
ATOM   396 N  ND1 . HIS A 1 54  ? -13.239 -5.729  1.567   1.00 8.68  ? 1160 HIS A ND1 1 
ATOM   397 C  CD2 . HIS A 1 54  ? -13.574 -5.202  3.663   1.00 9.17  ? 1160 HIS A CD2 1 
ATOM   398 C  CE1 . HIS A 1 54  ? -14.464 -6.121  1.888   1.00 8.67  ? 1160 HIS A CE1 1 
ATOM   399 N  NE2 . HIS A 1 54  ? -14.702 -5.802  3.148   1.00 9.10  ? 1160 HIS A NE2 1 
ATOM   400 N  N   . MET A 1 55  ? -9.297  -1.796  2.920   1.00 7.25  ? 1161 MET A N   1 
ATOM   401 C  CA  . MET A 1 55  ? -8.014  -1.266  3.379   1.00 7.06  ? 1161 MET A CA  1 
ATOM   402 C  C   . MET A 1 55  ? -8.240  -0.206  4.462   1.00 7.54  ? 1161 MET A C   1 
ATOM   403 O  O   . MET A 1 55  ? -7.476  -0.198  5.450   1.00 8.05  ? 1161 MET A O   1 
ATOM   404 C  CB  . MET A 1 55  ? -7.102  -0.777  2.260   1.00 6.73  ? 1161 MET A CB  1 
ATOM   405 C  CG  . MET A 1 55  ? -5.700  -0.409  2.782   1.00 6.74  ? 1161 MET A CG  1 
ATOM   406 S  SD  . MET A 1 55  ? -4.845  -1.807  3.608   1.00 6.47  ? 1161 MET A SD  1 
ATOM   407 C  CE  . MET A 1 55  ? -4.058  -2.580  2.180   1.00 7.19  ? 1161 MET A CE  1 
ATOM   408 N  N   . LEU A 1 56  ? -9.267  0.618   4.328   1.00 8.43  ? 1162 LEU A N   1 
ATOM   409 C  CA  . LEU A 1 56  ? -9.628  1.555   5.378   1.00 9.53  ? 1162 LEU A CA  1 
ATOM   410 C  C   . LEU A 1 56  ? -9.977  0.781   6.650   1.00 9.12  ? 1162 LEU A C   1 
ATOM   411 O  O   . LEU A 1 56  ? -9.525  1.178   7.779   1.00 9.07  ? 1162 LEU A O   1 
ATOM   412 C  CB  . LEU A 1 56  ? -10.766 2.529   4.938   1.00 11.47 ? 1162 LEU A CB  1 
ATOM   413 C  CG  . LEU A 1 56  ? -11.277 3.533   5.982   1.00 14.13 ? 1162 LEU A CG  1 
ATOM   414 C  CD1 . LEU A 1 56  ? -10.162 4.463   6.435   1.00 14.71 ? 1162 LEU A CD1 1 
ATOM   415 C  CD2 . LEU A 1 56  ? -12.467 4.336   5.465   1.00 15.23 ? 1162 LEU A CD2 1 
ATOM   416 N  N   . GLN A 1 57  ? -10.717 -0.328  6.524   1.00 9.18  ? 1163 GLN A N   1 
ATOM   417 C  CA  . GLN A 1 57  ? -11.017 -1.171  7.682   1.00 10.17 ? 1163 GLN A CA  1 
ATOM   418 C  C   . GLN A 1 57  ? -9.741  -1.727  8.301   1.00 8.65  ? 1163 GLN A C   1 
ATOM   419 O  O   . GLN A 1 57  ? -9.571  -1.738  9.518   1.00 9.39  ? 1163 GLN A O   1 
ATOM   420 C  CB  . GLN A 1 57  ? -11.948 -2.276  7.266   1.00 11.69 ? 1163 GLN A CB  1 
ATOM   421 C  CG  . GLN A 1 57  ? -12.363 -3.246  8.340   1.00 15.55 ? 1163 GLN A CG  1 
ATOM   422 C  CD  . GLN A 1 57  ? -13.202 -4.334  7.733   1.00 18.82 ? 1163 GLN A CD  1 
ATOM   423 O  OE1 . GLN A 1 57  ? -14.163 -4.047  7.019   1.00 20.33 ? 1163 GLN A OE1 1 
ATOM   424 N  NE2 . GLN A 1 57  ? -12.774 -5.581  7.913   1.00 23.37 ? 1163 GLN A NE2 1 
ATOM   425 N  N   . HIS A 1 58  ? -8.819  -2.186  7.466   1.00 7.83  ? 1164 HIS A N   1 
ATOM   426 C  CA  . HIS A 1 58  ? -7.537  -2.699  7.946   1.00 7.35  ? 1164 HIS A CA  1 
ATOM   427 C  C   . HIS A 1 58  ? -6.766  -1.620  8.714   1.00 7.12  ? 1164 HIS A C   1 
ATOM   428 O  O   . HIS A 1 58  ? -6.214  -1.854  9.780   1.00 7.96  ? 1164 HIS A O   1 
ATOM   429 C  CB  . HIS A 1 58  ? -6.665  -3.228  6.793   1.00 7.29  ? 1164 HIS A CB  1 
ATOM   430 C  CG  . HIS A 1 58  ? -5.312  -3.721  7.233   1.00 7.39  ? 1164 HIS A CG  1 
ATOM   431 N  ND1 . HIS A 1 58  ? -5.160  -4.859  8.006   1.00 7.62  ? 1164 HIS A ND1 1 
ATOM   432 C  CD2 . HIS A 1 58  ? -4.064  -3.236  7.031   1.00 7.21  ? 1164 HIS A CD2 1 
ATOM   433 C  CE1 . HIS A 1 58  ? -3.869  -5.063  8.223   1.00 7.30  ? 1164 HIS A CE1 1 
ATOM   434 N  NE2 . HIS A 1 58  ? -3.187  -4.063  7.697   1.00 7.99  ? 1164 HIS A NE2 1 
ATOM   435 N  N   . HIS A 1 59  ? -6.754  -0.440  8.172   1.00 7.30  ? 1165 HIS A N   1 
ATOM   436 C  CA  . HIS A 1 59  ? -6.156  0.666   8.906   1.00 7.07  ? 1165 HIS A CA  1 
ATOM   437 C  C   . HIS A 1 59  ? -6.808  0.812   10.303  1.00 7.72  ? 1165 HIS A C   1 
ATOM   438 O  O   . HIS A 1 59  ? -6.092  1.032   11.302  1.00 7.30  ? 1165 HIS A O   1 
ATOM   439 C  CB  . HIS A 1 59  ? -6.220  2.016   8.158   1.00 7.17  ? 1165 HIS A CB  1 
ATOM   440 C  CG  . HIS A 1 59  ? -5.864  3.153   9.061   1.00 7.34  ? 1165 HIS A CG  1 
ATOM   441 N  ND1 . HIS A 1 59  ? -4.584  3.363   9.522   1.00 7.76  ? 1165 HIS A ND1 1 
ATOM   442 C  CD2 . HIS A 1 59  ? -6.637  4.095   9.652   1.00 7.36  ? 1165 HIS A CD2 1 
ATOM   443 C  CE1 . HIS A 1 59  ? -4.580  4.384   10.354  1.00 7.62  ? 1165 HIS A CE1 1 
ATOM   444 N  NE2 . HIS A 1 59  ? -5.809  4.866   10.440  1.00 7.83  ? 1165 HIS A NE2 1 
ATOM   445 N  N   . GLY A 1 60  ? -8.146  0.755   10.367  1.00 7.62  ? 1166 GLY A N   1 
ATOM   446 C  CA  . GLY A 1 60  ? -8.808  0.959   11.647  1.00 7.64  ? 1166 GLY A CA  1 
ATOM   447 C  C   . GLY A 1 60  ? -8.528  -0.145  12.630  1.00 7.89  ? 1166 GLY A C   1 
ATOM   448 O  O   . GLY A 1 60  ? -8.435  0.115   13.825  1.00 8.77  ? 1166 GLY A O   1 
ATOM   449 N  N   . ASN A 1 61  ? -8.426  -1.377  12.137  1.00 8.31  ? 1167 ASN A N   1 
ATOM   450 C  CA  . ASN A 1 61  ? -8.273  -2.520  13.055  1.00 8.66  ? 1167 ASN A CA  1 
ATOM   451 C  C   . ASN A 1 61  ? -6.864  -2.906  13.392  1.00 8.29  ? 1167 ASN A C   1 
ATOM   452 O  O   . ASN A 1 61  ? -6.666  -3.741  14.297  1.00 8.00  ? 1167 ASN A O   1 
ATOM   453 C  CB  . ASN A 1 61  ? -9.104  -3.713  12.610  1.00 9.59  ? 1167 ASN A CB  1 
ATOM   454 C  CG  . ASN A 1 61  ? -8.554  -4.404  11.386  1.00 9.68  ? 1167 ASN A CG  1 
ATOM   455 O  OD1 . ASN A 1 61  ? -7.330  -4.492  11.197  1.00 10.76 ? 1167 ASN A OD1 1 
ATOM   456 N  ND2 . ASN A 1 61  ? -9.467  -5.056  10.593  1.00 10.97 ? 1167 ASN A ND2 1 
ATOM   457 N  N   . SER A 1 62  ? -5.877  -2.308  12.719  1.00 7.98  ? 1168 SER A N   1 
ATOM   458 C  CA  . SER A 1 62  ? -4.460  -2.597  12.937  1.00 7.96  ? 1168 SER A CA  1 
ATOM   459 C  C   . SER A 1 62  ? -3.649  -1.366  13.351  1.00 7.32  ? 1168 SER A C   1 
ATOM   460 O  O   . SER A 1 62  ? -2.582  -1.487  13.995  1.00 7.49  ? 1168 SER A O   1 
ATOM   461 C  CB  . SER A 1 62  ? -3.830  -3.210  11.668  1.00 8.63  ? 1168 SER A CB  1 
ATOM   462 O  OG  . SER A 1 62  ? -3.697  -2.259  10.640  1.00 8.52  ? 1168 SER A OG  1 
ATOM   463 N  N   . GLY A 1 63  ? -4.149  -0.204  12.947  1.00 7.61  ? 1169 GLY A N   1 
ATOM   464 C  CA  . GLY A 1 63  ? -3.417  1.049   13.039  1.00 7.83  ? 1169 GLY A CA  1 
ATOM   465 C  C   . GLY A 1 63  ? -2.306  1.229   12.024  1.00 7.21  ? 1169 GLY A C   1 
ATOM   466 O  O   . GLY A 1 63  ? -1.619  2.227   12.051  1.00 7.58  ? 1169 GLY A O   1 
ATOM   467 N  N   . HIS A 1 64  ? -2.141  0.297   11.079  1.00 6.76  ? 1170 HIS A N   1 
ATOM   468 C  CA  . HIS A 1 64  ? -1.070  0.455   10.130  1.00 6.41  ? 1170 HIS A CA  1 
ATOM   469 C  C   . HIS A 1 64  ? -1.302  1.693   9.259   1.00 6.25  ? 1170 HIS A C   1 
ATOM   470 O  O   . HIS A 1 64  ? -2.394  1.913   8.761   1.00 6.19  ? 1170 HIS A O   1 
ATOM   471 C  CB  . HIS A 1 64  ? -0.896  -0.803  9.280   1.00 6.73  ? 1170 HIS A CB  1 
ATOM   472 C  CG  . HIS A 1 64  ? -0.526  -1.999  10.087  1.00 7.07  ? 1170 HIS A CG  1 
ATOM   473 N  ND1 . HIS A 1 64  ? -0.595  -3.307  9.620   1.00 6.93  ? 1170 HIS A ND1 1 
ATOM   474 C  CD2 . HIS A 1 64  ? 0.002   -2.083  11.334  1.00 7.51  ? 1170 HIS A CD2 1 
ATOM   475 C  CE1 . HIS A 1 64  ? -0.205  -4.130  10.580  1.00 8.07  ? 1170 HIS A CE1 1 
ATOM   476 N  NE2 . HIS A 1 64  ? 0.209   -3.411  11.607  1.00 7.61  ? 1170 HIS A NE2 1 
ATOM   477 N  N   . PRO A 1 65  ? -0.241  2.492   9.075   1.00 6.23  ? 1171 PRO A N   1 
ATOM   478 C  CA  . PRO A 1 65  ? -0.398  3.803   8.478   1.00 5.94  ? 1171 PRO A CA  1 
ATOM   479 C  C   . PRO A 1 65  ? -0.431  3.928   6.974   1.00 5.80  ? 1171 PRO A C   1 
ATOM   480 O  O   . PRO A 1 65  ? -1.235  4.692   6.450   1.00 5.47  ? 1171 PRO A O   1 
ATOM   481 C  CB  . PRO A 1 65  ? 0.834   4.560   8.982   1.00 6.04  ? 1171 PRO A CB  1 
ATOM   482 C  CG  . PRO A 1 65  ? 1.844   3.522   9.241   1.00 6.31  ? 1171 PRO A CG  1 
ATOM   483 C  CD  . PRO A 1 65  ? 1.069   2.353   9.747   1.00 6.20  ? 1171 PRO A CD  1 
ATOM   484 N  N   . LEU A 1 66  ? 0.495   3.253   6.313   1.00 5.90  ? 1172 LEU A N   1 
ATOM   485 C  CA  . LEU A 1 66  ? 0.848   3.570   4.907   1.00 6.21  ? 1172 LEU A CA  1 
ATOM   486 C  C   . LEU A 1 66  ? 0.561   2.399   4.001   1.00 6.49  ? 1172 LEU A C   1 
ATOM   487 O  O   . LEU A 1 66  ? 0.913   1.245   4.317   1.00 6.71  ? 1172 LEU A O   1 
ATOM   488 C  CB  . LEU A 1 66  ? 2.340   3.926   4.786   1.00 6.60  ? 1172 LEU A CB  1 
ATOM   489 C  CG  . LEU A 1 66  ? 2.671   5.355   5.182   1.00 6.55  ? 1172 LEU A CG  1 
ATOM   490 C  CD1 . LEU A 1 66  ? 4.051   5.468   5.794   1.00 6.72  ? 1172 LEU A CD1 1 
ATOM   491 C  CD2 . LEU A 1 66  ? 2.590   6.322   4.007   1.00 6.62  ? 1172 LEU A CD2 1 
ATOM   492 N  N   . VAL A 1 67  ? -0.083  2.720   2.879   1.00 6.60  ? 1173 VAL A N   1 
ATOM   493 C  CA  . VAL A 1 67  ? -0.514  1.708   1.922   1.00 6.88  ? 1173 VAL A CA  1 
ATOM   494 C  C   . VAL A 1 67  ? -0.118  2.160   0.515   1.00 7.26  ? 1173 VAL A C   1 
ATOM   495 O  O   . VAL A 1 67  ? -0.082  3.365   0.242   1.00 7.29  ? 1173 VAL A O   1 
ATOM   496 C  CB  . VAL A 1 67  ? -2.035  1.452   2.082   1.00 6.64  ? 1173 VAL A CB  1 
ATOM   497 C  CG1 . VAL A 1 67  ? -2.306  0.903   3.465   1.00 6.80  ? 1173 VAL A CG1 1 
ATOM   498 C  CG2 . VAL A 1 67  ? -2.906  2.705   1.824   1.00 6.51  ? 1173 VAL A CG2 1 
ATOM   499 N  N   . LEU A 1 68  ? 0.161   1.175   -0.351  1.00 7.04  ? 1174 LEU A N   1 
ATOM   500 C  CA  . LEU A 1 68  ? 0.656   1.415   -1.727  1.00 7.80  ? 1174 LEU A CA  1 
ATOM   501 C  C   . LEU A 1 68  ? -0.419  0.912   -2.699  1.00 7.43  ? 1174 LEU A C   1 
ATOM   502 O  O   . LEU A 1 68  ? -0.868  -0.240  -2.572  1.00 6.91  ? 1174 LEU A O   1 
ATOM   503 C  CB  . LEU A 1 68  ? 1.982   0.659   -1.980  1.00 8.79  ? 1174 LEU A CB  1 
ATOM   504 C  CG  . LEU A 1 68  ? 2.627   0.669   -3.380  1.00 10.04 ? 1174 LEU A CG  1 
ATOM   505 C  CD1 . LEU A 1 68  ? 3.062   2.064   -3.742  1.00 11.91 ? 1174 LEU A CD1 1 
ATOM   506 C  CD2 . LEU A 1 68  ? 3.816   -0.276  -3.505  1.00 11.71 ? 1174 LEU A CD2 1 
ATOM   507 N  N   . SER A 1 69  ? -0.740  1.739   -3.700  1.00 7.00  ? 1175 SER A N   1 
ATOM   508 C  CA  . SER A 1 69  ? -1.776  1.413   -4.692  1.00 7.07  ? 1175 SER A CA  1 
ATOM   509 C  C   . SER A 1 69  ? -1.223  0.525   -5.764  1.00 7.32  ? 1175 SER A C   1 
ATOM   510 O  O   . SER A 1 69  ? -0.218  0.851   -6.433  1.00 7.23  ? 1175 SER A O   1 
ATOM   511 C  CB  . SER A 1 69  ? -2.272  2.683   -5.354  1.00 7.08  ? 1175 SER A CB  1 
ATOM   512 O  OG  . SER A 1 69  ? -3.147  2.325   -6.430  1.00 7.04  ? 1175 SER A OG  1 
ATOM   513 N  N   . TYR A 1 70  ? -1.950  -0.567  -6.032  1.00 7.69  ? 1176 TYR A N   1 
ATOM   514 C  CA  . TYR A 1 70  ? -1.612  -1.413  -7.161  1.00 8.13  ? 1176 TYR A CA  1 
ATOM   515 C  C   . TYR A 1 70  ? -2.170  -0.906  -8.481  1.00 8.93  ? 1176 TYR A C   1 
ATOM   516 O  O   . TYR A 1 70  ? -1.984  -1.565  -9.513  1.00 9.51  ? 1176 TYR A O   1 
ATOM   517 C  CB  . TYR A 1 70  ? -2.058  -2.851  -6.865  1.00 7.76  ? 1176 TYR A CB  1 
ATOM   518 C  CG  . TYR A 1 70  ? -1.158  -3.630  -5.922  1.00 7.36  ? 1176 TYR A CG  1 
ATOM   519 C  CD1 . TYR A 1 70  ? 0.160   -3.242  -5.672  1.00 7.73  ? 1176 TYR A CD1 1 
ATOM   520 C  CD2 . TYR A 1 70  ? -1.633  -4.794  -5.271  1.00 7.32  ? 1176 TYR A CD2 1 
ATOM   521 C  CE1 . TYR A 1 70  ? 0.977   -3.991  -4.865  1.00 7.33  ? 1176 TYR A CE1 1 
ATOM   522 C  CE2 . TYR A 1 70  ? -0.778  -5.554  -4.479  1.00 7.45  ? 1176 TYR A CE2 1 
ATOM   523 C  CZ  . TYR A 1 70  ? 0.515   -5.128  -4.278  1.00 7.24  ? 1176 TYR A CZ  1 
ATOM   524 O  OH  . TYR A 1 70  ? 1.369   -5.918  -3.514  1.00 8.43  ? 1176 TYR A OH  1 
ATOM   525 N  N   . ILE A 1 71  ? -2.844  0.235   -8.479  1.00 9.53  ? 1177 ILE A N   1 
ATOM   526 C  CA  . ILE A 1 71  ? -3.224  0.909   -9.738  1.00 10.30 ? 1177 ILE A CA  1 
ATOM   527 C  C   . ILE A 1 71  ? -2.114  1.837   -10.181 1.00 10.24 ? 1177 ILE A C   1 
ATOM   528 O  O   . ILE A 1 71  ? -1.636  1.754   -11.304 1.00 10.31 ? 1177 ILE A O   1 
ATOM   529 C  CB  . ILE A 1 71  ? -4.562  1.670   -9.569  1.00 11.47 ? 1177 ILE A CB  1 
ATOM   530 C  CG1 . ILE A 1 71  ? -5.690  0.645   -9.449  1.00 12.41 ? 1177 ILE A CG1 1 
ATOM   531 C  CG2 . ILE A 1 71  ? -4.803  2.604   -10.762 1.00 11.43 ? 1177 ILE A CG2 1 
ATOM   532 C  CD1 . ILE A 1 71  ? -7.014  1.220   -9.040  1.00 13.11 ? 1177 ILE A CD1 1 
ATOM   533 N  N   . ASP A 1 72  ? -1.670  2.750   -9.317  1.00 11.07 ? 1178 ASP A N   1 
ATOM   534 C  CA  . ASP A 1 72  ? -0.719  3.747   -9.766  1.00 12.28 ? 1178 ASP A CA  1 
ATOM   535 C  C   . ASP A 1 72  ? 0.555   3.907   -8.924  1.00 11.50 ? 1178 ASP A C   1 
ATOM   536 O  O   . ASP A 1 72  ? 1.313   4.845   -9.157  1.00 12.94 ? 1178 ASP A O   1 
ATOM   537 C  CB  . ASP A 1 72  ? -1.446  5.083   -9.912  1.00 13.93 ? 1178 ASP A CB  1 
ATOM   538 C  CG  . ASP A 1 72  ? -1.774  5.711   -8.580  1.00 15.33 ? 1178 ASP A CG  1 
ATOM   539 O  OD1 . ASP A 1 72  ? -1.602  5.078   -7.504  1.00 12.62 ? 1178 ASP A OD1 1 
ATOM   540 O  OD2 . ASP A 1 72  ? -2.252  6.844   -8.586  1.00 20.46 ? 1178 ASP A OD2 1 
ATOM   541 N  N   . LEU A 1 73  ? 0.768   3.032   -7.939  1.00 10.52 ? 1179 LEU A N   1 
ATOM   542 C  CA  . LEU A 1 73  ? 1.979   2.980   -7.133  1.00 10.80 ? 1179 LEU A CA  1 
ATOM   543 C  C   . LEU A 1 73  ? 2.178   4.218   -6.281  1.00 10.36 ? 1179 LEU A C   1 
ATOM   544 O  O   . LEU A 1 73  ? 3.303   4.458   -5.811  1.00 11.36 ? 1179 LEU A O   1 
ATOM   545 C  CB  . LEU A 1 73  ? 3.210   2.710   -7.993  1.00 10.85 ? 1179 LEU A CB  1 
ATOM   546 C  CG  . LEU A 1 73  ? 3.095   1.530   -8.967  1.00 11.13 ? 1179 LEU A CG  1 
ATOM   547 C  CD1 . LEU A 1 73  ? 4.371   1.337   -9.738  1.00 11.09 ? 1179 LEU A CD1 1 
ATOM   548 C  CD2 . LEU A 1 73  ? 2.673   0.219   -8.317  1.00 10.94 ? 1179 LEU A CD2 1 
ATOM   549 N  N   . SER A 1 74  ? 1.120   4.955   -6.026  1.00 9.80  ? 1180 SER A N   1 
ATOM   550 C  CA  . SER A 1 74  ? 1.191   5.993   -5.014  1.00 9.52  ? 1180 SER A CA  1 
ATOM   551 C  C   . SER A 1 74  ? 1.054   5.369   -3.614  1.00 8.90  ? 1180 SER A C   1 
ATOM   552 O  O   . SER A 1 74  ? 0.403   4.342   -3.431  1.00 9.54  ? 1180 SER A O   1 
ATOM   553 C  CB  . SER A 1 74  ? 0.058   6.998   -5.200  1.00 10.76 ? 1180 SER A CB  1 
ATOM   554 O  OG  . SER A 1 74  ? -1.217  6.394   -5.115  1.00 12.15 ? 1180 SER A OG  1 
ATOM   555 N  N   . ALA A 1 75  ? 1.506   6.103   -2.629  1.00 7.78  ? 1181 ALA A N   1 
ATOM   556 C  CA  . ALA A 1 75  ? 1.428   5.687   -1.229  1.00 7.22  ? 1181 ALA A CA  1 
ATOM   557 C  C   . ALA A 1 75  ? 0.644   6.702   -0.427  1.00 7.48  ? 1181 ALA A C   1 
ATOM   558 O  O   . ALA A 1 75  ? 0.968   7.919   -0.431  1.00 8.82  ? 1181 ALA A O   1 
ATOM   559 C  CB  . ALA A 1 75  ? 2.828   5.614   -0.639  1.00 7.01  ? 1181 ALA A CB  1 
ATOM   560 N  N   . TRP A 1 76  ? -0.364  6.212   0.283   1.00 6.55  ? 1182 TRP A N   1 
ATOM   561 C  CA  . TRP A 1 76  ? -1.261  7.022   1.119   1.00 6.86  ? 1182 TRP A CA  1 
ATOM   562 C  C   . TRP A 1 76  ? -1.006  6.712   2.575   1.00 7.02  ? 1182 TRP A C   1 
ATOM   563 O  O   . TRP A 1 76  ? -0.868  5.557   2.973   1.00 6.13  ? 1182 TRP A O   1 
ATOM   564 C  CB  . TRP A 1 76  ? -2.721  6.687   0.818   1.00 7.57  ? 1182 TRP A CB  1 
ATOM   565 C  CG  . TRP A 1 76  ? -3.757  7.428   1.607   1.00 7.64  ? 1182 TRP A CG  1 
ATOM   566 C  CD1 . TRP A 1 76  ? -4.448  6.986   2.699   1.00 8.02  ? 1182 TRP A CD1 1 
ATOM   567 C  CD2 . TRP A 1 76  ? -4.216  8.757   1.352   1.00 7.82  ? 1182 TRP A CD2 1 
ATOM   568 N  NE1 . TRP A 1 76  ? -5.336  7.946   3.119   1.00 7.76  ? 1182 TRP A NE1 1 
ATOM   569 C  CE2 . TRP A 1 76  ? -5.209  9.050   2.310   1.00 8.08  ? 1182 TRP A CE2 1 
ATOM   570 C  CE3 . TRP A 1 76  ? -3.879  9.722   0.393   1.00 8.28  ? 1182 TRP A CE3 1 
ATOM   571 C  CZ2 . TRP A 1 76  ? -5.902  10.283  2.317   1.00 8.11  ? 1182 TRP A CZ2 1 
ATOM   572 C  CZ3 . TRP A 1 76  ? -4.574  10.970  0.417   1.00 8.56  ? 1182 TRP A CZ3 1 
ATOM   573 C  CH2 . TRP A 1 76  ? -5.543  11.222  1.386   1.00 8.45  ? 1182 TRP A CH2 1 
ATOM   574 N  N   . CYS A 1 77  ? -0.961  7.761   3.381   1.00 6.58  ? 1183 CYS A N   1 
ATOM   575 C  CA  . CYS A 1 77  ? -0.914  7.608   4.827   1.00 6.77  ? 1183 CYS A CA  1 
ATOM   576 C  C   . CYS A 1 77  ? -2.273  7.957   5.385   1.00 6.96  ? 1183 CYS A C   1 
ATOM   577 O  O   . CYS A 1 77  ? -2.769  9.084   5.211   1.00 7.66  ? 1183 CYS A O   1 
ATOM   578 C  CB  . CYS A 1 77  ? 0.132   8.530   5.502   1.00 6.83  ? 1183 CYS A CB  1 
ATOM   579 S  SG  . CYS A 1 77  ? 0.103   8.376   7.313   1.00 6.24  ? 1183 CYS A SG  1 
ATOM   580 N  N   . TYR A 1 78  ? -2.884  7.012   6.100   1.00 6.82  ? 1184 TYR A N   1 
ATOM   581 C  CA  . TYR A 1 78  ? -4.237  7.258   6.673   1.00 7.17  ? 1184 TYR A CA  1 
ATOM   582 C  C   . TYR A 1 78  ? -4.262  8.215   7.876   1.00 7.51  ? 1184 TYR A C   1 
ATOM   583 O  O   . TYR A 1 78  ? -5.319  8.776   8.200   1.00 8.57  ? 1184 TYR A O   1 
ATOM   584 C  CB  . TYR A 1 78  ? -4.896  5.941   7.103   1.00 7.17  ? 1184 TYR A CB  1 
ATOM   585 C  CG  . TYR A 1 78  ? -5.388  5.033   5.970   1.00 7.22  ? 1184 TYR A CG  1 
ATOM   586 C  CD1 . TYR A 1 78  ? -6.602  5.290   5.297   1.00 7.90  ? 1184 TYR A CD1 1 
ATOM   587 C  CD2 . TYR A 1 78  ? -4.646  3.937   5.541   1.00 7.16  ? 1184 TYR A CD2 1 
ATOM   588 C  CE1 . TYR A 1 78  ? -7.048  4.473   4.311   1.00 7.75  ? 1184 TYR A CE1 1 
ATOM   589 C  CE2 . TYR A 1 78  ? -5.105  3.124   4.534   1.00 7.65  ? 1184 TYR A CE2 1 
ATOM   590 C  CZ  . TYR A 1 78  ? -6.313  3.401   3.928   1.00 7.40  ? 1184 TYR A CZ  1 
ATOM   591 O  OH  . TYR A 1 78  ? -6.695  2.603   2.922   1.00 7.52  ? 1184 TYR A OH  1 
ATOM   592 N  N   . TYR A 1 79  ? -3.132  8.381   8.566   1.00 7.70  ? 1185 TYR A N   1 
ATOM   593 C  CA  . TYR A 1 79  ? -3.043  9.328   9.679   1.00 8.27  ? 1185 TYR A CA  1 
ATOM   594 C  C   . TYR A 1 79  ? -2.895  10.748  9.147   1.00 8.64  ? 1185 TYR A C   1 
ATOM   595 O  O   . TYR A 1 79  ? -3.644  11.659  9.526   1.00 9.51  ? 1185 TYR A O   1 
ATOM   596 C  CB  . TYR A 1 79  ? -1.874  8.999   10.574  1.00 8.66  ? 1185 TYR A CB  1 
ATOM   597 C  CG  . TYR A 1 79  ? -2.012  7.744   11.385  1.00 8.64  ? 1185 TYR A CG  1 
ATOM   598 C  CD1 . TYR A 1 79  ? -2.740  7.727   12.563  1.00 9.81  ? 1185 TYR A CD1 1 
ATOM   599 C  CD2 . TYR A 1 79  ? -1.375  6.571   10.993  1.00 8.99  ? 1185 TYR A CD2 1 
ATOM   600 C  CE1 . TYR A 1 79  ? -2.821  6.556   13.324  1.00 9.39  ? 1185 TYR A CE1 1 
ATOM   601 C  CE2 . TYR A 1 79  ? -1.450  5.419   11.756  1.00 8.83  ? 1185 TYR A CE2 1 
ATOM   602 C  CZ  . TYR A 1 79  ? -2.179  5.419   12.888  1.00 9.26  ? 1185 TYR A CZ  1 
ATOM   603 O  OH  . TYR A 1 79  ? -2.248  4.265   13.632  1.00 9.26  ? 1185 TYR A OH  1 
ATOM   604 N  N   . CYS A 1 80  ? -1.923  10.943  8.266   1.00 8.47  ? 1186 CYS A N   1 
ATOM   605 C  CA  . CYS A 1 80  ? -1.653  12.243  7.673   1.00 8.36  ? 1186 CYS A CA  1 
ATOM   606 C  C   . CYS A 1 80  ? -2.733  12.631  6.614   1.00 8.75  ? 1186 CYS A C   1 
ATOM   607 O  O   . CYS A 1 80  ? -2.864  13.792  6.278   1.00 10.03 ? 1186 CYS A O   1 
ATOM   608 C  CB  . CYS A 1 80  ? -0.234  12.249  7.088   1.00 8.34  ? 1186 CYS A CB  1 
ATOM   609 S  SG  . CYS A 1 80  ? 1.049   11.983  8.324   1.00 8.24  ? 1186 CYS A SG  1 
ATOM   610 N  N   . GLN A 1 81  ? -3.501  11.667  6.118   1.00 8.54  ? 1187 GLN A N   1 
ATOM   611 C  CA  . GLN A 1 81  ? -4.504  11.913  5.068   1.00 9.67  ? 1187 GLN A CA  1 
ATOM   612 C  C   . GLN A 1 81  ? -3.862  12.632  3.892   1.00 9.10  ? 1187 GLN A C   1 
ATOM   613 O  O   . GLN A 1 81  ? -4.324  13.684  3.436   1.00 10.19 ? 1187 GLN A O   1 
ATOM   614 C  CB  . GLN A 1 81  ? -5.743  12.612  5.613   1.00 11.30 ? 1187 GLN A CB  1 
ATOM   615 C  CG  . GLN A 1 81  ? -6.419  11.801  6.662   1.00 13.85 ? 1187 GLN A CG  1 
ATOM   616 C  CD  . GLN A 1 81  ? -7.592  12.543  7.206   1.00 16.34 ? 1187 GLN A CD  1 
ATOM   617 O  OE1 . GLN A 1 81  ? -7.496  13.208  8.212   1.00 23.36 ? 1187 GLN A OE1 1 
ATOM   618 N  NE2 . GLN A 1 81  ? -8.676  12.471  6.508   1.00 21.01 ? 1187 GLN A NE2 1 
ATOM   619 N  N   . ALA A 1 82  ? -2.802  12.007  3.378   1.00 8.53  ? 1188 ALA A N   1 
ATOM   620 C  CA  . ALA A 1 82  ? -2.064  12.560  2.251   1.00 8.26  ? 1188 ALA A CA  1 
ATOM   621 C  C   . ALA A 1 82  ? -1.270  11.464  1.586   1.00 8.41  ? 1188 ALA A C   1 
ATOM   622 O  O   . ALA A 1 82  ? -0.893  10.478  2.194   1.00 8.44  ? 1188 ALA A O   1 
ATOM   623 C  CB  . ALA A 1 82  ? -1.091  13.634  2.730   1.00 9.25  ? 1188 ALA A CB  1 
ATOM   624 N  N   . TYR A 1 83  ? -0.884  11.739  0.360   1.00 8.87  ? 1189 TYR A N   1 
ATOM   625 C  CA  . TYR A 1 83  ? 0.107   10.952  -0.324  1.00 8.38  ? 1189 TYR A CA  1 
ATOM   626 C  C   . TYR A 1 83  ? 1.505   11.367  0.132   1.00 7.93  ? 1189 TYR A C   1 
ATOM   627 O  O   . TYR A 1 83  ? 1.731   12.519  0.453   1.00 8.42  ? 1189 TYR A O   1 
ATOM   628 C  CB  . TYR A 1 83  ? -0.010  11.122  -1.820  1.00 8.39  ? 1189 TYR A CB  1 
ATOM   629 C  CG  . TYR A 1 83  ? -1.263  10.518  -2.384  1.00 9.12  ? 1189 TYR A CG  1 
ATOM   630 C  CD1 . TYR A 1 83  ? -1.395  9.130   -2.512  1.00 9.72  ? 1189 TYR A CD1 1 
ATOM   631 C  CD2 . TYR A 1 83  ? -2.320  11.340  -2.800  1.00 9.59  ? 1189 TYR A CD2 1 
ATOM   632 C  CE1 . TYR A 1 83  ? -2.559  8.593   -3.060  1.00 10.78 ? 1189 TYR A CE1 1 
ATOM   633 C  CE2 . TYR A 1 83  ? -3.462  10.805  -3.343  1.00 10.95 ? 1189 TYR A CE2 1 
ATOM   634 C  CZ  . TYR A 1 83  ? -3.578  9.441   -3.440  1.00 11.13 ? 1189 TYR A CZ  1 
ATOM   635 O  OH  . TYR A 1 83  ? -4.743  8.938   -4.003  1.00 13.38 ? 1189 TYR A OH  1 
ATOM   636 N  N   . VAL A 1 84  ? 2.412   10.416  0.138   1.00 7.59  ? 1190 VAL A N   1 
ATOM   637 C  CA  . VAL A 1 84  ? 3.794   10.603  0.615   1.00 7.47  ? 1190 VAL A CA  1 
ATOM   638 C  C   . VAL A 1 84  ? 4.742   9.996   -0.400  1.00 7.81  ? 1190 VAL A C   1 
ATOM   639 O  O   . VAL A 1 84  ? 4.495   8.904   -0.941  1.00 7.73  ? 1190 VAL A O   1 
ATOM   640 C  CB  . VAL A 1 84  ? 4.012   9.934   2.008   1.00 7.05  ? 1190 VAL A CB  1 
ATOM   641 C  CG1 . VAL A 1 84  ? 5.419   10.248  2.500   1.00 7.13  ? 1190 VAL A CG1 1 
ATOM   642 C  CG2 . VAL A 1 84  ? 2.976   10.396  3.012   1.00 6.93  ? 1190 VAL A CG2 1 
ATOM   643 N  N   . HIS A 1 85  ? 5.840   10.690  -0.731  1.00 8.62  ? 1191 HIS A N   1 
ATOM   644 C  CA  . HIS A 1 85  ? 6.899   10.014  -1.450  1.00 9.32  ? 1191 HIS A CA  1 
ATOM   645 C  C   . HIS A 1 85  ? 8.200   10.324  -0.749  1.00 9.02  ? 1191 HIS A C   1 
ATOM   646 O  O   . HIS A 1 85  ? 8.476   11.466  -0.383  1.00 9.52  ? 1191 HIS A O   1 
ATOM   647 C  CB  . HIS A 1 85  ? 6.987   10.425  -2.920  1.00 10.31 ? 1191 HIS A CB  1 
ATOM   648 C  CG  . HIS A 1 85  ? 8.096   9.726   -3.652  1.00 11.04 ? 1191 HIS A CG  1 
ATOM   649 N  ND1 . HIS A 1 85  ? 8.068   8.357   -3.896  1.00 11.32 ? 1191 HIS A ND1 1 
ATOM   650 C  CD2 . HIS A 1 85  ? 9.328   10.146  -4.027  1.00 11.21 ? 1191 HIS A CD2 1 
ATOM   651 C  CE1 . HIS A 1 85  ? 9.206   8.003   -4.463  1.00 11.42 ? 1191 HIS A CE1 1 
ATOM   652 N  NE2 . HIS A 1 85  ? 9.996   9.066   -4.530  1.00 12.19 ? 1191 HIS A NE2 1 
ATOM   653 N  N   . HIS A 1 86  ? 9.035   9.308   -0.629  1.00 8.65  ? 1192 HIS A N   1 
ATOM   654 C  CA  . HIS A 1 86  ? 10.286  9.449   0.132   1.00 8.87  ? 1192 HIS A CA  1 
ATOM   655 C  C   . HIS A 1 86  ? 11.164  8.297   -0.225  1.00 9.87  ? 1192 HIS A C   1 
ATOM   656 O  O   . HIS A 1 86  ? 10.714  7.261   -0.675  1.00 9.46  ? 1192 HIS A O   1 
ATOM   657 C  CB  . HIS A 1 86  ? 9.954   9.474   1.630   1.00 8.84  ? 1192 HIS A CB  1 
ATOM   658 C  CG  . HIS A 1 86  ? 11.130  9.612   2.579   1.00 8.80  ? 1192 HIS A CG  1 
ATOM   659 N  ND1 . HIS A 1 86  ? 11.882  8.542   3.024   1.00 9.74  ? 1192 HIS A ND1 1 
ATOM   660 C  CD2 . HIS A 1 86  ? 11.561  10.688  3.292   1.00 9.16  ? 1192 HIS A CD2 1 
ATOM   661 C  CE1 . HIS A 1 86  ? 12.785  8.966   3.898   1.00 9.48  ? 1192 HIS A CE1 1 
ATOM   662 N  NE2 . HIS A 1 86  ? 12.623  10.273  4.063   1.00 10.12 ? 1192 HIS A NE2 1 
ATOM   663 N  N   . GLN A 1 87  ? 12.464  8.461   -0.014  1.00 11.22 ? 1193 GLN A N   1 
ATOM   664 C  CA  . GLN A 1 87  ? 13.419  7.359   -0.217  1.00 12.62 ? 1193 GLN A CA  1 
ATOM   665 C  C   . GLN A 1 87  ? 12.992  6.000   0.375   1.00 12.06 ? 1193 GLN A C   1 
ATOM   666 O  O   . GLN A 1 87  ? 13.231  4.946   -0.251  1.00 12.56 ? 1193 GLN A O   1 
ATOM   667 C  CB  . GLN A 1 87  ? 14.767  7.773   0.394   1.00 15.70 ? 1193 GLN A CB  1 
ATOM   668 C  CG  . GLN A 1 87  ? 15.931  6.838   0.011   1.00 17.81 ? 1193 GLN A CG  1 
ATOM   669 C  CD  . GLN A 1 87  ? 16.094  5.600   0.909   1.00 21.66 ? 1193 GLN A CD  1 
ATOM   670 O  OE1 . GLN A 1 87  ? 15.647  5.562   2.076   1.00 24.67 ? 1193 GLN A OE1 1 
ATOM   671 N  NE2 . GLN A 1 87  ? 16.771  4.583   0.368   1.00 25.76 ? 1193 GLN A NE2 1 
ATOM   672 N  N   . ALA A 1 88  ? 12.355  6.014   1.541   1.00 11.04 ? 1194 ALA A N   1 
ATOM   673 C  CA  . ALA A 1 88  ? 11.982  4.816   2.275   1.00 10.54 ? 1194 ALA A CA  1 
ATOM   674 C  C   . ALA A 1 88  ? 10.969  4.006   1.483   1.00 10.90 ? 1194 ALA A C   1 
ATOM   675 O  O   . ALA A 1 88  ? 10.767  2.813   1.769   1.00 12.68 ? 1194 ALA A O   1 
ATOM   676 C  CB  . ALA A 1 88  ? 11.442  5.159   3.665   1.00 10.46 ? 1194 ALA A CB  1 
ATOM   677 N  N   . LEU A 1 89  ? 10.305  4.677   0.547   1.00 10.68 ? 1195 LEU A N   1 
ATOM   678 C  CA  . LEU A 1 89  ? 9.293   4.038   -0.306  1.00 10.69 ? 1195 LEU A CA  1 
ATOM   679 C  C   . LEU A 1 89  ? 9.771   3.639   -1.698  1.00 11.28 ? 1195 LEU A C   1 
ATOM   680 O  O   . LEU A 1 89  ? 8.996   3.027   -2.481  1.00 9.50  ? 1195 LEU A O   1 
ATOM   681 C  CB  . LEU A 1 89  ? 8.095   5.003   -0.493  1.00 10.68 ? 1195 LEU A CB  1 
ATOM   682 C  CG  . LEU A 1 89  ? 7.436   5.509   0.790   1.00 11.87 ? 1195 LEU A CG  1 
ATOM   683 C  CD1 . LEU A 1 89  ? 6.422   6.602   0.538   1.00 11.17 ? 1195 LEU A CD1 1 
ATOM   684 C  CD2 . LEU A 1 89  ? 6.750   4.399   1.577   1.00 12.94 ? 1195 LEU A CD2 1 
ATOM   685 N  N   . LEU A 1 90  ? 11.023  3.966   -2.067  1.00 11.66 ? 1196 LEU A N   1 
ATOM   686 C  CA  . LEU A 1 90  ? 11.498  3.745   -3.424  1.00 12.71 ? 1196 LEU A CA  1 
ATOM   687 C  C   . LEU A 1 90  ? 11.560  2.238   -3.739  1.00 13.65 ? 1196 LEU A C   1 
ATOM   688 O  O   . LEU A 1 90  ? 11.135  1.839   -4.812  1.00 13.53 ? 1196 LEU A O   1 
ATOM   689 C  CB  . LEU A 1 90  ? 12.897  4.356   -3.653  1.00 13.23 ? 1196 LEU A CB  1 
ATOM   690 N  N   A ASP A 1 91  ? 12.103  1.424   -2.820  0.50 14.05 ? 1197 ASP A N   1 
ATOM   691 N  N   B ASP A 1 91  ? 12.083  1.417   -2.832  0.50 14.38 ? 1197 ASP A N   1 
ATOM   692 C  CA  A ASP A 1 91  ? 12.298  -0.008  -3.112  0.50 14.90 ? 1197 ASP A CA  1 
ATOM   693 C  CA  B ASP A 1 91  ? 12.285  0.018   -3.196  0.50 15.44 ? 1197 ASP A CA  1 
ATOM   694 C  C   A ASP A 1 91  ? 10.955  -0.701  -3.369  0.50 13.90 ? 1197 ASP A C   1 
ATOM   695 C  C   B ASP A 1 91  ? 10.953  -0.731  -3.362  0.50 14.20 ? 1197 ASP A C   1 
ATOM   696 O  O   A ASP A 1 91  ? 10.783  -1.404  -4.377  0.50 14.29 ? 1197 ASP A O   1 
ATOM   697 O  O   B ASP A 1 91  ? 10.784  -1.512  -4.309  0.50 14.55 ? 1197 ASP A O   1 
ATOM   698 C  CB  A ASP A 1 91  ? 13.070  -0.727  -1.994  0.50 16.14 ? 1197 ASP A CB  1 
ATOM   699 C  CB  B ASP A 1 91  ? 13.208  -0.675  -2.211  0.50 17.09 ? 1197 ASP A CB  1 
ATOM   700 C  CG  A ASP A 1 91  ? 14.551  -0.357  -1.957  0.50 16.89 ? 1197 ASP A CG  1 
ATOM   701 C  CG  B ASP A 1 91  ? 13.713  -1.980  -2.730  0.50 18.48 ? 1197 ASP A CG  1 
ATOM   702 O  OD1 A ASP A 1 91  ? 15.052  0.375   -2.848  0.50 17.58 ? 1197 ASP A OD1 1 
ATOM   703 O  OD1 B ASP A 1 91  ? 14.101  -2.062  -3.927  0.50 20.44 ? 1197 ASP A OD1 1 
ATOM   704 O  OD2 A ASP A 1 91  ? 15.211  -0.808  -1.006  0.50 19.62 ? 1197 ASP A OD2 1 
ATOM   705 O  OD2 B ASP A 1 91  ? 13.689  -2.930  -1.931  0.50 20.82 ? 1197 ASP A OD2 1 
ATOM   706 N  N   . VAL A 1 92  ? 9.989   -0.473  -2.487  1.00 13.23 ? 1198 VAL A N   1 
ATOM   707 C  CA  . VAL A 1 92  ? 8.684   -1.113  -2.621  1.00 12.04 ? 1198 VAL A CA  1 
ATOM   708 C  C   . VAL A 1 92  ? 7.993   -0.628  -3.919  1.00 10.54 ? 1198 VAL A C   1 
ATOM   709 O  O   . VAL A 1 92  ? 7.417   -1.418  -4.619  1.00 9.64  ? 1198 VAL A O   1 
ATOM   710 C  CB  . VAL A 1 92  ? 7.825   -0.988  -1.376  1.00 12.41 ? 1198 VAL A CB  1 
ATOM   711 C  CG1 . VAL A 1 92  ? 7.371   0.463   -1.103  1.00 12.38 ? 1198 VAL A CG1 1 
ATOM   712 C  CG2 . VAL A 1 92  ? 6.681   -1.969  -1.427  1.00 13.40 ? 1198 VAL A CG2 1 
ATOM   713 N  N   . LYS A 1 93  ? 8.094   0.667   -4.234  1.00 9.18  ? 1199 LYS A N   1 
ATOM   714 C  CA  . LYS A 1 93  ? 7.540   1.189   -5.481  1.00 9.22  ? 1199 LYS A CA  1 
ATOM   715 C  C   . LYS A 1 93  ? 8.188   0.539   -6.681  1.00 8.78  ? 1199 LYS A C   1 
ATOM   716 O  O   . LYS A 1 93  ? 7.501   0.158   -7.633  1.00 9.14  ? 1199 LYS A O   1 
ATOM   717 C  CB  . LYS A 1 93  ? 7.643   2.721   -5.568  1.00 9.10  ? 1199 LYS A CB  1 
ATOM   718 C  CG  . LYS A 1 93  ? 6.597   3.393   -4.696  1.00 8.68  ? 1199 LYS A CG  1 
ATOM   719 C  CD  . LYS A 1 93  ? 6.566   4.890   -4.897  1.00 9.12  ? 1199 LYS A CD  1 
ATOM   720 C  CE  . LYS A 1 93  ? 5.672   5.599   -3.914  1.00 8.92  ? 1199 LYS A CE  1 
ATOM   721 N  NZ  . LYS A 1 93  ? 5.441   6.972   -4.338  1.00 9.35  ? 1199 LYS A NZ  1 
ATOM   722 N  N   . ASN A 1 94  ? 9.527   0.470   -6.671  1.00 9.83  ? 1200 ASN A N   1 
ATOM   723 C  CA  . ASN A 1 94  ? 10.263  -0.160  -7.779  1.00 10.43 ? 1200 ASN A CA  1 
ATOM   724 C  C   . ASN A 1 94  ? 9.913   -1.648  -7.993  1.00 10.16 ? 1200 ASN A C   1 
ATOM   725 O  O   . ASN A 1 94  ? 9.751   -2.112  -9.147  1.00 9.91  ? 1200 ASN A O   1 
ATOM   726 C  CB  . ASN A 1 94  ? 11.775  -0.009  -7.582  1.00 10.81 ? 1200 ASN A CB  1 
ATOM   727 C  CG  . ASN A 1 94  ? 12.297  1.397   -7.942  1.00 11.07 ? 1200 ASN A CG  1 
ATOM   728 O  OD1 . ASN A 1 94  ? 11.658  2.184   -8.690  1.00 13.91 ? 1200 ASN A OD1 1 
ATOM   729 N  ND2 . ASN A 1 94  ? 13.480  1.674   -7.448  1.00 12.30 ? 1200 ASN A ND2 1 
ATOM   730 N  N   . ILE A 1 95  ? 9.808   -2.397  -6.906  1.00 10.62 ? 1201 ILE A N   1 
ATOM   731 C  CA  . ILE A 1 95  ? 9.457   -3.816  -6.987  1.00 11.09 ? 1201 ILE A CA  1 
ATOM   732 C  C   . ILE A 1 95  ? 8.039   -3.970  -7.529  1.00 10.50 ? 1201 ILE A C   1 
ATOM   733 O  O   . ILE A 1 95  ? 7.793   -4.812  -8.380  1.00 10.07 ? 1201 ILE A O   1 
ATOM   734 C  CB  . ILE A 1 95  ? 9.630   -4.527  -5.623  1.00 12.41 ? 1201 ILE A CB  1 
ATOM   735 C  CG1 . ILE A 1 95  ? 11.134  -4.603  -5.292  1.00 14.45 ? 1201 ILE A CG1 1 
ATOM   736 C  CG2 . ILE A 1 95  ? 8.999   -5.900  -5.580  1.00 13.08 ? 1201 ILE A CG2 1 
ATOM   737 C  CD1 . ILE A 1 95  ? 11.412  -4.871  -3.852  1.00 16.69 ? 1201 ILE A CD1 1 
ATOM   738 N  N   . ALA A 1 96  ? 7.119   -3.134  -7.057  1.00 10.06 ? 1202 ALA A N   1 
ATOM   739 C  CA  . ALA A 1 96  ? 5.760   -3.180  -7.544  1.00 9.57  ? 1202 ALA A CA  1 
ATOM   740 C  C   . ALA A 1 96  ? 5.716   -2.813  -9.004  1.00 9.79  ? 1202 ALA A C   1 
ATOM   741 O  O   . ALA A 1 96  ? 5.019   -3.427  -9.763  1.00 10.84 ? 1202 ALA A O   1 
ATOM   742 C  CB  . ALA A 1 96  ? 4.871   -2.263  -6.724  1.00 8.91  ? 1202 ALA A CB  1 
ATOM   743 N  N   . HIS A 1 97  ? 6.479   -1.807  -9.406  1.00 10.19 ? 1203 HIS A N   1 
ATOM   744 C  CA  . HIS A 1 97  ? 6.457   -1.363  -10.806 1.00 11.60 ? 1203 HIS A CA  1 
ATOM   745 C  C   . HIS A 1 97  ? 6.984   -2.442  -11.713 1.00 12.09 ? 1203 HIS A C   1 
ATOM   746 O  O   . HIS A 1 97  ? 6.420   -2.692  -12.802 1.00 11.55 ? 1203 HIS A O   1 
ATOM   747 C  CB  . HIS A 1 97  ? 7.292   -0.108  -10.989 1.00 12.95 ? 1203 HIS A CB  1 
ATOM   748 C  CG  . HIS A 1 97  ? 7.051   0.553   -12.298 1.00 14.50 ? 1203 HIS A CG  1 
ATOM   749 N  ND1 . HIS A 1 97  ? 7.626   0.097   -13.469 1.00 16.73 ? 1203 HIS A ND1 1 
ATOM   750 C  CD2 . HIS A 1 97  ? 6.326   1.647   -12.626 1.00 17.80 ? 1203 HIS A CD2 1 
ATOM   751 C  CE1 . HIS A 1 97  ? 7.223   0.864   -14.467 1.00 16.84 ? 1203 HIS A CE1 1 
ATOM   752 N  NE2 . HIS A 1 97  ? 6.446   1.812   -13.989 1.00 18.17 ? 1203 HIS A NE2 1 
ATOM   753 N  N   . GLN A 1 98  ? 8.045   -3.120  -11.288 1.00 12.33 ? 1204 GLN A N   1 
ATOM   754 C  CA  . GLN A 1 98  ? 8.582   -4.249  -12.088 1.00 15.01 ? 1204 GLN A CA  1 
ATOM   755 C  C   . GLN A 1 98  ? 7.534   -5.336  -12.258 1.00 13.69 ? 1204 GLN A C   1 
ATOM   756 O  O   . GLN A 1 98  ? 7.305   -5.848  -13.385 1.00 14.98 ? 1204 GLN A O   1 
ATOM   757 C  CB  . GLN A 1 98  ? 9.864   -4.796  -11.443 1.00 18.13 ? 1204 GLN A CB  1 
ATOM   758 C  CG  . GLN A 1 98  ? 10.499  -5.999  -12.139 1.00 22.44 ? 1204 GLN A CG  1 
ATOM   759 C  CD  . GLN A 1 98  ? 11.105  -5.702  -13.494 1.00 27.61 ? 1204 GLN A CD  1 
ATOM   760 O  OE1 . GLN A 1 98  ? 10.695  -6.268  -14.521 1.00 32.44 ? 1204 GLN A OE1 1 
ATOM   761 N  NE2 . GLN A 1 98  ? 12.115  -4.854  -13.508 1.00 31.06 ? 1204 GLN A NE2 1 
ATOM   762 N  N   . ASN A 1 99  ? 6.841   -5.678  -11.175 1.00 11.83 ? 1205 ASN A N   1 
ATOM   763 C  CA  . ASN A 1 99  ? 5.860   -6.786  -11.233 1.00 12.03 ? 1205 ASN A CA  1 
ATOM   764 C  C   . ASN A 1 99  ? 4.674   -6.368  -12.097 1.00 11.63 ? 1205 ASN A C   1 
ATOM   765 O  O   . ASN A 1 99  ? 4.155   -7.177  -12.887 1.00 11.97 ? 1205 ASN A O   1 
ATOM   766 C  CB  . ASN A 1 99  ? 5.441   -7.237  -9.834  1.00 12.70 ? 1205 ASN A CB  1 
ATOM   767 C  CG  . ASN A 1 99  ? 4.429   -8.381  -9.868  1.00 13.42 ? 1205 ASN A CG  1 
ATOM   768 O  OD1 . ASN A 1 99  ? 3.228   -8.186  -9.639  1.00 14.26 ? 1205 ASN A OD1 1 
ATOM   769 N  ND2 . ASN A 1 99  ? 4.917   -9.597  -10.141 1.00 15.03 ? 1205 ASN A ND2 1 
ATOM   770 N  N   . LYS A 1 100 ? 4.307   -5.091  -12.055 1.00 11.90 ? 1206 LYS A N   1 
ATOM   771 C  CA  . LYS A 1 100 ? 3.123   -4.598  -12.795 1.00 12.23 ? 1206 LYS A CA  1 
ATOM   772 C  C   . LYS A 1 100 ? 3.360   -4.518  -14.277 1.00 13.30 ? 1206 LYS A C   1 
ATOM   773 O  O   . LYS A 1 100 ? 2.558   -4.981  -15.069 1.00 11.91 ? 1206 LYS A O   1 
ATOM   774 C  CB  . LYS A 1 100 ? 2.675   -3.219  -12.277 1.00 11.28 ? 1206 LYS A CB  1 
ATOM   775 C  CG  . LYS A 1 100 ? 1.342   -2.735  -12.860 1.00 10.82 ? 1206 LYS A CG  1 
ATOM   776 C  CD  . LYS A 1 100 ? 0.803   -1.528  -12.096 1.00 10.66 ? 1206 LYS A CD  1 
ATOM   777 C  CE  . LYS A 1 100 ? -0.479  -0.979  -12.731 1.00 10.30 ? 1206 LYS A CE  1 
ATOM   778 N  NZ  . LYS A 1 100 ? -1.664  -1.810  -12.299 1.00 9.88  ? 1206 LYS A NZ  1 
ATOM   779 N  N   . PHE A 1 101 ? 4.467   -3.901  -14.655 1.00 15.23 ? 1207 PHE A N   1 
ATOM   780 C  CA  . PHE A 1 101 ? 4.668   -3.545  -16.059 1.00 16.94 ? 1207 PHE A CA  1 
ATOM   781 C  C   . PHE A 1 101 ? 5.583   -4.526  -16.798 1.00 22.09 ? 1207 PHE A C   1 
ATOM   782 O  O   . PHE A 1 101 ? 5.621   -4.496  -18.051 1.00 22.53 ? 1207 PHE A O   1 
ATOM   783 C  CB  . PHE A 1 101 ? 5.100   -2.068  -16.170 1.00 16.33 ? 1207 PHE A CB  1 
ATOM   784 C  CG  . PHE A 1 101 ? 4.026   -1.096  -15.739 1.00 15.11 ? 1207 PHE A CG  1 
ATOM   785 C  CD1 . PHE A 1 101 ? 2.905   -0.848  -16.555 1.00 14.44 ? 1207 PHE A CD1 1 
ATOM   786 C  CD2 . PHE A 1 101 ? 4.069   -0.474  -14.488 1.00 15.38 ? 1207 PHE A CD2 1 
ATOM   787 C  CE1 . PHE A 1 101 ? 1.902   0.005   -16.113 1.00 14.15 ? 1207 PHE A CE1 1 
ATOM   788 C  CE2 . PHE A 1 101 ? 3.079   0.399   -14.077 1.00 15.18 ? 1207 PHE A CE2 1 
ATOM   789 C  CZ  . PHE A 1 101 ? 1.987   0.639   -14.890 1.00 15.01 ? 1207 PHE A CZ  1 
ATOM   790 N  N   . GLY A 1 102 ? 6.306   -5.377  -16.056 1.00 24.68 ? 1208 GLY A N   1 
ATOM   791 C  CA  . GLY A 1 102 ? 6.908   -6.621  -16.592 1.00 27.25 ? 1208 GLY A CA  1 
ATOM   792 C  C   . GLY A 1 102 ? 8.403   -6.615  -16.443 1.00 30.28 ? 1208 GLY A C   1 
ATOM   793 O  O   . GLY A 1 102 ? 9.028   -5.584  -16.721 1.00 35.51 ? 1208 GLY A O   1 
HETATM 794 ZN ZN  . ZN  B 2 .   ? -1.139  -3.938  7.726   1.00 8.55  ? 1301 ZN  A ZN  1 
HETATM 795 ZN ZN  . ZN  C 2 .   ? -12.384 -5.912  -0.301  1.00 9.52  ? 1302 ZN  A ZN  1 
HETATM 796 ZN ZN  . ZN  D 2 .   ? 1.789   9.803   8.057   1.00 7.74  ? 1303 ZN  A ZN  1 
HETATM 797 X  UNK . UNX E 3 .   ? 11.659  8.867   8.998   1.00 17.07 ? 1304 UNX A UNK 1 
HETATM 798 X  UNK . UNX F 3 .   ? -7.967  -6.021  8.094   1.00 13.00 ? 1305 UNX A UNK 1 
HETATM 799 X  UNK . UNX G 3 .   ? -9.076  10.997  4.026   1.00 21.67 ? 1306 UNX A UNK 1 
HETATM 800 O  O1  . EYP H 4 .   ? -12.219 12.748  -1.164  1.00 31.32 ? 1307 EYP A O1  1 
HETATM 801 C  C1  . EYP H 4 .   ? -11.097 14.414  0.141   1.00 29.06 ? 1307 EYP A C1  1 
HETATM 802 C  C2  . EYP H 4 .   ? -9.806  13.857  0.706   1.00 29.02 ? 1307 EYP A C2  1 
HETATM 803 C  C3  . EYP H 4 .   ? -9.393  12.531  0.146   1.00 26.46 ? 1307 EYP A C3  1 
HETATM 804 C  C4  . EYP H 4 .   ? -8.927  10.369  0.171   1.00 20.70 ? 1307 EYP A C4  1 
HETATM 805 C  C5  . EYP H 4 .   ? -8.845  9.093   0.704   1.00 17.55 ? 1307 EYP A C5  1 
HETATM 806 C  C6  . EYP H 4 .   ? -7.935  8.185   0.162   1.00 15.00 ? 1307 EYP A C6  1 
HETATM 807 C  C7  . EYP H 4 .   ? -6.738  6.335   0.054   1.00 11.57 ? 1307 EYP A C7  1 
HETATM 808 C  C8  . EYP H 4 .   ? -6.252  4.989   0.479   1.00 11.49 ? 1307 EYP A C8  1 
HETATM 809 C  C9  . EYP H 4 .   ? -6.951  3.868   -0.245  1.00 10.70 ? 1307 EYP A C9  1 
HETATM 810 C  C10 . EYP H 4 .   ? -8.377  3.686   0.196   1.00 10.39 ? 1307 EYP A C10 1 
HETATM 811 O  O2  . EYP H 4 .   ? -9.245  3.966   -0.737  1.00 11.30 ? 1307 EYP A O2  1 
HETATM 812 O  O3  . EYP H 4 .   ? -8.685  3.312   1.303   1.00 11.14 ? 1307 EYP A O3  1 
HETATM 813 N  N1  . EYP H 4 .   ? -7.696  6.928   0.690   1.00 13.00 ? 1307 EYP A N1  1 
HETATM 814 S  S   . EYP H 4 .   ? -6.021  7.220   -1.271  1.00 10.85 ? 1307 EYP A S   1 
HETATM 815 C  C11 . EYP H 4 .   ? -7.136  8.545   -0.931  1.00 13.98 ? 1307 EYP A C11 1 
HETATM 816 C  C12 . EYP H 4 .   ? -7.263  9.804   -1.542  1.00 17.37 ? 1307 EYP A C12 1 
HETATM 817 C  C13 . EYP H 4 .   ? -8.153  10.716  -0.946  1.00 19.41 ? 1307 EYP A C13 1 
HETATM 818 N  N   . EYP H 4 .   ? -9.634  11.422  0.760   1.00 22.42 ? 1307 EYP A N   1 
HETATM 819 S  S1  . EYP H 4 .   ? -8.341  12.434  -1.244  1.00 25.34 ? 1307 EYP A S1  1 
HETATM 820 C  C   . EYP H 4 .   ? -12.188 13.425  -0.139  1.00 29.97 ? 1307 EYP A C   1 
HETATM 821 O  O   . EYP H 4 .   ? -13.128 13.419  0.790   1.00 26.85 ? 1307 EYP A O   1 
HETATM 822 O  O   . HOH I 5 .   ? -18.313 0.657   -3.099  1.00 24.46 ? 1401 HOH A O   1 
HETATM 823 O  O   . HOH I 5 .   ? -13.469 -13.580 2.758   1.00 18.61 ? 1402 HOH A O   1 
HETATM 824 O  O   . HOH I 5 .   ? -5.215  6.725   -5.316  1.00 26.15 ? 1403 HOH A O   1 
HETATM 825 O  O   . HOH I 5 .   ? -1.716  15.905  7.352   1.00 21.94 ? 1404 HOH A O   1 
HETATM 826 O  O   . HOH I 5 .   ? 13.682  2.363   -0.540  1.00 17.23 ? 1405 HOH A O   1 
HETATM 827 O  O   . HOH I 5 .   ? -6.439  6.675   12.268  1.00 14.90 ? 1406 HOH A O   1 
HETATM 828 O  O   . HOH I 5 .   ? 11.575  -10.740 -0.481  1.00 21.08 ? 1407 HOH A O   1 
HETATM 829 O  O   . HOH I 5 .   ? 14.879  -0.117  -5.577  1.00 21.78 ? 1408 HOH A O   1 
HETATM 830 O  O   . HOH I 5 .   ? -7.771  6.478   -4.735  1.00 27.80 ? 1409 HOH A O   1 
HETATM 831 O  O   . HOH I 5 .   ? -9.384  6.648   2.746   1.00 21.28 ? 1410 HOH A O   1 
HETATM 832 O  O   . HOH I 5 .   ? 11.429  12.893  0.178   1.00 13.46 ? 1411 HOH A O   1 
HETATM 833 O  O   . HOH I 5 .   ? -4.503  14.909  1.043   1.00 26.12 ? 1412 HOH A O   1 
HETATM 834 O  O   . HOH I 5 .   ? -5.562  -8.926  9.343   1.00 37.30 ? 1413 HOH A O   1 
HETATM 835 O  O   . HOH I 5 .   ? -4.646  -6.358  -7.118  1.00 10.88 ? 1414 HOH A O   1 
HETATM 836 O  O   . HOH I 5 .   ? 1.221   -8.560  -2.953  1.00 8.36  ? 1415 HOH A O   1 
HETATM 837 O  O   . HOH I 5 .   ? -0.004  -10.807 1.417   1.00 15.15 ? 1416 HOH A O   1 
HETATM 838 O  O   . HOH I 5 .   ? -15.777 -9.379  -4.339  1.00 21.57 ? 1417 HOH A O   1 
HETATM 839 O  O   . HOH I 5 .   ? 2.700   -6.590  -17.243 1.00 14.40 ? 1418 HOH A O   1 
HETATM 840 O  O   . HOH I 5 .   ? 3.208   8.363   -3.262  1.00 8.10  ? 1419 HOH A O   1 
HETATM 841 O  O   . HOH I 5 .   ? 12.244  1.417   3.564   1.00 17.97 ? 1420 HOH A O   1 
HETATM 842 O  O   . HOH I 5 .   ? 10.855  2.207   7.758   1.00 18.08 ? 1421 HOH A O   1 
HETATM 843 O  O   . HOH I 5 .   ? 8.267   9.649   13.354  1.00 18.73 ? 1422 HOH A O   1 
HETATM 844 O  O   . HOH I 5 .   ? -5.398  0.897   -5.851  1.00 12.72 ? 1423 HOH A O   1 
HETATM 845 O  O   . HOH I 5 .   ? -17.685 2.432   -1.910  1.00 25.02 ? 1424 HOH A O   1 
HETATM 846 O  O   . HOH I 5 .   ? -0.390  0.055   14.525  1.00 19.41 ? 1425 HOH A O   1 
HETATM 847 O  O   . HOH I 5 .   ? -6.382  10.679  -5.336  1.00 21.98 ? 1426 HOH A O   1 
HETATM 848 O  O   . HOH I 5 .   ? 11.838  -1.233  6.418   1.00 14.78 ? 1427 HOH A O   1 
HETATM 849 O  O   . HOH I 5 .   ? -10.924 2.701   9.577   1.00 27.65 ? 1428 HOH A O   1 
HETATM 850 O  O   . HOH I 5 .   ? 4.843   -11.752 -7.387  1.00 25.57 ? 1429 HOH A O   1 
HETATM 851 O  O   . HOH I 5 .   ? -15.467 -6.131  -7.340  1.00 22.62 ? 1430 HOH A O   1 
HETATM 852 O  O   . HOH I 5 .   ? -3.952  -0.574  -13.195 1.00 19.11 ? 1431 HOH A O   1 
HETATM 853 O  O   . HOH I 5 .   ? -1.609  -3.957  14.754  1.00 22.08 ? 1432 HOH A O   1 
HETATM 854 O  O   . HOH I 5 .   ? -5.934  -7.241  -10.114 1.00 11.66 ? 1433 HOH A O   1 
HETATM 855 O  O   . HOH I 5 .   ? -3.745  -5.552  -10.621 1.00 9.24  ? 1434 HOH A O   1 
HETATM 856 O  O   . HOH I 5 .   ? -14.360 0.730   5.291   1.00 21.26 ? 1435 HOH A O   1 
HETATM 857 O  O   . HOH I 5 .   ? -10.364 1.073   1.674   1.00 9.49  ? 1436 HOH A O   1 
HETATM 858 O  O   . HOH I 5 .   ? 1.071   -10.077 7.544   1.00 18.38 ? 1437 HOH A O   1 
HETATM 859 O  O   . HOH I 5 .   ? 8.552   1.736   13.654  1.00 13.72 ? 1438 HOH A O   1 
HETATM 860 O  O   . HOH I 5 .   ? -4.864  14.142  9.205   1.00 21.21 ? 1439 HOH A O   1 
HETATM 861 O  O   . HOH I 5 .   ? 1.577   -8.229  -12.814 1.00 13.28 ? 1440 HOH A O   1 
HETATM 862 O  O   . HOH I 5 .   ? -17.050 -6.147  4.630   1.00 25.92 ? 1441 HOH A O   1 
HETATM 863 O  O   . HOH I 5 .   ? 2.249   1.045   6.819   1.00 9.03  ? 1442 HOH A O   1 
HETATM 864 O  O   . HOH I 5 .   ? -1.857  -4.599  -12.524 1.00 8.33  ? 1443 HOH A O   1 
HETATM 865 O  O   . HOH I 5 .   ? -8.590  3.405   -3.499  1.00 17.38 ? 1444 HOH A O   1 
HETATM 866 O  O   . HOH I 5 .   ? -4.960  -11.008 -0.289  1.00 9.93  ? 1445 HOH A O   1 
HETATM 867 O  O   . HOH I 5 .   ? -7.909  8.225   7.244   1.00 16.45 ? 1446 HOH A O   1 
HETATM 868 O  O   . HOH I 5 .   ? 0.094   8.870   14.584  1.00 23.84 ? 1447 HOH A O   1 
HETATM 869 O  O   . HOH I 5 .   ? 2.123   -8.646  -0.357  1.00 12.36 ? 1448 HOH A O   1 
HETATM 870 O  O   . HOH I 5 .   ? 4.596   7.577   -6.966  1.00 17.15 ? 1449 HOH A O   1 
HETATM 871 O  O   A HOH I 5 .   ? 10.235  -1.762  2.125   0.50 7.36  ? 1450 HOH A O   1 
HETATM 872 O  O   B HOH I 5 .   ? 11.831  -1.205  3.766   0.50 12.80 ? 1450 HOH A O   1 
HETATM 873 O  O   . HOH I 5 .   ? 10.576  0.456   0.210   1.00 12.03 ? 1451 HOH A O   1 
HETATM 874 O  O   . HOH I 5 .   ? 8.126   -9.198  -6.426  1.00 21.24 ? 1452 HOH A O   1 
HETATM 875 O  O   . HOH I 5 .   ? 5.547   -9.227  -14.329 1.00 25.01 ? 1453 HOH A O   1 
HETATM 876 O  O   . HOH I 5 .   ? 4.454   21.326  -5.639  1.00 18.81 ? 1454 HOH A O   1 
HETATM 877 O  O   . HOH I 5 .   ? 1.514   -10.209 -11.061 1.00 23.83 ? 1455 HOH A O   1 
HETATM 878 O  O   . HOH I 5 .   ? 2.335   -10.702 4.408   1.00 21.59 ? 1456 HOH A O   1 
HETATM 879 O  O   . HOH I 5 .   ? -18.474 -0.540  -5.136  1.00 17.62 ? 1457 HOH A O   1 
HETATM 880 O  O   . HOH I 5 .   ? 8.925   -7.436  -8.823  1.00 18.86 ? 1458 HOH A O   1 
HETATM 881 O  O   . HOH I 5 .   ? -8.862  -13.204 -1.039  1.00 17.06 ? 1459 HOH A O   1 
HETATM 882 O  O   . HOH I 5 .   ? -8.089  9.177   -5.694  1.00 21.82 ? 1460 HOH A O   1 
HETATM 883 O  O   . HOH I 5 .   ? 9.003   8.675   9.777   1.00 11.99 ? 1461 HOH A O   1 
HETATM 884 O  O   . HOH I 5 .   ? 1.201   -3.624  14.328  1.00 11.77 ? 1462 HOH A O   1 
HETATM 885 O  O   . HOH I 5 .   ? -2.237  8.811   -6.365  1.00 25.43 ? 1463 HOH A O   1 
HETATM 886 O  O   . HOH I 5 .   ? -5.764  -11.000 4.225   1.00 18.12 ? 1464 HOH A O   1 
HETATM 887 O  O   . HOH I 5 .   ? -12.934 -6.136  -11.751 1.00 27.63 ? 1465 HOH A O   1 
HETATM 888 O  O   . HOH I 5 .   ? 13.581  11.103  0.576   1.00 11.82 ? 1466 HOH A O   1 
HETATM 889 O  O   . HOH I 5 .   ? -12.353 -4.810  11.027  1.00 22.08 ? 1467 HOH A O   1 
HETATM 890 O  O   . HOH I 5 .   ? 3.608   -10.964 -0.700  1.00 25.69 ? 1468 HOH A O   1 
HETATM 891 O  O   . HOH I 5 .   ? 4.637   7.085   13.712  1.00 12.36 ? 1469 HOH A O   1 
HETATM 892 O  O   . HOH I 5 .   ? -4.782  4.745   -6.855  1.00 21.15 ? 1470 HOH A O   1 
HETATM 893 O  O   . HOH I 5 .   ? 14.229  11.740  6.059   1.00 18.64 ? 1471 HOH A O   1 
HETATM 894 O  O   . HOH I 5 .   ? -1.641  14.403  -0.795  1.00 12.75 ? 1472 HOH A O   1 
HETATM 895 O  O   . HOH I 5 .   ? -6.155  -4.012  -7.906  1.00 9.89  ? 1473 HOH A O   1 
HETATM 896 O  O   . HOH I 5 .   ? -4.096  -10.222 2.160   1.00 12.18 ? 1474 HOH A O   1 
HETATM 897 O  O   . HOH I 5 .   ? -18.405 -3.475  -4.363  1.00 23.64 ? 1475 HOH A O   1 
HETATM 898 O  O   . HOH I 5 .   ? -4.666  -2.865  -10.076 1.00 13.66 ? 1476 HOH A O   1 
HETATM 899 O  O   . HOH I 5 .   ? -7.892  8.526   4.649   1.00 16.19 ? 1477 HOH A O   1 
HETATM 900 O  O   . HOH I 5 .   ? 5.917   -14.645 1.305   1.00 23.21 ? 1478 HOH A O   1 
HETATM 901 O  O   . HOH I 5 .   ? -4.284  16.342  7.359   1.00 26.95 ? 1479 HOH A O   1 
HETATM 902 O  O   . HOH I 5 .   ? -16.254 1.360   1.199   1.00 26.37 ? 1480 HOH A O   1 
HETATM 903 O  O   . HOH I 5 .   ? -3.456  -13.254 -8.005  1.00 20.22 ? 1481 HOH A O   1 
HETATM 904 O  O   . HOH I 5 .   ? -1.351  -7.377  10.135  1.00 22.73 ? 1482 HOH A O   1 
HETATM 905 O  O   . HOH I 5 .   ? 8.134   -9.414  -10.659 1.00 26.61 ? 1483 HOH A O   1 
HETATM 906 O  O   . HOH I 5 .   ? -13.441 -9.374  -8.600  1.00 19.31 ? 1484 HOH A O   1 
HETATM 907 O  O   . HOH I 5 .   ? 7.629   -11.996 -7.458  1.00 23.24 ? 1485 HOH A O   1 
HETATM 908 O  O   . HOH I 5 .   ? 14.401  1.185   1.647   1.00 27.62 ? 1486 HOH A O   1 
HETATM 909 O  O   . HOH I 5 .   ? -2.580  12.143  12.735  1.00 23.69 ? 1487 HOH A O   1 
HETATM 910 O  O   . HOH I 5 .   ? -14.232 -7.825  -10.779 1.00 20.31 ? 1488 HOH A O   1 
HETATM 911 O  O   . HOH I 5 .   ? 13.566  -12.503 -0.551  1.00 25.66 ? 1489 HOH A O   1 
HETATM 912 O  O   . HOH I 5 .   ? -2.039  -11.941 2.640   1.00 20.33 ? 1490 HOH A O   1 
HETATM 913 O  O   . HOH I 5 .   ? -0.327  16.402  0.341   1.00 24.82 ? 1491 HOH A O   1 
HETATM 914 O  O   . HOH I 5 .   ? 14.947  8.861   -2.792  1.00 21.21 ? 1492 HOH A O   1 
HETATM 915 O  O   . HOH I 5 .   ? 0.701   -12.577 -12.334 1.00 21.89 ? 1493 HOH A O   1 
HETATM 916 O  O   . HOH I 5 .   ? -2.053  -5.788  13.447  1.00 25.76 ? 1494 HOH A O   1 
HETATM 917 O  O   . HOH I 5 .   ? 1.316   12.177  13.402  1.00 22.94 ? 1495 HOH A O   1 
HETATM 918 O  O   . HOH I 5 .   ? -13.642 1.701   7.895   1.00 30.38 ? 1496 HOH A O   1 
HETATM 919 O  O   . HOH I 5 .   ? -0.317  12.909  11.114  1.00 14.33 ? 1497 HOH A O   1 
HETATM 920 O  O   . HOH I 5 .   ? 2.194   -0.705  13.688  1.00 21.67 ? 1498 HOH A O   1 
HETATM 921 O  O   . HOH I 5 .   ? 4.123   -8.645  -17.112 1.00 30.44 ? 1499 HOH A O   1 
HETATM 922 O  O   . HOH I 5 .   ? 13.201  -3.465  2.157   1.00 31.47 ? 1500 HOH A O   1 
HETATM 923 O  O   . HOH I 5 .   ? 15.101  11.357  -1.565  1.00 23.80 ? 1501 HOH A O   1 
HETATM 924 O  O   . HOH I 5 .   ? -6.012  -13.537 -0.414  1.00 27.52 ? 1502 HOH A O   1 
HETATM 925 O  O   . HOH I 5 .   ? 10.926  -9.659  -5.082  1.00 23.95 ? 1503 HOH A O   1 
HETATM 926 O  O   . HOH I 5 .   ? -0.657  17.585  5.369   1.00 23.34 ? 1504 HOH A O   1 
HETATM 927 O  O   . HOH I 5 .   ? 9.372   4.337   -16.262 1.00 25.52 ? 1505 HOH A O   1 
HETATM 928 O  O   . HOH I 5 .   ? 12.876  2.553   5.834   1.00 17.57 ? 1506 HOH A O   1 
HETATM 929 O  O   . HOH I 5 .   ? 9.382   8.100   15.091  1.00 26.29 ? 1507 HOH A O   1 
HETATM 930 O  O   . HOH I 5 .   ? -20.220 0.696   -7.068  1.00 14.59 ? 1508 HOH A O   1 
HETATM 931 O  O   . HOH I 5 .   ? 11.987  -9.049  -2.861  1.00 30.36 ? 1509 HOH A O   1 
HETATM 932 O  O   . HOH I 5 .   ? -1.897  10.559  14.857  1.00 19.36 ? 1510 HOH A O   1 
HETATM 933 O  O   . HOH I 5 .   ? -0.861  17.383  2.713   1.00 22.43 ? 1511 HOH A O   1 
HETATM 934 O  O   . HOH I 5 .   ? 15.064  1.128   6.734   1.00 27.88 ? 1512 HOH A O   1 
# 
loop_
_pdbx_poly_seq_scheme.asym_id 
_pdbx_poly_seq_scheme.entity_id 
_pdbx_poly_seq_scheme.seq_id 
_pdbx_poly_seq_scheme.mon_id 
_pdbx_poly_seq_scheme.ndb_seq_num 
_pdbx_poly_seq_scheme.pdb_seq_num 
_pdbx_poly_seq_scheme.auth_seq_num 
_pdbx_poly_seq_scheme.pdb_mon_id 
_pdbx_poly_seq_scheme.auth_mon_id 
_pdbx_poly_seq_scheme.pdb_strand_id 
_pdbx_poly_seq_scheme.pdb_ins_code 
_pdbx_poly_seq_scheme.hetero 
A 1 1   GLY 1   1107 ?    ?   ?   A . n 
A 1 2   SER 2   1108 1108 SER SER A . n 
A 1 3   PRO 3   1109 1109 PRO PRO A . n 
A 1 4   LEU 4   1110 1110 LEU LEU A . n 
A 1 5   PRO 5   1111 1111 PRO PRO A . n 
A 1 6   TRP 6   1112 1112 TRP TRP A . n 
A 1 7   CYS 7   1113 1113 CYS CYS A . n 
A 1 8   PRO 8   1114 1114 PRO PRO A . n 
A 1 9   HIS 9   1115 1115 HIS HIS A . n 
A 1 10  LEU 10  1116 1116 LEU LEU A . n 
A 1 11  VAL 11  1117 1117 VAL VAL A . n 
A 1 12  ALA 12  1118 1118 ALA ALA A . n 
A 1 13  VAL 13  1119 1119 VAL VAL A . n 
A 1 14  CYS 14  1120 1120 CYS CYS A . n 
A 1 15  PRO 15  1121 1121 PRO PRO A . n 
A 1 16  ILE 16  1122 1122 ILE ILE A . n 
A 1 17  PRO 17  1123 1123 PRO PRO A . n 
A 1 18  ALA 18  1124 1124 ALA ALA A . n 
A 1 19  ALA 19  1125 1125 ALA ALA A . n 
A 1 20  GLY 20  1126 1126 GLY GLY A . n 
A 1 21  LEU 21  1127 1127 LEU LEU A . n 
A 1 22  ASP 22  1128 1128 ASP ASP A . n 
A 1 23  VAL 23  1129 1129 VAL VAL A . n 
A 1 24  THR 24  1130 1130 THR THR A . n 
A 1 25  GLN 25  1131 1131 GLN GLN A . n 
A 1 26  PRO 26  1132 1132 PRO PRO A . n 
A 1 27  CYS 27  1133 1133 CYS CYS A . n 
A 1 28  GLY 28  1134 1134 GLY GLY A . n 
A 1 29  ASP 29  1135 1135 ASP ASP A . n 
A 1 30  CYS 30  1136 1136 CYS CYS A . n 
A 1 31  GLY 31  1137 1137 GLY GLY A . n 
A 1 32  THR 32  1138 1138 THR THR A . n 
A 1 33  ILE 33  1139 1139 ILE ILE A . n 
A 1 34  GLN 34  1140 1140 GLN GLN A . n 
A 1 35  GLU 35  1141 1141 GLU GLU A . n 
A 1 36  ASN 36  1142 1142 ASN ASN A . n 
A 1 37  TRP 37  1143 1143 TRP TRP A . n 
A 1 38  VAL 38  1144 1144 VAL VAL A . n 
A 1 39  CYS 39  1145 1145 CYS CYS A . n 
A 1 40  LEU 40  1146 1146 LEU LEU A . n 
A 1 41  SER 41  1147 1147 SER SER A . n 
A 1 42  CYS 42  1148 1148 CYS CYS A . n 
A 1 43  TYR 43  1149 1149 TYR TYR A . n 
A 1 44  GLN 44  1150 1150 GLN GLN A . n 
A 1 45  VAL 45  1151 1151 VAL VAL A . n 
A 1 46  TYR 46  1152 1152 TYR TYR A . n 
A 1 47  CYS 47  1153 1153 CYS CYS A . n 
A 1 48  GLY 48  1154 1154 GLY GLY A . n 
A 1 49  ARG 49  1155 1155 ARG ARG A . n 
A 1 50  TYR 50  1156 1156 TYR TYR A . n 
A 1 51  ILE 51  1157 1157 ILE ILE A . n 
A 1 52  ASN 52  1158 1158 ASN ASN A . n 
A 1 53  GLY 53  1159 1159 GLY GLY A . n 
A 1 54  HIS 54  1160 1160 HIS HIS A . n 
A 1 55  MET 55  1161 1161 MET MET A . n 
A 1 56  LEU 56  1162 1162 LEU LEU A . n 
A 1 57  GLN 57  1163 1163 GLN GLN A . n 
A 1 58  HIS 58  1164 1164 HIS HIS A . n 
A 1 59  HIS 59  1165 1165 HIS HIS A . n 
A 1 60  GLY 60  1166 1166 GLY GLY A . n 
A 1 61  ASN 61  1167 1167 ASN ASN A . n 
A 1 62  SER 62  1168 1168 SER SER A . n 
A 1 63  GLY 63  1169 1169 GLY GLY A . n 
A 1 64  HIS 64  1170 1170 HIS HIS A . n 
A 1 65  PRO 65  1171 1171 PRO PRO A . n 
A 1 66  LEU 66  1172 1172 LEU LEU A . n 
A 1 67  VAL 67  1173 1173 VAL VAL A . n 
A 1 68  LEU 68  1174 1174 LEU LEU A . n 
A 1 69  SER 69  1175 1175 SER SER A . n 
A 1 70  TYR 70  1176 1176 TYR TYR A . n 
A 1 71  ILE 71  1177 1177 ILE ILE A . n 
A 1 72  ASP 72  1178 1178 ASP ASP A . n 
A 1 73  LEU 73  1179 1179 LEU LEU A . n 
A 1 74  SER 74  1180 1180 SER SER A . n 
A 1 75  ALA 75  1181 1181 ALA ALA A . n 
A 1 76  TRP 76  1182 1182 TRP TRP A . n 
A 1 77  CYS 77  1183 1183 CYS CYS A . n 
A 1 78  TYR 78  1184 1184 TYR TYR A . n 
A 1 79  TYR 79  1185 1185 TYR TYR A . n 
A 1 80  CYS 80  1186 1186 CYS CYS A . n 
A 1 81  GLN 81  1187 1187 GLN GLN A . n 
A 1 82  ALA 82  1188 1188 ALA ALA A . n 
A 1 83  TYR 83  1189 1189 TYR TYR A . n 
A 1 84  VAL 84  1190 1190 VAL VAL A . n 
A 1 85  HIS 85  1191 1191 HIS HIS A . n 
A 1 86  HIS 86  1192 1192 HIS HIS A . n 
A 1 87  GLN 87  1193 1193 GLN GLN A . n 
A 1 88  ALA 88  1194 1194 ALA ALA A . n 
A 1 89  LEU 89  1195 1195 LEU LEU A . n 
A 1 90  LEU 90  1196 1196 LEU LEU A . n 
A 1 91  ASP 91  1197 1197 ASP ASP A . n 
A 1 92  VAL 92  1198 1198 VAL VAL A . n 
A 1 93  LYS 93  1199 1199 LYS LYS A . n 
A 1 94  ASN 94  1200 1200 ASN ASN A . n 
A 1 95  ILE 95  1201 1201 ILE ILE A . n 
A 1 96  ALA 96  1202 1202 ALA ALA A . n 
A 1 97  HIS 97  1203 1203 HIS HIS A . n 
A 1 98  GLN 98  1204 1204 GLN GLN A . n 
A 1 99  ASN 99  1205 1205 ASN ASN A . n 
A 1 100 LYS 100 1206 1206 LYS LYS A . n 
A 1 101 PHE 101 1207 1207 PHE PHE A . n 
A 1 102 GLY 102 1208 1208 GLY GLY A . n 
A 1 103 GLU 103 1209 ?    ?   ?   A . n 
A 1 104 ASP 104 1210 ?    ?   ?   A . n 
A 1 105 MET 105 1211 ?    ?   ?   A . n 
A 1 106 PRO 106 1212 ?    ?   ?   A . n 
A 1 107 HIS 107 1213 ?    ?   ?   A . n 
# 
_pdbx_SG_project.id                    1 
_pdbx_SG_project.project_name          ? 
_pdbx_SG_project.full_name_of_center   'Structural Genomics Consortium' 
_pdbx_SG_project.initial_of_center     SGC 
# 
loop_
_pdbx_nonpoly_scheme.asym_id 
_pdbx_nonpoly_scheme.entity_id 
_pdbx_nonpoly_scheme.mon_id 
_pdbx_nonpoly_scheme.ndb_seq_num 
_pdbx_nonpoly_scheme.pdb_seq_num 
_pdbx_nonpoly_scheme.auth_seq_num 
_pdbx_nonpoly_scheme.pdb_mon_id 
_pdbx_nonpoly_scheme.auth_mon_id 
_pdbx_nonpoly_scheme.pdb_strand_id 
_pdbx_nonpoly_scheme.pdb_ins_code 
B 2 ZN  1   1301 1301 ZN  ZN  A . 
C 2 ZN  1   1302 1302 ZN  ZN  A . 
D 2 ZN  1   1303 1303 ZN  ZN  A . 
E 3 UNX 1   1304 1313 UNX UNX A . 
F 3 UNX 1   1305 1    UNX UNX A . 
G 3 UNX 1   1306 2    UNX UNX A . 
H 4 EYP 1   1307 1    EYP D48 A . 
I 5 HOH 1   1401 19   HOH HOH A . 
I 5 HOH 2   1402 16   HOH HOH A . 
I 5 HOH 3   1403 1453 HOH HOH A . 
I 5 HOH 4   1404 1414 HOH HOH A . 
I 5 HOH 5   1405 1435 HOH HOH A . 
I 5 HOH 6   1406 1413 HOH HOH A . 
I 5 HOH 7   1407 32   HOH HOH A . 
I 5 HOH 8   1408 25   HOH HOH A . 
I 5 HOH 9   1409 38   HOH HOH A . 
I 5 HOH 10  1410 40   HOH HOH A . 
I 5 HOH 11  1411 1415 HOH HOH A . 
I 5 HOH 12  1412 49   HOH HOH A . 
I 5 HOH 13  1413 1449 HOH HOH A . 
I 5 HOH 14  1414 1418 HOH HOH A . 
I 5 HOH 15  1415 1421 HOH HOH A . 
I 5 HOH 16  1416 1446 HOH HOH A . 
I 5 HOH 17  1417 35   HOH HOH A . 
I 5 HOH 18  1418 1407 HOH HOH A . 
I 5 HOH 19  1419 17   HOH HOH A . 
I 5 HOH 20  1420 4    HOH HOH A . 
I 5 HOH 21  1421 3    HOH HOH A . 
I 5 HOH 22  1422 1455 HOH HOH A . 
I 5 HOH 23  1423 1412 HOH HOH A . 
I 5 HOH 24  1424 1430 HOH HOH A . 
I 5 HOH 25  1425 1432 HOH HOH A . 
I 5 HOH 26  1426 8    HOH HOH A . 
I 5 HOH 27  1427 42   HOH HOH A . 
I 5 HOH 28  1428 1427 HOH HOH A . 
I 5 HOH 29  1429 1448 HOH HOH A . 
I 5 HOH 30  1430 28   HOH HOH A . 
I 5 HOH 31  1431 1406 HOH HOH A . 
I 5 HOH 32  1432 1426 HOH HOH A . 
I 5 HOH 33  1433 1444 HOH HOH A . 
I 5 HOH 34  1434 1439 HOH HOH A . 
I 5 HOH 35  1435 1416 HOH HOH A . 
I 5 HOH 36  1436 1409 HOH HOH A . 
I 5 HOH 37  1437 1419 HOH HOH A . 
I 5 HOH 38  1438 1402 HOH HOH A . 
I 5 HOH 39  1439 1429 HOH HOH A . 
I 5 HOH 40  1440 1428 HOH HOH A . 
I 5 HOH 41  1441 48   HOH HOH A . 
I 5 HOH 42  1442 1425 HOH HOH A . 
I 5 HOH 43  1443 1443 HOH HOH A . 
I 5 HOH 44  1444 6    HOH HOH A . 
I 5 HOH 45  1445 1420 HOH HOH A . 
I 5 HOH 46  1446 1431 HOH HOH A . 
I 5 HOH 47  1447 1422 HOH HOH A . 
I 5 HOH 48  1448 1447 HOH HOH A . 
I 5 HOH 49  1449 24   HOH HOH A . 
I 5 HOH 50  1450 26   HOH HOH A . 
I 5 HOH 51  1451 1459 HOH HOH A . 
I 5 HOH 52  1452 1461 HOH HOH A . 
I 5 HOH 53  1453 1442 HOH HOH A . 
I 5 HOH 54  1454 5    HOH HOH A . 
I 5 HOH 55  1455 1411 HOH HOH A . 
I 5 HOH 56  1456 20   HOH HOH A . 
I 5 HOH 57  1457 21   HOH HOH A . 
I 5 HOH 58  1458 1424 HOH HOH A . 
I 5 HOH 59  1459 23   HOH HOH A . 
I 5 HOH 60  1460 39   HOH HOH A . 
I 5 HOH 61  1461 1437 HOH HOH A . 
I 5 HOH 62  1462 1417 HOH HOH A . 
I 5 HOH 63  1463 13   HOH HOH A . 
I 5 HOH 64  1464 1458 HOH HOH A . 
I 5 HOH 65  1465 27   HOH HOH A . 
I 5 HOH 66  1466 15   HOH HOH A . 
I 5 HOH 67  1467 1451 HOH HOH A . 
I 5 HOH 68  1468 50   HOH HOH A . 
I 5 HOH 69  1469 1440 HOH HOH A . 
I 5 HOH 70  1470 1467 HOH HOH A . 
I 5 HOH 71  1471 29   HOH HOH A . 
I 5 HOH 72  1472 1462 HOH HOH A . 
I 5 HOH 73  1473 2    HOH HOH A . 
I 5 HOH 74  1474 1460 HOH HOH A . 
I 5 HOH 75  1475 22   HOH HOH A . 
I 5 HOH 76  1476 1    HOH HOH A . 
I 5 HOH 77  1477 1470 HOH HOH A . 
I 5 HOH 78  1478 11   HOH HOH A . 
I 5 HOH 79  1479 44   HOH HOH A . 
I 5 HOH 80  1480 1423 HOH HOH A . 
I 5 HOH 81  1481 1441 HOH HOH A . 
I 5 HOH 82  1482 10   HOH HOH A . 
I 5 HOH 83  1483 1465 HOH HOH A . 
I 5 HOH 84  1484 1469 HOH HOH A . 
I 5 HOH 85  1485 46   HOH HOH A . 
I 5 HOH 86  1486 43   HOH HOH A . 
I 5 HOH 87  1487 1472 HOH HOH A . 
I 5 HOH 88  1488 1464 HOH HOH A . 
I 5 HOH 89  1489 41   HOH HOH A . 
I 5 HOH 90  1490 1473 HOH HOH A . 
I 5 HOH 91  1491 34   HOH HOH A . 
I 5 HOH 92  1492 30   HOH HOH A . 
I 5 HOH 93  1493 1476 HOH HOH A . 
I 5 HOH 94  1494 14   HOH HOH A . 
I 5 HOH 95  1495 37   HOH HOH A . 
I 5 HOH 96  1496 1474 HOH HOH A . 
I 5 HOH 97  1497 1478 HOH HOH A . 
I 5 HOH 98  1498 1479 HOH HOH A . 
I 5 HOH 99  1499 1466 HOH HOH A . 
I 5 HOH 100 1500 1468 HOH HOH A . 
I 5 HOH 101 1501 31   HOH HOH A . 
I 5 HOH 102 1502 1480 HOH HOH A . 
I 5 HOH 103 1503 1475 HOH HOH A . 
I 5 HOH 104 1504 1482 HOH HOH A . 
I 5 HOH 105 1505 51   HOH HOH A . 
I 5 HOH 106 1506 12   HOH HOH A . 
I 5 HOH 107 1507 9    HOH HOH A . 
I 5 HOH 108 1508 18   HOH HOH A . 
I 5 HOH 109 1509 1463 HOH HOH A . 
I 5 HOH 110 1510 1481 HOH HOH A . 
I 5 HOH 111 1511 33   HOH HOH A . 
I 5 HOH 112 1512 47   HOH HOH A . 
# 
_pdbx_struct_assembly.id                   1 
_pdbx_struct_assembly.details              author_and_software_defined_assembly 
_pdbx_struct_assembly.method_details       PISA 
_pdbx_struct_assembly.oligomeric_details   monomeric 
_pdbx_struct_assembly.oligomeric_count     1 
# 
_pdbx_struct_assembly_gen.assembly_id       1 
_pdbx_struct_assembly_gen.oper_expression   1 
_pdbx_struct_assembly_gen.asym_id_list      A,B,C,D,E,F,G,H,I 
# 
loop_
_pdbx_struct_assembly_prop.biol_id 
_pdbx_struct_assembly_prop.type 
_pdbx_struct_assembly_prop.value 
_pdbx_struct_assembly_prop.details 
1 'ABSA (A^2)' 0    ? 
1 MORE         0    ? 
1 'SSA (A^2)'  5770 ? 
# 
_pdbx_struct_oper_list.id                   1 
_pdbx_struct_oper_list.type                 'identity operation' 
_pdbx_struct_oper_list.name                 1_555 
_pdbx_struct_oper_list.symmetry_operation   x,y,z 
_pdbx_struct_oper_list.matrix[1][1]         1.0000000000 
_pdbx_struct_oper_list.matrix[1][2]         0.0000000000 
_pdbx_struct_oper_list.matrix[1][3]         0.0000000000 
_pdbx_struct_oper_list.vector[1]            0.0000000000 
_pdbx_struct_oper_list.matrix[2][1]         0.0000000000 
_pdbx_struct_oper_list.matrix[2][2]         1.0000000000 
_pdbx_struct_oper_list.matrix[2][3]         0.0000000000 
_pdbx_struct_oper_list.vector[2]            0.0000000000 
_pdbx_struct_oper_list.matrix[3][1]         0.0000000000 
_pdbx_struct_oper_list.matrix[3][2]         0.0000000000 
_pdbx_struct_oper_list.matrix[3][3]         1.0000000000 
_pdbx_struct_oper_list.vector[3]            0.0000000000 
# 
loop_
_pdbx_struct_conn_angle.id 
_pdbx_struct_conn_angle.ptnr1_label_atom_id 
_pdbx_struct_conn_angle.ptnr1_label_alt_id 
_pdbx_struct_conn_angle.ptnr1_label_asym_id 
_pdbx_struct_conn_angle.ptnr1_label_comp_id 
_pdbx_struct_conn_angle.ptnr1_label_seq_id 
_pdbx_struct_conn_angle.ptnr1_auth_atom_id 
_pdbx_struct_conn_angle.ptnr1_auth_asym_id 
_pdbx_struct_conn_angle.ptnr1_auth_comp_id 
_pdbx_struct_conn_angle.ptnr1_auth_seq_id 
_pdbx_struct_conn_angle.ptnr1_PDB_ins_code 
_pdbx_struct_conn_angle.ptnr1_symmetry 
_pdbx_struct_conn_angle.ptnr2_label_atom_id 
_pdbx_struct_conn_angle.ptnr2_label_alt_id 
_pdbx_struct_conn_angle.ptnr2_label_asym_id 
_pdbx_struct_conn_angle.ptnr2_label_comp_id 
_pdbx_struct_conn_angle.ptnr2_label_seq_id 
_pdbx_struct_conn_angle.ptnr2_auth_atom_id 
_pdbx_struct_conn_angle.ptnr2_auth_asym_id 
_pdbx_struct_conn_angle.ptnr2_auth_comp_id 
_pdbx_struct_conn_angle.ptnr2_auth_seq_id 
_pdbx_struct_conn_angle.ptnr2_PDB_ins_code 
_pdbx_struct_conn_angle.ptnr2_symmetry 
_pdbx_struct_conn_angle.ptnr3_label_atom_id 
_pdbx_struct_conn_angle.ptnr3_label_alt_id 
_pdbx_struct_conn_angle.ptnr3_label_asym_id 
_pdbx_struct_conn_angle.ptnr3_label_comp_id 
_pdbx_struct_conn_angle.ptnr3_label_seq_id 
_pdbx_struct_conn_angle.ptnr3_auth_atom_id 
_pdbx_struct_conn_angle.ptnr3_auth_asym_id 
_pdbx_struct_conn_angle.ptnr3_auth_comp_id 
_pdbx_struct_conn_angle.ptnr3_auth_seq_id 
_pdbx_struct_conn_angle.ptnr3_PDB_ins_code 
_pdbx_struct_conn_angle.ptnr3_symmetry 
_pdbx_struct_conn_angle.value 
_pdbx_struct_conn_angle.value_esd 
1  SG  ? A CYS 7  ? A CYS 1113 ? 1_555 ZN ? D ZN . ? A ZN 1303 ? 1_555 ND1 ? A HIS 9  ? A HIS 1115 ? 1_555 110.4 ? 
2  SG  ? A CYS 7  ? A CYS 1113 ? 1_555 ZN ? D ZN . ? A ZN 1303 ? 1_555 SG  ? A CYS 77 ? A CYS 1183 ? 1_555 116.1 ? 
3  ND1 ? A HIS 9  ? A HIS 1115 ? 1_555 ZN ? D ZN . ? A ZN 1303 ? 1_555 SG  ? A CYS 77 ? A CYS 1183 ? 1_555 95.9  ? 
4  SG  ? A CYS 7  ? A CYS 1113 ? 1_555 ZN ? D ZN . ? A ZN 1303 ? 1_555 SG  ? A CYS 80 ? A CYS 1186 ? 1_555 114.2 ? 
5  ND1 ? A HIS 9  ? A HIS 1115 ? 1_555 ZN ? D ZN . ? A ZN 1303 ? 1_555 SG  ? A CYS 80 ? A CYS 1186 ? 1_555 105.6 ? 
6  SG  ? A CYS 77 ? A CYS 1183 ? 1_555 ZN ? D ZN . ? A ZN 1303 ? 1_555 SG  ? A CYS 80 ? A CYS 1186 ? 1_555 112.5 ? 
7  SG  ? A CYS 27 ? A CYS 1133 ? 1_555 ZN ? C ZN . ? A ZN 1302 ? 1_555 SG  ? A CYS 30 ? A CYS 1136 ? 1_555 110.2 ? 
8  SG  ? A CYS 27 ? A CYS 1133 ? 1_555 ZN ? C ZN . ? A ZN 1302 ? 1_555 SG  ? A CYS 47 ? A CYS 1153 ? 1_555 113.7 ? 
9  SG  ? A CYS 30 ? A CYS 1136 ? 1_555 ZN ? C ZN . ? A ZN 1302 ? 1_555 SG  ? A CYS 47 ? A CYS 1153 ? 1_555 114.0 ? 
10 SG  ? A CYS 27 ? A CYS 1133 ? 1_555 ZN ? C ZN . ? A ZN 1302 ? 1_555 ND1 ? A HIS 54 ? A HIS 1160 ? 1_555 104.9 ? 
11 SG  ? A CYS 30 ? A CYS 1136 ? 1_555 ZN ? C ZN . ? A ZN 1302 ? 1_555 ND1 ? A HIS 54 ? A HIS 1160 ? 1_555 111.4 ? 
12 SG  ? A CYS 47 ? A CYS 1153 ? 1_555 ZN ? C ZN . ? A ZN 1302 ? 1_555 ND1 ? A HIS 54 ? A HIS 1160 ? 1_555 102.0 ? 
13 SG  ? A CYS 39 ? A CYS 1145 ? 1_555 ZN ? B ZN . ? A ZN 1301 ? 1_555 SG  ? A CYS 42 ? A CYS 1148 ? 1_555 115.9 ? 
14 SG  ? A CYS 39 ? A CYS 1145 ? 1_555 ZN ? B ZN . ? A ZN 1301 ? 1_555 NE2 ? A HIS 58 ? A HIS 1164 ? 1_555 113.0 ? 
15 SG  ? A CYS 42 ? A CYS 1148 ? 1_555 ZN ? B ZN . ? A ZN 1301 ? 1_555 NE2 ? A HIS 58 ? A HIS 1164 ? 1_555 100.9 ? 
16 SG  ? A CYS 39 ? A CYS 1145 ? 1_555 ZN ? B ZN . ? A ZN 1301 ? 1_555 ND1 ? A HIS 64 ? A HIS 1170 ? 1_555 107.1 ? 
17 SG  ? A CYS 42 ? A CYS 1148 ? 1_555 ZN ? B ZN . ? A ZN 1301 ? 1_555 ND1 ? A HIS 64 ? A HIS 1170 ? 1_555 112.5 ? 
18 NE2 ? A HIS 58 ? A HIS 1164 ? 1_555 ZN ? B ZN . ? A ZN 1301 ? 1_555 ND1 ? A HIS 64 ? A HIS 1170 ? 1_555 107.1 ? 
# 
loop_
_pdbx_audit_revision_history.ordinal 
_pdbx_audit_revision_history.data_content_type 
_pdbx_audit_revision_history.major_revision 
_pdbx_audit_revision_history.minor_revision 
_pdbx_audit_revision_history.revision_date 
1 'Structure model' 1 0 2018-02-28 
2 'Structure model' 1 1 2018-05-16 
3 'Structure model' 1 2 2018-05-30 
4 'Structure model' 1 3 2023-10-04 
# 
_pdbx_audit_revision_details.ordinal             1 
_pdbx_audit_revision_details.revision_ordinal    1 
_pdbx_audit_revision_details.data_content_type   'Structure model' 
_pdbx_audit_revision_details.provider            repository 
_pdbx_audit_revision_details.type                'Initial release' 
_pdbx_audit_revision_details.description         ? 
_pdbx_audit_revision_details.details             ? 
# 
loop_
_pdbx_audit_revision_group.ordinal 
_pdbx_audit_revision_group.revision_ordinal 
_pdbx_audit_revision_group.data_content_type 
_pdbx_audit_revision_group.group 
1 2 'Structure model' 'Data collection'        
2 2 'Structure model' 'Database references'    
3 3 'Structure model' 'Data collection'        
4 3 'Structure model' 'Database references'    
5 4 'Structure model' 'Data collection'        
6 4 'Structure model' 'Database references'    
7 4 'Structure model' 'Refinement description' 
# 
loop_
_pdbx_audit_revision_category.ordinal 
_pdbx_audit_revision_category.revision_ordinal 
_pdbx_audit_revision_category.data_content_type 
_pdbx_audit_revision_category.category 
1 2 'Structure model' citation                      
2 2 'Structure model' citation_author               
3 3 'Structure model' citation                      
4 4 'Structure model' chem_comp_atom                
5 4 'Structure model' chem_comp_bond                
6 4 'Structure model' database_2                    
7 4 'Structure model' pdbx_initial_refinement_model 
# 
loop_
_pdbx_audit_revision_item.ordinal 
_pdbx_audit_revision_item.revision_ordinal 
_pdbx_audit_revision_item.data_content_type 
_pdbx_audit_revision_item.item 
1  2 'Structure model' '_citation.country'                   
2  2 'Structure model' '_citation.journal_abbrev'            
3  2 'Structure model' '_citation.journal_id_ASTM'           
4  2 'Structure model' '_citation.journal_id_CSD'            
5  2 'Structure model' '_citation.journal_id_ISSN'           
6  2 'Structure model' '_citation.pdbx_database_id_DOI'      
7  2 'Structure model' '_citation.pdbx_database_id_PubMed'   
8  2 'Structure model' '_citation.title'                     
9  2 'Structure model' '_citation.year'                      
10 2 'Structure model' '_citation_author.name'               
11 3 'Structure model' '_citation.journal_volume'            
12 3 'Structure model' '_citation.page_first'                
13 3 'Structure model' '_citation.page_last'                 
14 4 'Structure model' '_database_2.pdbx_DOI'                
15 4 'Structure model' '_database_2.pdbx_database_accession' 
# 
loop_
_software.citation_id 
_software.classification 
_software.compiler_name 
_software.compiler_version 
_software.contact_author 
_software.contact_author_email 
_software.date 
_software.description 
_software.dependencies 
_software.hardware 
_software.language 
_software.location 
_software.mods 
_software.name 
_software.os 
_software.os_version 
_software.type 
_software.version 
_software.pdbx_ordinal 
? refinement        ? ? ? ? ? ? ? ? ? ? ? REFMAC      ? ? ? 5.8.0189 1 
? 'data scaling'    ? ? ? ? ? ? ? ? ? ? ? Aimless     ? ? ? 0.5.32   2 
? 'data extraction' ? ? ? ? ? ? ? ? ? ? ? PDB_EXTRACT ? ? ? 3.24     3 
? 'data reduction'  ? ? ? ? ? ? ? ? ? ? ? xia2        ? ? ? .        4 
# 
_pdbx_validate_torsion.id              1 
_pdbx_validate_torsion.PDB_model_num   1 
_pdbx_validate_torsion.auth_comp_id    ILE 
_pdbx_validate_torsion.auth_asym_id    A 
_pdbx_validate_torsion.auth_seq_id     1157 
_pdbx_validate_torsion.PDB_ins_code    ? 
_pdbx_validate_torsion.label_alt_id    ? 
_pdbx_validate_torsion.phi             -99.06 
_pdbx_validate_torsion.psi             -100.45 
# 
loop_
_pdbx_unobs_or_zero_occ_atoms.id 
_pdbx_unobs_or_zero_occ_atoms.PDB_model_num 
_pdbx_unobs_or_zero_occ_atoms.polymer_flag 
_pdbx_unobs_or_zero_occ_atoms.occupancy_flag 
_pdbx_unobs_or_zero_occ_atoms.auth_asym_id 
_pdbx_unobs_or_zero_occ_atoms.auth_comp_id 
_pdbx_unobs_or_zero_occ_atoms.auth_seq_id 
_pdbx_unobs_or_zero_occ_atoms.PDB_ins_code 
_pdbx_unobs_or_zero_occ_atoms.auth_atom_id 
_pdbx_unobs_or_zero_occ_atoms.label_alt_id 
_pdbx_unobs_or_zero_occ_atoms.label_asym_id 
_pdbx_unobs_or_zero_occ_atoms.label_comp_id 
_pdbx_unobs_or_zero_occ_atoms.label_seq_id 
_pdbx_unobs_or_zero_occ_atoms.label_atom_id 
1 1 Y 1 A LEU 1196 ? CG  ? A LEU 90 CG  
2 1 Y 1 A LEU 1196 ? CD1 ? A LEU 90 CD1 
3 1 Y 1 A LEU 1196 ? CD2 ? A LEU 90 CD2 
# 
loop_
_pdbx_unobs_or_zero_occ_residues.id 
_pdbx_unobs_or_zero_occ_residues.PDB_model_num 
_pdbx_unobs_or_zero_occ_residues.polymer_flag 
_pdbx_unobs_or_zero_occ_residues.occupancy_flag 
_pdbx_unobs_or_zero_occ_residues.auth_asym_id 
_pdbx_unobs_or_zero_occ_residues.auth_comp_id 
_pdbx_unobs_or_zero_occ_residues.auth_seq_id 
_pdbx_unobs_or_zero_occ_residues.PDB_ins_code 
_pdbx_unobs_or_zero_occ_residues.label_asym_id 
_pdbx_unobs_or_zero_occ_residues.label_comp_id 
_pdbx_unobs_or_zero_occ_residues.label_seq_id 
1 1 Y 1 A GLY 1107 ? A GLY 1   
2 1 Y 1 A GLU 1209 ? A GLU 103 
3 1 Y 1 A ASP 1210 ? A ASP 104 
4 1 Y 1 A MET 1211 ? A MET 105 
5 1 Y 1 A PRO 1212 ? A PRO 106 
6 1 Y 1 A HIS 1213 ? A HIS 107 
# 
loop_
_chem_comp_atom.comp_id 
_chem_comp_atom.atom_id 
_chem_comp_atom.type_symbol 
_chem_comp_atom.pdbx_aromatic_flag 
_chem_comp_atom.pdbx_stereo_config 
_chem_comp_atom.pdbx_ordinal 
ALA N    N  N N 1   
ALA CA   C  N S 2   
ALA C    C  N N 3   
ALA O    O  N N 4   
ALA CB   C  N N 5   
ALA OXT  O  N N 6   
ALA H    H  N N 7   
ALA H2   H  N N 8   
ALA HA   H  N N 9   
ALA HB1  H  N N 10  
ALA HB2  H  N N 11  
ALA HB3  H  N N 12  
ALA HXT  H  N N 13  
ARG N    N  N N 14  
ARG CA   C  N S 15  
ARG C    C  N N 16  
ARG O    O  N N 17  
ARG CB   C  N N 18  
ARG CG   C  N N 19  
ARG CD   C  N N 20  
ARG NE   N  N N 21  
ARG CZ   C  N N 22  
ARG NH1  N  N N 23  
ARG NH2  N  N N 24  
ARG OXT  O  N N 25  
ARG H    H  N N 26  
ARG H2   H  N N 27  
ARG HA   H  N N 28  
ARG HB2  H  N N 29  
ARG HB3  H  N N 30  
ARG HG2  H  N N 31  
ARG HG3  H  N N 32  
ARG HD2  H  N N 33  
ARG HD3  H  N N 34  
ARG HE   H  N N 35  
ARG HH11 H  N N 36  
ARG HH12 H  N N 37  
ARG HH21 H  N N 38  
ARG HH22 H  N N 39  
ARG HXT  H  N N 40  
ASN N    N  N N 41  
ASN CA   C  N S 42  
ASN C    C  N N 43  
ASN O    O  N N 44  
ASN CB   C  N N 45  
ASN CG   C  N N 46  
ASN OD1  O  N N 47  
ASN ND2  N  N N 48  
ASN OXT  O  N N 49  
ASN H    H  N N 50  
ASN H2   H  N N 51  
ASN HA   H  N N 52  
ASN HB2  H  N N 53  
ASN HB3  H  N N 54  
ASN HD21 H  N N 55  
ASN HD22 H  N N 56  
ASN HXT  H  N N 57  
ASP N    N  N N 58  
ASP CA   C  N S 59  
ASP C    C  N N 60  
ASP O    O  N N 61  
ASP CB   C  N N 62  
ASP CG   C  N N 63  
ASP OD1  O  N N 64  
ASP OD2  O  N N 65  
ASP OXT  O  N N 66  
ASP H    H  N N 67  
ASP H2   H  N N 68  
ASP HA   H  N N 69  
ASP HB2  H  N N 70  
ASP HB3  H  N N 71  
ASP HD2  H  N N 72  
ASP HXT  H  N N 73  
CYS N    N  N N 74  
CYS CA   C  N R 75  
CYS C    C  N N 76  
CYS O    O  N N 77  
CYS CB   C  N N 78  
CYS SG   S  N N 79  
CYS OXT  O  N N 80  
CYS H    H  N N 81  
CYS H2   H  N N 82  
CYS HA   H  N N 83  
CYS HB2  H  N N 84  
CYS HB3  H  N N 85  
CYS HG   H  N N 86  
CYS HXT  H  N N 87  
EYP O1   O  N N 88  
EYP C1   C  N N 89  
EYP C2   C  N N 90  
EYP C3   C  Y N 91  
EYP C4   C  Y N 92  
EYP C5   C  Y N 93  
EYP C6   C  Y N 94  
EYP C7   C  Y N 95  
EYP C8   C  N N 96  
EYP C9   C  N N 97  
EYP C10  C  N N 98  
EYP O2   O  N N 99  
EYP O3   O  N N 100 
EYP N1   N  Y N 101 
EYP S    S  Y N 102 
EYP C11  C  Y N 103 
EYP C12  C  Y N 104 
EYP C13  C  Y N 105 
EYP N    N  Y N 106 
EYP S1   S  Y N 107 
EYP C    C  N N 108 
EYP O    O  N N 109 
EYP H1   H  N N 110 
EYP H2   H  N N 111 
EYP H3   H  N N 112 
EYP H4   H  N N 113 
EYP H5   H  N N 114 
EYP H6   H  N N 115 
EYP H7   H  N N 116 
EYP H8   H  N N 117 
EYP H9   H  N N 118 
EYP H10  H  N N 119 
EYP H11  H  N N 120 
EYP H12  H  N N 121 
GLN N    N  N N 122 
GLN CA   C  N S 123 
GLN C    C  N N 124 
GLN O    O  N N 125 
GLN CB   C  N N 126 
GLN CG   C  N N 127 
GLN CD   C  N N 128 
GLN OE1  O  N N 129 
GLN NE2  N  N N 130 
GLN OXT  O  N N 131 
GLN H    H  N N 132 
GLN H2   H  N N 133 
GLN HA   H  N N 134 
GLN HB2  H  N N 135 
GLN HB3  H  N N 136 
GLN HG2  H  N N 137 
GLN HG3  H  N N 138 
GLN HE21 H  N N 139 
GLN HE22 H  N N 140 
GLN HXT  H  N N 141 
GLU N    N  N N 142 
GLU CA   C  N S 143 
GLU C    C  N N 144 
GLU O    O  N N 145 
GLU CB   C  N N 146 
GLU CG   C  N N 147 
GLU CD   C  N N 148 
GLU OE1  O  N N 149 
GLU OE2  O  N N 150 
GLU OXT  O  N N 151 
GLU H    H  N N 152 
GLU H2   H  N N 153 
GLU HA   H  N N 154 
GLU HB2  H  N N 155 
GLU HB3  H  N N 156 
GLU HG2  H  N N 157 
GLU HG3  H  N N 158 
GLU HE2  H  N N 159 
GLU HXT  H  N N 160 
GLY N    N  N N 161 
GLY CA   C  N N 162 
GLY C    C  N N 163 
GLY O    O  N N 164 
GLY OXT  O  N N 165 
GLY H    H  N N 166 
GLY H2   H  N N 167 
GLY HA2  H  N N 168 
GLY HA3  H  N N 169 
GLY HXT  H  N N 170 
HIS N    N  N N 171 
HIS CA   C  N S 172 
HIS C    C  N N 173 
HIS O    O  N N 174 
HIS CB   C  N N 175 
HIS CG   C  Y N 176 
HIS ND1  N  Y N 177 
HIS CD2  C  Y N 178 
HIS CE1  C  Y N 179 
HIS NE2  N  Y N 180 
HIS OXT  O  N N 181 
HIS H    H  N N 182 
HIS H2   H  N N 183 
HIS HA   H  N N 184 
HIS HB2  H  N N 185 
HIS HB3  H  N N 186 
HIS HD1  H  N N 187 
HIS HD2  H  N N 188 
HIS HE1  H  N N 189 
HIS HE2  H  N N 190 
HIS HXT  H  N N 191 
HOH O    O  N N 192 
HOH H1   H  N N 193 
HOH H2   H  N N 194 
ILE N    N  N N 195 
ILE CA   C  N S 196 
ILE C    C  N N 197 
ILE O    O  N N 198 
ILE CB   C  N S 199 
ILE CG1  C  N N 200 
ILE CG2  C  N N 201 
ILE CD1  C  N N 202 
ILE OXT  O  N N 203 
ILE H    H  N N 204 
ILE H2   H  N N 205 
ILE HA   H  N N 206 
ILE HB   H  N N 207 
ILE HG12 H  N N 208 
ILE HG13 H  N N 209 
ILE HG21 H  N N 210 
ILE HG22 H  N N 211 
ILE HG23 H  N N 212 
ILE HD11 H  N N 213 
ILE HD12 H  N N 214 
ILE HD13 H  N N 215 
ILE HXT  H  N N 216 
LEU N    N  N N 217 
LEU CA   C  N S 218 
LEU C    C  N N 219 
LEU O    O  N N 220 
LEU CB   C  N N 221 
LEU CG   C  N N 222 
LEU CD1  C  N N 223 
LEU CD2  C  N N 224 
LEU OXT  O  N N 225 
LEU H    H  N N 226 
LEU H2   H  N N 227 
LEU HA   H  N N 228 
LEU HB2  H  N N 229 
LEU HB3  H  N N 230 
LEU HG   H  N N 231 
LEU HD11 H  N N 232 
LEU HD12 H  N N 233 
LEU HD13 H  N N 234 
LEU HD21 H  N N 235 
LEU HD22 H  N N 236 
LEU HD23 H  N N 237 
LEU HXT  H  N N 238 
LYS N    N  N N 239 
LYS CA   C  N S 240 
LYS C    C  N N 241 
LYS O    O  N N 242 
LYS CB   C  N N 243 
LYS CG   C  N N 244 
LYS CD   C  N N 245 
LYS CE   C  N N 246 
LYS NZ   N  N N 247 
LYS OXT  O  N N 248 
LYS H    H  N N 249 
LYS H2   H  N N 250 
LYS HA   H  N N 251 
LYS HB2  H  N N 252 
LYS HB3  H  N N 253 
LYS HG2  H  N N 254 
LYS HG3  H  N N 255 
LYS HD2  H  N N 256 
LYS HD3  H  N N 257 
LYS HE2  H  N N 258 
LYS HE3  H  N N 259 
LYS HZ1  H  N N 260 
LYS HZ2  H  N N 261 
LYS HZ3  H  N N 262 
LYS HXT  H  N N 263 
MET N    N  N N 264 
MET CA   C  N S 265 
MET C    C  N N 266 
MET O    O  N N 267 
MET CB   C  N N 268 
MET CG   C  N N 269 
MET SD   S  N N 270 
MET CE   C  N N 271 
MET OXT  O  N N 272 
MET H    H  N N 273 
MET H2   H  N N 274 
MET HA   H  N N 275 
MET HB2  H  N N 276 
MET HB3  H  N N 277 
MET HG2  H  N N 278 
MET HG3  H  N N 279 
MET HE1  H  N N 280 
MET HE2  H  N N 281 
MET HE3  H  N N 282 
MET HXT  H  N N 283 
PHE N    N  N N 284 
PHE CA   C  N S 285 
PHE C    C  N N 286 
PHE O    O  N N 287 
PHE CB   C  N N 288 
PHE CG   C  Y N 289 
PHE CD1  C  Y N 290 
PHE CD2  C  Y N 291 
PHE CE1  C  Y N 292 
PHE CE2  C  Y N 293 
PHE CZ   C  Y N 294 
PHE OXT  O  N N 295 
PHE H    H  N N 296 
PHE H2   H  N N 297 
PHE HA   H  N N 298 
PHE HB2  H  N N 299 
PHE HB3  H  N N 300 
PHE HD1  H  N N 301 
PHE HD2  H  N N 302 
PHE HE1  H  N N 303 
PHE HE2  H  N N 304 
PHE HZ   H  N N 305 
PHE HXT  H  N N 306 
PRO N    N  N N 307 
PRO CA   C  N S 308 
PRO C    C  N N 309 
PRO O    O  N N 310 
PRO CB   C  N N 311 
PRO CG   C  N N 312 
PRO CD   C  N N 313 
PRO OXT  O  N N 314 
PRO H    H  N N 315 
PRO HA   H  N N 316 
PRO HB2  H  N N 317 
PRO HB3  H  N N 318 
PRO HG2  H  N N 319 
PRO HG3  H  N N 320 
PRO HD2  H  N N 321 
PRO HD3  H  N N 322 
PRO HXT  H  N N 323 
SER N    N  N N 324 
SER CA   C  N S 325 
SER C    C  N N 326 
SER O    O  N N 327 
SER CB   C  N N 328 
SER OG   O  N N 329 
SER OXT  O  N N 330 
SER H    H  N N 331 
SER H2   H  N N 332 
SER HA   H  N N 333 
SER HB2  H  N N 334 
SER HB3  H  N N 335 
SER HG   H  N N 336 
SER HXT  H  N N 337 
THR N    N  N N 338 
THR CA   C  N S 339 
THR C    C  N N 340 
THR O    O  N N 341 
THR CB   C  N R 342 
THR OG1  O  N N 343 
THR CG2  C  N N 344 
THR OXT  O  N N 345 
THR H    H  N N 346 
THR H2   H  N N 347 
THR HA   H  N N 348 
THR HB   H  N N 349 
THR HG1  H  N N 350 
THR HG21 H  N N 351 
THR HG22 H  N N 352 
THR HG23 H  N N 353 
THR HXT  H  N N 354 
TRP N    N  N N 355 
TRP CA   C  N S 356 
TRP C    C  N N 357 
TRP O    O  N N 358 
TRP CB   C  N N 359 
TRP CG   C  Y N 360 
TRP CD1  C  Y N 361 
TRP CD2  C  Y N 362 
TRP NE1  N  Y N 363 
TRP CE2  C  Y N 364 
TRP CE3  C  Y N 365 
TRP CZ2  C  Y N 366 
TRP CZ3  C  Y N 367 
TRP CH2  C  Y N 368 
TRP OXT  O  N N 369 
TRP H    H  N N 370 
TRP H2   H  N N 371 
TRP HA   H  N N 372 
TRP HB2  H  N N 373 
TRP HB3  H  N N 374 
TRP HD1  H  N N 375 
TRP HE1  H  N N 376 
TRP HE3  H  N N 377 
TRP HZ2  H  N N 378 
TRP HZ3  H  N N 379 
TRP HH2  H  N N 380 
TRP HXT  H  N N 381 
TYR N    N  N N 382 
TYR CA   C  N S 383 
TYR C    C  N N 384 
TYR O    O  N N 385 
TYR CB   C  N N 386 
TYR CG   C  Y N 387 
TYR CD1  C  Y N 388 
TYR CD2  C  Y N 389 
TYR CE1  C  Y N 390 
TYR CE2  C  Y N 391 
TYR CZ   C  Y N 392 
TYR OH   O  N N 393 
TYR OXT  O  N N 394 
TYR H    H  N N 395 
TYR H2   H  N N 396 
TYR HA   H  N N 397 
TYR HB2  H  N N 398 
TYR HB3  H  N N 399 
TYR HD1  H  N N 400 
TYR HD2  H  N N 401 
TYR HE1  H  N N 402 
TYR HE2  H  N N 403 
TYR HH   H  N N 404 
TYR HXT  H  N N 405 
VAL N    N  N N 406 
VAL CA   C  N S 407 
VAL C    C  N N 408 
VAL O    O  N N 409 
VAL CB   C  N N 410 
VAL CG1  C  N N 411 
VAL CG2  C  N N 412 
VAL OXT  O  N N 413 
VAL H    H  N N 414 
VAL H2   H  N N 415 
VAL HA   H  N N 416 
VAL HB   H  N N 417 
VAL HG11 H  N N 418 
VAL HG12 H  N N 419 
VAL HG13 H  N N 420 
VAL HG21 H  N N 421 
VAL HG22 H  N N 422 
VAL HG23 H  N N 423 
VAL HXT  H  N N 424 
ZN  ZN   ZN N N 425 
# 
loop_
_chem_comp_bond.comp_id 
_chem_comp_bond.atom_id_1 
_chem_comp_bond.atom_id_2 
_chem_comp_bond.value_order 
_chem_comp_bond.pdbx_aromatic_flag 
_chem_comp_bond.pdbx_stereo_config 
_chem_comp_bond.pdbx_ordinal 
ALA N   CA   sing N N 1   
ALA N   H    sing N N 2   
ALA N   H2   sing N N 3   
ALA CA  C    sing N N 4   
ALA CA  CB   sing N N 5   
ALA CA  HA   sing N N 6   
ALA C   O    doub N N 7   
ALA C   OXT  sing N N 8   
ALA CB  HB1  sing N N 9   
ALA CB  HB2  sing N N 10  
ALA CB  HB3  sing N N 11  
ALA OXT HXT  sing N N 12  
ARG N   CA   sing N N 13  
ARG N   H    sing N N 14  
ARG N   H2   sing N N 15  
ARG CA  C    sing N N 16  
ARG CA  CB   sing N N 17  
ARG CA  HA   sing N N 18  
ARG C   O    doub N N 19  
ARG C   OXT  sing N N 20  
ARG CB  CG   sing N N 21  
ARG CB  HB2  sing N N 22  
ARG CB  HB3  sing N N 23  
ARG CG  CD   sing N N 24  
ARG CG  HG2  sing N N 25  
ARG CG  HG3  sing N N 26  
ARG CD  NE   sing N N 27  
ARG CD  HD2  sing N N 28  
ARG CD  HD3  sing N N 29  
ARG NE  CZ   sing N N 30  
ARG NE  HE   sing N N 31  
ARG CZ  NH1  sing N N 32  
ARG CZ  NH2  doub N N 33  
ARG NH1 HH11 sing N N 34  
ARG NH1 HH12 sing N N 35  
ARG NH2 HH21 sing N N 36  
ARG NH2 HH22 sing N N 37  
ARG OXT HXT  sing N N 38  
ASN N   CA   sing N N 39  
ASN N   H    sing N N 40  
ASN N   H2   sing N N 41  
ASN CA  C    sing N N 42  
ASN CA  CB   sing N N 43  
ASN CA  HA   sing N N 44  
ASN C   O    doub N N 45  
ASN C   OXT  sing N N 46  
ASN CB  CG   sing N N 47  
ASN CB  HB2  sing N N 48  
ASN CB  HB3  sing N N 49  
ASN CG  OD1  doub N N 50  
ASN CG  ND2  sing N N 51  
ASN ND2 HD21 sing N N 52  
ASN ND2 HD22 sing N N 53  
ASN OXT HXT  sing N N 54  
ASP N   CA   sing N N 55  
ASP N   H    sing N N 56  
ASP N   H2   sing N N 57  
ASP CA  C    sing N N 58  
ASP CA  CB   sing N N 59  
ASP CA  HA   sing N N 60  
ASP C   O    doub N N 61  
ASP C   OXT  sing N N 62  
ASP CB  CG   sing N N 63  
ASP CB  HB2  sing N N 64  
ASP CB  HB3  sing N N 65  
ASP CG  OD1  doub N N 66  
ASP CG  OD2  sing N N 67  
ASP OD2 HD2  sing N N 68  
ASP OXT HXT  sing N N 69  
CYS N   CA   sing N N 70  
CYS N   H    sing N N 71  
CYS N   H2   sing N N 72  
CYS CA  C    sing N N 73  
CYS CA  CB   sing N N 74  
CYS CA  HA   sing N N 75  
CYS C   O    doub N N 76  
CYS C   OXT  sing N N 77  
CYS CB  SG   sing N N 78  
CYS CB  HB2  sing N N 79  
CYS CB  HB3  sing N N 80  
CYS SG  HG   sing N N 81  
CYS OXT HXT  sing N N 82  
EYP C2  C1   sing N N 83  
EYP C2  C3   sing N N 84  
EYP O   C    doub N N 85  
EYP C1  C    sing N N 86  
EYP N   C3   doub Y N 87  
EYP N   C4   sing Y N 88  
EYP C3  S1   sing Y N 89  
EYP C5  C4   doub Y N 90  
EYP C5  C6   sing Y N 91  
EYP C   O1   sing N N 92  
EYP C4  C13  sing Y N 93  
EYP N1  C6   sing Y N 94  
EYP N1  C7   doub Y N 95  
EYP C6  C11  doub Y N 96  
EYP O3  C10  doub N N 97  
EYP C8  C7   sing N N 98  
EYP C8  C9   sing N N 99  
EYP S1  C13  sing Y N 100 
EYP C7  S    sing Y N 101 
EYP C13 C12  doub Y N 102 
EYP C11 C12  sing Y N 103 
EYP C11 S    sing Y N 104 
EYP C10 C9   sing N N 105 
EYP C10 O2   sing N N 106 
EYP O1  H1   sing N N 107 
EYP C1  H2   sing N N 108 
EYP C1  H3   sing N N 109 
EYP C2  H4   sing N N 110 
EYP C2  H5   sing N N 111 
EYP C5  H6   sing N N 112 
EYP C8  H7   sing N N 113 
EYP C8  H8   sing N N 114 
EYP C9  H9   sing N N 115 
EYP C9  H10  sing N N 116 
EYP O2  H11  sing N N 117 
EYP C12 H12  sing N N 118 
GLN N   CA   sing N N 119 
GLN N   H    sing N N 120 
GLN N   H2   sing N N 121 
GLN CA  C    sing N N 122 
GLN CA  CB   sing N N 123 
GLN CA  HA   sing N N 124 
GLN C   O    doub N N 125 
GLN C   OXT  sing N N 126 
GLN CB  CG   sing N N 127 
GLN CB  HB2  sing N N 128 
GLN CB  HB3  sing N N 129 
GLN CG  CD   sing N N 130 
GLN CG  HG2  sing N N 131 
GLN CG  HG3  sing N N 132 
GLN CD  OE1  doub N N 133 
GLN CD  NE2  sing N N 134 
GLN NE2 HE21 sing N N 135 
GLN NE2 HE22 sing N N 136 
GLN OXT HXT  sing N N 137 
GLU N   CA   sing N N 138 
GLU N   H    sing N N 139 
GLU N   H2   sing N N 140 
GLU CA  C    sing N N 141 
GLU CA  CB   sing N N 142 
GLU CA  HA   sing N N 143 
GLU C   O    doub N N 144 
GLU C   OXT  sing N N 145 
GLU CB  CG   sing N N 146 
GLU CB  HB2  sing N N 147 
GLU CB  HB3  sing N N 148 
GLU CG  CD   sing N N 149 
GLU CG  HG2  sing N N 150 
GLU CG  HG3  sing N N 151 
GLU CD  OE1  doub N N 152 
GLU CD  OE2  sing N N 153 
GLU OE2 HE2  sing N N 154 
GLU OXT HXT  sing N N 155 
GLY N   CA   sing N N 156 
GLY N   H    sing N N 157 
GLY N   H2   sing N N 158 
GLY CA  C    sing N N 159 
GLY CA  HA2  sing N N 160 
GLY CA  HA3  sing N N 161 
GLY C   O    doub N N 162 
GLY C   OXT  sing N N 163 
GLY OXT HXT  sing N N 164 
HIS N   CA   sing N N 165 
HIS N   H    sing N N 166 
HIS N   H2   sing N N 167 
HIS CA  C    sing N N 168 
HIS CA  CB   sing N N 169 
HIS CA  HA   sing N N 170 
HIS C   O    doub N N 171 
HIS C   OXT  sing N N 172 
HIS CB  CG   sing N N 173 
HIS CB  HB2  sing N N 174 
HIS CB  HB3  sing N N 175 
HIS CG  ND1  sing Y N 176 
HIS CG  CD2  doub Y N 177 
HIS ND1 CE1  doub Y N 178 
HIS ND1 HD1  sing N N 179 
HIS CD2 NE2  sing Y N 180 
HIS CD2 HD2  sing N N 181 
HIS CE1 NE2  sing Y N 182 
HIS CE1 HE1  sing N N 183 
HIS NE2 HE2  sing N N 184 
HIS OXT HXT  sing N N 185 
HOH O   H1   sing N N 186 
HOH O   H2   sing N N 187 
ILE N   CA   sing N N 188 
ILE N   H    sing N N 189 
ILE N   H2   sing N N 190 
ILE CA  C    sing N N 191 
ILE CA  CB   sing N N 192 
ILE CA  HA   sing N N 193 
ILE C   O    doub N N 194 
ILE C   OXT  sing N N 195 
ILE CB  CG1  sing N N 196 
ILE CB  CG2  sing N N 197 
ILE CB  HB   sing N N 198 
ILE CG1 CD1  sing N N 199 
ILE CG1 HG12 sing N N 200 
ILE CG1 HG13 sing N N 201 
ILE CG2 HG21 sing N N 202 
ILE CG2 HG22 sing N N 203 
ILE CG2 HG23 sing N N 204 
ILE CD1 HD11 sing N N 205 
ILE CD1 HD12 sing N N 206 
ILE CD1 HD13 sing N N 207 
ILE OXT HXT  sing N N 208 
LEU N   CA   sing N N 209 
LEU N   H    sing N N 210 
LEU N   H2   sing N N 211 
LEU CA  C    sing N N 212 
LEU CA  CB   sing N N 213 
LEU CA  HA   sing N N 214 
LEU C   O    doub N N 215 
LEU C   OXT  sing N N 216 
LEU CB  CG   sing N N 217 
LEU CB  HB2  sing N N 218 
LEU CB  HB3  sing N N 219 
LEU CG  CD1  sing N N 220 
LEU CG  CD2  sing N N 221 
LEU CG  HG   sing N N 222 
LEU CD1 HD11 sing N N 223 
LEU CD1 HD12 sing N N 224 
LEU CD1 HD13 sing N N 225 
LEU CD2 HD21 sing N N 226 
LEU CD2 HD22 sing N N 227 
LEU CD2 HD23 sing N N 228 
LEU OXT HXT  sing N N 229 
LYS N   CA   sing N N 230 
LYS N   H    sing N N 231 
LYS N   H2   sing N N 232 
LYS CA  C    sing N N 233 
LYS CA  CB   sing N N 234 
LYS CA  HA   sing N N 235 
LYS C   O    doub N N 236 
LYS C   OXT  sing N N 237 
LYS CB  CG   sing N N 238 
LYS CB  HB2  sing N N 239 
LYS CB  HB3  sing N N 240 
LYS CG  CD   sing N N 241 
LYS CG  HG2  sing N N 242 
LYS CG  HG3  sing N N 243 
LYS CD  CE   sing N N 244 
LYS CD  HD2  sing N N 245 
LYS CD  HD3  sing N N 246 
LYS CE  NZ   sing N N 247 
LYS CE  HE2  sing N N 248 
LYS CE  HE3  sing N N 249 
LYS NZ  HZ1  sing N N 250 
LYS NZ  HZ2  sing N N 251 
LYS NZ  HZ3  sing N N 252 
LYS OXT HXT  sing N N 253 
MET N   CA   sing N N 254 
MET N   H    sing N N 255 
MET N   H2   sing N N 256 
MET CA  C    sing N N 257 
MET CA  CB   sing N N 258 
MET CA  HA   sing N N 259 
MET C   O    doub N N 260 
MET C   OXT  sing N N 261 
MET CB  CG   sing N N 262 
MET CB  HB2  sing N N 263 
MET CB  HB3  sing N N 264 
MET CG  SD   sing N N 265 
MET CG  HG2  sing N N 266 
MET CG  HG3  sing N N 267 
MET SD  CE   sing N N 268 
MET CE  HE1  sing N N 269 
MET CE  HE2  sing N N 270 
MET CE  HE3  sing N N 271 
MET OXT HXT  sing N N 272 
PHE N   CA   sing N N 273 
PHE N   H    sing N N 274 
PHE N   H2   sing N N 275 
PHE CA  C    sing N N 276 
PHE CA  CB   sing N N 277 
PHE CA  HA   sing N N 278 
PHE C   O    doub N N 279 
PHE C   OXT  sing N N 280 
PHE CB  CG   sing N N 281 
PHE CB  HB2  sing N N 282 
PHE CB  HB3  sing N N 283 
PHE CG  CD1  doub Y N 284 
PHE CG  CD2  sing Y N 285 
PHE CD1 CE1  sing Y N 286 
PHE CD1 HD1  sing N N 287 
PHE CD2 CE2  doub Y N 288 
PHE CD2 HD2  sing N N 289 
PHE CE1 CZ   doub Y N 290 
PHE CE1 HE1  sing N N 291 
PHE CE2 CZ   sing Y N 292 
PHE CE2 HE2  sing N N 293 
PHE CZ  HZ   sing N N 294 
PHE OXT HXT  sing N N 295 
PRO N   CA   sing N N 296 
PRO N   CD   sing N N 297 
PRO N   H    sing N N 298 
PRO CA  C    sing N N 299 
PRO CA  CB   sing N N 300 
PRO CA  HA   sing N N 301 
PRO C   O    doub N N 302 
PRO C   OXT  sing N N 303 
PRO CB  CG   sing N N 304 
PRO CB  HB2  sing N N 305 
PRO CB  HB3  sing N N 306 
PRO CG  CD   sing N N 307 
PRO CG  HG2  sing N N 308 
PRO CG  HG3  sing N N 309 
PRO CD  HD2  sing N N 310 
PRO CD  HD3  sing N N 311 
PRO OXT HXT  sing N N 312 
SER N   CA   sing N N 313 
SER N   H    sing N N 314 
SER N   H2   sing N N 315 
SER CA  C    sing N N 316 
SER CA  CB   sing N N 317 
SER CA  HA   sing N N 318 
SER C   O    doub N N 319 
SER C   OXT  sing N N 320 
SER CB  OG   sing N N 321 
SER CB  HB2  sing N N 322 
SER CB  HB3  sing N N 323 
SER OG  HG   sing N N 324 
SER OXT HXT  sing N N 325 
THR N   CA   sing N N 326 
THR N   H    sing N N 327 
THR N   H2   sing N N 328 
THR CA  C    sing N N 329 
THR CA  CB   sing N N 330 
THR CA  HA   sing N N 331 
THR C   O    doub N N 332 
THR C   OXT  sing N N 333 
THR CB  OG1  sing N N 334 
THR CB  CG2  sing N N 335 
THR CB  HB   sing N N 336 
THR OG1 HG1  sing N N 337 
THR CG2 HG21 sing N N 338 
THR CG2 HG22 sing N N 339 
THR CG2 HG23 sing N N 340 
THR OXT HXT  sing N N 341 
TRP N   CA   sing N N 342 
TRP N   H    sing N N 343 
TRP N   H2   sing N N 344 
TRP CA  C    sing N N 345 
TRP CA  CB   sing N N 346 
TRP CA  HA   sing N N 347 
TRP C   O    doub N N 348 
TRP C   OXT  sing N N 349 
TRP CB  CG   sing N N 350 
TRP CB  HB2  sing N N 351 
TRP CB  HB3  sing N N 352 
TRP CG  CD1  doub Y N 353 
TRP CG  CD2  sing Y N 354 
TRP CD1 NE1  sing Y N 355 
TRP CD1 HD1  sing N N 356 
TRP CD2 CE2  doub Y N 357 
TRP CD2 CE3  sing Y N 358 
TRP NE1 CE2  sing Y N 359 
TRP NE1 HE1  sing N N 360 
TRP CE2 CZ2  sing Y N 361 
TRP CE3 CZ3  doub Y N 362 
TRP CE3 HE3  sing N N 363 
TRP CZ2 CH2  doub Y N 364 
TRP CZ2 HZ2  sing N N 365 
TRP CZ3 CH2  sing Y N 366 
TRP CZ3 HZ3  sing N N 367 
TRP CH2 HH2  sing N N 368 
TRP OXT HXT  sing N N 369 
TYR N   CA   sing N N 370 
TYR N   H    sing N N 371 
TYR N   H2   sing N N 372 
TYR CA  C    sing N N 373 
TYR CA  CB   sing N N 374 
TYR CA  HA   sing N N 375 
TYR C   O    doub N N 376 
TYR C   OXT  sing N N 377 
TYR CB  CG   sing N N 378 
TYR CB  HB2  sing N N 379 
TYR CB  HB3  sing N N 380 
TYR CG  CD1  doub Y N 381 
TYR CG  CD2  sing Y N 382 
TYR CD1 CE1  sing Y N 383 
TYR CD1 HD1  sing N N 384 
TYR CD2 CE2  doub Y N 385 
TYR CD2 HD2  sing N N 386 
TYR CE1 CZ   doub Y N 387 
TYR CE1 HE1  sing N N 388 
TYR CE2 CZ   sing Y N 389 
TYR CE2 HE2  sing N N 390 
TYR CZ  OH   sing N N 391 
TYR OH  HH   sing N N 392 
TYR OXT HXT  sing N N 393 
VAL N   CA   sing N N 394 
VAL N   H    sing N N 395 
VAL N   H2   sing N N 396 
VAL CA  C    sing N N 397 
VAL CA  CB   sing N N 398 
VAL CA  HA   sing N N 399 
VAL C   O    doub N N 400 
VAL C   OXT  sing N N 401 
VAL CB  CG1  sing N N 402 
VAL CB  CG2  sing N N 403 
VAL CB  HB   sing N N 404 
VAL CG1 HG11 sing N N 405 
VAL CG1 HG12 sing N N 406 
VAL CG1 HG13 sing N N 407 
VAL CG2 HG21 sing N N 408 
VAL CG2 HG22 sing N N 409 
VAL CG2 HG23 sing N N 410 
VAL OXT HXT  sing N N 411 
# 
loop_
_pdbx_entity_nonpoly.entity_id 
_pdbx_entity_nonpoly.name 
_pdbx_entity_nonpoly.comp_id 
2 'ZINC ION'                                                            ZN  
3 'UNKNOWN ATOM OR ION'                                                 UNX 
4 
;3,3'-(benzo[1,2-d:5,4-d']bis[1,3]thiazole-2,6-diyl)dipropanoic acid
;
EYP 
5 water                                                                 HOH 
# 
_pdbx_initial_refinement_model.id               1 
_pdbx_initial_refinement_model.entity_id_list   ? 
_pdbx_initial_refinement_model.type             'experimental model' 
_pdbx_initial_refinement_model.source_name      PDB 
_pdbx_initial_refinement_model.accession_code   5KH3 
_pdbx_initial_refinement_model.details          'pdbid 5KH3' 
# 
_pdbx_struct_assembly_auth_evidence.id                     1 
_pdbx_struct_assembly_auth_evidence.assembly_id            1 
_pdbx_struct_assembly_auth_evidence.experimental_support   'gel filtration' 
_pdbx_struct_assembly_auth_evidence.details                ? 
# 
